data_3CDX
#
_entry.id   3CDX
#
_cell.length_a   152.475
_cell.length_b   174.426
_cell.length_c   77.406
_cell.angle_alpha   90.000
_cell.angle_beta   90.000
_cell.angle_gamma   90.000
#
_symmetry.space_group_name_H-M   'P 21 21 2'
#
loop_
_entity.id
_entity.type
_entity.pdbx_description
1 polymer Succinylglutamatedesuccinylase/aspartoacylase
2 non-polymer 'CALCIUM ION'
3 water water
#
_entity_poly.entity_id   1
_entity_poly.type   'polypeptide(L)'
_entity_poly.pdbx_seq_one_letter_code
;MSLNSEAKSRIACDIDFDRDGRQAGYARAPLSRNNSGWGTVEIPITVVKNGSGPTVLLTGGVHGDEYEGQIAISDLARRL
RPEEVQGRVIMLPAVNMPAIQSDTRLSPVDGRDINRCFPGDPRGTFSQMLAHFLDSVILPMADISVDMHTAGHSYDSTPS
TNMHYLADPALRARTLAAAEAFGAPHNVVFGGVDEGSTFTSCVERRGIVSLGTELGGWGRVNIEGVRIGKRGILNVLKHM
GVIEGTPETAQRGGAAGTRHMMVREADAYVMAPRTGLFEPTHYVGEEVRTGETAGWIHFVEDVDTAPLELLYRRDGIVWF
GAGPGRVTRGDAVAVVMEDYNDTWPQEGHHHHHH
;
_entity_poly.pdbx_strand_id   A,B,C,D,E,F
#
loop_
_chem_comp.id
_chem_comp.type
_chem_comp.name
_chem_comp.formula
CA non-polymer 'CALCIUM ION' 'Ca 2'
#
# COMPACT_ATOMS: atom_id res chain seq x y z
N SER A 9 -29.29 -9.75 -10.51
CA SER A 9 -28.23 -9.67 -9.41
C SER A 9 -27.51 -10.97 -9.02
N ARG A 10 -26.20 -10.88 -8.89
CA ARG A 10 -25.38 -11.96 -8.32
C ARG A 10 -25.53 -12.00 -6.78
N ILE A 11 -26.01 -10.90 -6.19
CA ILE A 11 -26.26 -10.86 -4.75
C ILE A 11 -27.50 -11.69 -4.44
N ALA A 12 -27.36 -12.72 -3.61
CA ALA A 12 -28.43 -13.67 -3.38
C ALA A 12 -29.17 -13.30 -2.10
N CYS A 13 -30.48 -13.40 -2.11
CA CYS A 13 -31.27 -13.23 -0.91
C CYS A 13 -32.42 -14.21 -0.96
N ASP A 14 -32.65 -14.90 0.15
CA ASP A 14 -33.75 -15.88 0.23
C ASP A 14 -35.01 -15.34 0.92
N ILE A 15 -34.99 -14.09 1.36
CA ILE A 15 -36.15 -13.54 2.05
C ILE A 15 -37.36 -13.42 1.10
N ASP A 16 -38.53 -13.88 1.55
CA ASP A 16 -39.76 -13.72 0.77
C ASP A 16 -40.42 -12.47 1.27
N PHE A 17 -40.22 -11.39 0.53
CA PHE A 17 -40.70 -10.06 0.92
C PHE A 17 -42.24 -9.90 0.90
N ASP A 18 -42.95 -10.87 0.33
CA ASP A 18 -44.42 -10.89 0.30
C ASP A 18 -45.03 -11.71 1.45
N ARG A 19 -44.18 -12.36 2.25
CA ARG A 19 -44.65 -13.20 3.32
C ARG A 19 -44.88 -12.42 4.61
N ASP A 20 -46.06 -12.59 5.21
CA ASP A 20 -46.35 -11.94 6.49
C ASP A 20 -45.50 -12.48 7.63
N GLY A 21 -45.19 -11.60 8.58
CA GLY A 21 -44.37 -11.93 9.71
C GLY A 21 -43.04 -11.18 9.67
N ARG A 22 -42.06 -11.75 10.37
CA ARG A 22 -40.74 -11.15 10.45
C ARG A 22 -39.74 -12.12 9.89
N GLN A 23 -38.88 -11.60 9.00
CA GLN A 23 -37.68 -12.31 8.48
C GLN A 23 -36.46 -11.45 8.71
N ALA A 24 -35.47 -11.98 9.42
CA ALA A 24 -34.20 -11.32 9.70
C ALA A 24 -33.13 -12.21 9.13
N GLY A 25 -32.41 -11.72 8.12
CA GLY A 25 -31.36 -12.51 7.48
C GLY A 25 -30.32 -11.66 6.79
N TYR A 26 -29.72 -12.19 5.73
CA TYR A 26 -28.61 -11.51 5.05
C TYR A 26 -28.79 -11.69 3.59
N ALA A 27 -28.49 -10.66 2.81
CA ALA A 27 -28.21 -10.89 1.40
C ALA A 27 -26.74 -11.27 1.28
N ARG A 28 -26.42 -12.26 0.46
CA ARG A 28 -25.06 -12.76 0.35
C ARG A 28 -24.42 -12.19 -0.90
N ALA A 29 -23.52 -11.24 -0.71
CA ALA A 29 -22.88 -10.58 -1.83
C ALA A 29 -21.56 -11.25 -2.12
N PRO A 30 -21.38 -11.73 -3.38
CA PRO A 30 -20.10 -12.40 -3.73
C PRO A 30 -18.95 -11.42 -3.62
N LEU A 31 -17.82 -11.87 -3.05
CA LEU A 31 -16.64 -11.02 -2.91
C LEU A 31 -15.33 -11.86 -3.00
N SER A 32 -14.78 -11.90 -4.21
CA SER A 32 -13.60 -12.64 -4.58
C SER A 32 -12.31 -12.06 -3.94
N ARG A 33 -11.66 -12.86 -3.08
CA ARG A 33 -10.39 -12.50 -2.45
C ARG A 33 -9.29 -13.47 -2.93
N ASN A 34 -8.03 -13.08 -2.80
CA ASN A 34 -6.94 -13.98 -3.15
C ASN A 34 -6.92 -15.34 -2.42
N ASN A 35 -7.26 -15.37 -1.14
CA ASN A 35 -7.42 -16.66 -0.44
C ASN A 35 -8.86 -17.09 -0.15
N SER A 36 -9.81 -16.45 -0.84
CA SER A 36 -11.20 -16.84 -0.79
C SER A 36 -11.88 -16.43 -2.09
N GLY A 37 -11.70 -17.25 -3.14
CA GLY A 37 -12.17 -16.91 -4.46
C GLY A 37 -13.69 -16.83 -4.53
N TRP A 38 -14.36 -17.65 -3.68
CA TRP A 38 -15.81 -17.81 -3.63
CA TRP A 38 -15.81 -17.72 -3.66
C TRP A 38 -16.34 -17.20 -2.32
N GLY A 39 -15.66 -16.21 -1.78
CA GLY A 39 -16.07 -15.57 -0.53
C GLY A 39 -17.34 -14.75 -0.70
N THR A 40 -17.98 -14.42 0.43
CA THR A 40 -19.22 -13.66 0.42
C THR A 40 -19.20 -12.61 1.55
N VAL A 41 -19.88 -11.49 1.35
CA VAL A 41 -20.13 -10.60 2.47
C VAL A 41 -21.65 -10.64 2.77
N GLU A 42 -22.00 -10.83 4.03
CA GLU A 42 -23.39 -10.87 4.46
C GLU A 42 -23.88 -9.46 4.82
N ILE A 43 -24.95 -9.07 4.15
CA ILE A 43 -25.53 -7.75 4.33
C ILE A 43 -26.85 -7.95 5.09
N PRO A 44 -26.91 -7.51 6.36
CA PRO A 44 -28.16 -7.68 7.13
C PRO A 44 -29.42 -7.01 6.54
N ILE A 45 -30.51 -7.79 6.47
CA ILE A 45 -31.84 -7.32 6.03
C ILE A 45 -32.92 -7.96 6.93
N THR A 46 -33.76 -7.10 7.52
CA THR A 46 -34.90 -7.51 8.34
C THR A 46 -36.14 -6.91 7.68
N VAL A 47 -37.17 -7.76 7.53
CA VAL A 47 -38.46 -7.34 6.96
C VAL A 47 -39.54 -7.78 7.91
N VAL A 48 -40.42 -6.82 8.24
CA VAL A 48 -41.64 -7.08 8.99
C VAL A 48 -42.82 -6.73 8.06
N LYS A 49 -43.71 -7.71 7.85
CA LYS A 49 -44.90 -7.50 7.06
C LYS A 49 -46.14 -7.97 7.86
N ASN A 50 -47.14 -7.11 7.93
CA ASN A 50 -48.41 -7.45 8.56
C ASN A 50 -49.51 -6.57 7.99
N GLY A 51 -50.66 -7.18 7.77
CA GLY A 51 -51.89 -6.46 7.50
C GLY A 51 -51.78 -5.71 6.20
N SER A 52 -52.15 -4.43 6.27
CA SER A 52 -52.32 -3.64 5.07
C SER A 52 -51.73 -2.25 5.22
N GLY A 53 -50.90 -1.85 4.26
CA GLY A 53 -50.29 -0.51 4.29
C GLY A 53 -49.12 -0.36 3.35
N PRO A 54 -48.48 0.82 3.36
CA PRO A 54 -47.36 1.16 2.47
C PRO A 54 -46.05 0.50 2.95
N THR A 55 -45.04 0.52 2.07
CA THR A 55 -43.76 -0.06 2.44
C THR A 55 -42.82 1.09 2.77
N VAL A 56 -42.19 1.03 3.96
CA VAL A 56 -41.15 1.99 4.33
C VAL A 56 -39.78 1.34 4.28
N LEU A 57 -38.88 1.91 3.48
CA LEU A 57 -37.53 1.36 3.39
C LEU A 57 -36.56 2.26 4.10
N LEU A 58 -35.81 1.66 5.04
CA LEU A 58 -34.87 2.35 5.94
C LEU A 58 -33.47 1.82 5.69
N THR A 59 -32.59 2.69 5.19
CA THR A 59 -31.23 2.25 4.89
C THR A 59 -30.24 3.04 5.71
N GLY A 60 -29.18 2.35 6.17
CA GLY A 60 -28.06 2.99 6.85
C GLY A 60 -26.73 2.40 6.38
N GLY A 61 -25.65 3.10 6.66
CA GLY A 61 -24.30 2.56 6.42
C GLY A 61 -23.97 2.42 4.94
N VAL A 62 -24.61 3.26 4.11
CA VAL A 62 -24.23 3.34 2.71
C VAL A 62 -22.77 3.80 2.62
N HIS A 63 -22.39 4.67 3.56
CA HIS A 63 -21.00 5.00 3.82
C HIS A 63 -20.61 4.37 5.16
N GLY A 64 -19.47 3.70 5.17
CA GLY A 64 -19.10 2.90 6.32
C GLY A 64 -18.87 3.71 7.61
N ASP A 65 -18.49 4.97 7.45
CA ASP A 65 -18.17 5.85 8.59
C ASP A 65 -19.35 6.75 9.04
N GLU A 66 -20.55 6.44 8.58
CA GLU A 66 -21.70 7.24 8.99
C GLU A 66 -22.56 6.37 9.85
N TYR A 67 -22.46 6.57 11.17
CA TYR A 67 -22.89 5.62 12.22
C TYR A 67 -24.35 5.68 12.64
N GLU A 68 -24.93 6.88 12.61
CA GLU A 68 -26.23 7.08 13.27
C GLU A 68 -27.35 6.22 12.67
N GLY A 69 -27.37 6.09 11.33
CA GLY A 69 -28.32 5.16 10.68
C GLY A 69 -28.07 3.69 11.01
N GLN A 70 -26.80 3.30 11.12
CA GLN A 70 -26.49 1.90 11.48
C GLN A 70 -27.05 1.54 12.87
N ILE A 71 -26.88 2.45 13.84
CA ILE A 71 -27.43 2.27 15.20
C ILE A 71 -28.96 2.33 15.24
N ALA A 72 -29.55 3.39 14.69
CA ALA A 72 -31.01 3.61 14.77
C ALA A 72 -31.75 2.43 14.11
N ILE A 73 -31.31 2.04 12.91
CA ILE A 73 -32.00 1.02 12.14
C ILE A 73 -31.81 -0.42 12.67
N SER A 74 -30.59 -0.78 13.08
CA SER A 74 -30.37 -2.11 13.62
C SER A 74 -31.11 -2.29 14.94
N ASP A 75 -31.16 -1.22 15.73
CA ASP A 75 -31.95 -1.24 16.97
C ASP A 75 -33.46 -1.48 16.66
N LEU A 76 -34.01 -0.76 15.68
CA LEU A 76 -35.43 -0.90 15.34
C LEU A 76 -35.67 -2.29 14.79
N ALA A 77 -34.70 -2.77 14.00
CA ALA A 77 -34.81 -4.06 13.36
C ALA A 77 -34.89 -5.19 14.38
N ARG A 78 -34.19 -5.02 15.49
CA ARG A 78 -34.16 -6.05 16.53
C ARG A 78 -35.48 -6.09 17.34
N ARG A 79 -36.10 -4.93 17.52
CA ARG A 79 -37.24 -4.72 18.43
C ARG A 79 -38.63 -4.83 17.76
N LEU A 80 -38.76 -4.28 16.55
CA LEU A 80 -40.05 -4.18 15.84
C LEU A 80 -40.74 -5.53 15.59
N ARG A 81 -42.02 -5.63 15.89
CA ARG A 81 -42.78 -6.90 15.78
C ARG A 81 -43.90 -6.84 14.72
N PRO A 82 -44.18 -7.96 14.04
CA PRO A 82 -45.20 -7.96 12.99
C PRO A 82 -46.56 -7.42 13.41
N GLU A 83 -46.94 -7.69 14.67
CA GLU A 83 -48.21 -7.27 15.20
C GLU A 83 -48.35 -5.76 15.41
N GLU A 84 -47.25 -5.00 15.47
CA GLU A 84 -47.39 -3.52 15.57
C GLU A 84 -47.54 -2.86 14.19
N VAL A 85 -47.45 -3.67 13.14
CA VAL A 85 -47.26 -3.18 11.77
C VAL A 85 -48.50 -3.32 10.88
N GLN A 86 -48.82 -2.23 10.16
CA GLN A 86 -49.83 -2.26 9.09
C GLN A 86 -49.24 -1.80 7.78
N GLY A 87 -48.71 -2.78 7.06
CA GLY A 87 -47.94 -2.53 5.86
C GLY A 87 -46.65 -3.33 5.89
N ARG A 88 -45.53 -2.66 5.58
CA ARG A 88 -44.24 -3.36 5.44
C ARG A 88 -43.08 -2.43 5.71
N VAL A 89 -42.16 -2.91 6.55
CA VAL A 89 -40.91 -2.23 6.92
C VAL A 89 -39.71 -3.11 6.48
N ILE A 90 -38.87 -2.55 5.61
CA ILE A 90 -37.61 -3.16 5.18
C ILE A 90 -36.43 -2.35 5.73
N MET A 91 -35.53 -3.01 6.46
CA MET A 91 -34.45 -2.37 7.24
C MET A 91 -33.10 -2.94 6.87
N LEU A 92 -32.24 -2.10 6.27
CA LEU A 92 -30.84 -2.46 5.95
C LEU A 92 -30.01 -1.47 6.67
N PRO A 93 -29.66 -1.77 7.93
CA PRO A 93 -28.92 -0.78 8.73
C PRO A 93 -27.48 -0.62 8.31
N ALA A 94 -26.95 -1.58 7.57
CA ALA A 94 -25.50 -1.63 7.33
C ALA A 94 -25.23 -2.08 5.90
N VAL A 95 -25.47 -1.21 4.94
CA VAL A 95 -25.50 -1.61 3.54
C VAL A 95 -24.08 -1.95 3.02
N ASN A 96 -23.13 -1.04 3.22
CA ASN A 96 -21.77 -1.17 2.67
C ASN A 96 -20.87 -1.82 3.69
N MET A 97 -21.11 -3.11 3.93
CA MET A 97 -20.39 -3.84 4.98
C MET A 97 -18.86 -3.75 4.95
N PRO A 98 -18.24 -3.91 3.74
CA PRO A 98 -16.76 -3.75 3.76
C PRO A 98 -16.27 -2.37 4.23
N ALA A 99 -16.98 -1.31 3.85
CA ALA A 99 -16.56 0.04 4.26
C ALA A 99 -16.87 0.28 5.73
N ILE A 100 -17.92 -0.38 6.21
CA ILE A 100 -18.28 -0.37 7.63
C ILE A 100 -17.11 -0.96 8.44
N GLN A 101 -16.61 -2.11 7.97
CA GLN A 101 -15.50 -2.79 8.64
C GLN A 101 -14.26 -1.93 8.67
N SER A 102 -13.98 -1.27 7.54
CA SER A 102 -12.80 -0.39 7.48
C SER A 102 -13.07 1.01 8.07
N ASP A 103 -14.32 1.28 8.46
CA ASP A 103 -14.69 2.59 8.99
C ASP A 103 -14.37 3.70 8.00
N THR A 104 -14.69 3.47 6.72
CA THR A 104 -14.36 4.48 5.72
C THR A 104 -15.59 4.83 4.88
N ARG A 105 -15.53 5.99 4.24
CA ARG A 105 -16.51 6.42 3.25
C ARG A 105 -16.41 5.58 1.98
N LEU A 106 -15.16 5.45 1.44
CA LEU A 106 -14.88 4.71 0.21
C LEU A 106 -14.71 3.25 0.52
N SER A 107 -14.97 2.41 -0.48
CA SER A 107 -14.89 0.96 -0.34
C SER A 107 -13.45 0.46 -0.32
N PRO A 108 -13.08 -0.37 0.68
CA PRO A 108 -11.72 -0.93 0.59
C PRO A 108 -11.66 -2.10 -0.44
N VAL A 109 -12.78 -2.48 -1.02
CA VAL A 109 -12.75 -3.56 -2.00
C VAL A 109 -12.33 -3.00 -3.38
N ASP A 110 -12.97 -1.92 -3.82
CA ASP A 110 -12.77 -1.35 -5.15
C ASP A 110 -12.46 0.15 -5.15
N GLY A 111 -12.32 0.71 -3.95
CA GLY A 111 -11.99 2.09 -3.74
C GLY A 111 -13.06 3.07 -4.18
N ARG A 112 -14.24 2.55 -4.51
CA ARG A 112 -15.32 3.43 -4.93
C ARG A 112 -16.11 4.10 -3.79
N ASP A 113 -16.58 5.30 -4.07
CA ASP A 113 -17.63 5.89 -3.27
C ASP A 113 -18.92 5.31 -3.83
N ILE A 114 -19.56 4.40 -3.11
CA ILE A 114 -20.72 3.72 -3.65
C ILE A 114 -21.82 4.69 -4.06
N ASN A 115 -21.87 5.85 -3.40
CA ASN A 115 -22.89 6.85 -3.66
C ASN A 115 -22.51 7.76 -4.82
N ARG A 116 -21.48 7.39 -5.57
CA ARG A 116 -21.24 7.95 -6.88
C ARG A 116 -21.39 6.82 -7.92
N CYS A 117 -21.97 5.68 -7.50
CA CYS A 117 -22.05 4.45 -8.34
C CYS A 117 -23.46 4.03 -8.80
N PHE A 118 -24.50 4.72 -8.33
CA PHE A 118 -25.86 4.35 -8.71
C PHE A 118 -26.20 4.86 -10.13
N PRO A 119 -27.12 4.16 -10.83
CA PRO A 119 -27.86 2.96 -10.43
C PRO A 119 -27.09 1.62 -10.39
N GLY A 120 -25.83 1.63 -10.85
CA GLY A 120 -24.93 0.50 -10.70
C GLY A 120 -24.92 -0.45 -11.88
N ASP A 121 -24.04 -1.44 -11.82
CA ASP A 121 -23.83 -2.39 -12.90
C ASP A 121 -23.72 -3.78 -12.25
N PRO A 122 -24.64 -4.70 -12.58
CA PRO A 122 -24.60 -6.00 -11.91
C PRO A 122 -23.33 -6.81 -12.26
N ARG A 123 -22.62 -6.40 -13.31
CA ARG A 123 -21.41 -7.08 -13.77
C ARG A 123 -20.15 -6.29 -13.47
N GLY A 124 -20.29 -5.22 -12.70
CA GLY A 124 -19.11 -4.44 -12.35
C GLY A 124 -18.47 -4.86 -11.03
N THR A 125 -17.68 -3.93 -10.49
CA THR A 125 -17.00 -4.20 -9.25
C THR A 125 -17.97 -4.20 -8.05
N PHE A 126 -17.45 -4.57 -6.87
CA PHE A 126 -18.32 -4.87 -5.73
C PHE A 126 -19.32 -3.74 -5.46
N SER A 127 -18.83 -2.50 -5.42
CA SER A 127 -19.65 -1.37 -5.02
C SER A 127 -20.74 -1.12 -6.08
N GLN A 128 -20.38 -1.29 -7.36
CA GLN A 128 -21.31 -1.18 -8.48
C GLN A 128 -22.39 -2.25 -8.44
N MET A 129 -22.00 -3.48 -8.08
CA MET A 129 -22.94 -4.61 -8.00
C MET A 129 -23.91 -4.46 -6.80
N LEU A 130 -23.35 -3.97 -5.71
CA LEU A 130 -24.17 -3.66 -4.54
C LEU A 130 -25.12 -2.48 -4.82
N ALA A 131 -24.66 -1.44 -5.49
CA ALA A 131 -25.55 -0.34 -5.81
C ALA A 131 -26.69 -0.86 -6.70
N HIS A 132 -26.39 -1.73 -7.67
CA HIS A 132 -27.44 -2.27 -8.54
C HIS A 132 -28.50 -3.09 -7.77
N PHE A 133 -28.06 -3.95 -6.87
CA PHE A 133 -28.98 -4.75 -6.03
C PHE A 133 -29.91 -3.84 -5.25
N LEU A 134 -29.38 -2.76 -4.69
CA LEU A 134 -30.21 -1.92 -3.84
C LEU A 134 -31.29 -1.18 -4.66
N ASP A 135 -30.91 -0.69 -5.84
CA ASP A 135 -31.80 0.06 -6.75
C ASP A 135 -32.77 -0.82 -7.52
N SER A 136 -32.28 -1.95 -8.01
CA SER A 136 -33.12 -2.84 -8.82
C SER A 136 -33.91 -3.88 -8.05
N VAL A 137 -33.45 -4.30 -6.87
CA VAL A 137 -34.12 -5.37 -6.15
C VAL A 137 -34.87 -4.85 -4.93
N ILE A 138 -34.20 -4.02 -4.13
CA ILE A 138 -34.81 -3.60 -2.86
C ILE A 138 -35.69 -2.37 -3.08
N LEU A 139 -35.12 -1.33 -3.68
CA LEU A 139 -35.81 -0.02 -3.83
C LEU A 139 -37.22 -0.02 -4.50
N PRO A 140 -37.44 -0.81 -5.58
CA PRO A 140 -38.80 -0.81 -6.17
C PRO A 140 -39.92 -1.23 -5.20
N MET A 141 -39.60 -1.91 -4.11
CA MET A 141 -40.66 -2.35 -3.16
C MET A 141 -41.21 -1.20 -2.30
N ALA A 142 -40.53 -0.04 -2.29
CA ALA A 142 -40.83 1.05 -1.35
C ALA A 142 -41.80 2.09 -1.83
N ASP A 143 -42.58 2.60 -0.88
CA ASP A 143 -43.45 3.75 -1.03
C ASP A 143 -42.74 5.00 -0.52
N ILE A 144 -41.90 4.80 0.51
CA ILE A 144 -41.03 5.87 0.98
C ILE A 144 -39.66 5.29 1.38
N SER A 145 -38.60 6.09 1.19
CA SER A 145 -37.25 5.75 1.65
C SER A 145 -36.68 6.85 2.54
N VAL A 146 -36.11 6.41 3.66
CA VAL A 146 -35.26 7.25 4.51
C VAL A 146 -33.82 6.65 4.45
N ASP A 147 -32.93 7.39 3.83
CA ASP A 147 -31.55 6.98 3.70
C ASP A 147 -30.74 7.79 4.72
N MET A 148 -30.24 7.10 5.73
CA MET A 148 -29.60 7.78 6.86
C MET A 148 -28.06 7.99 6.71
N HIS A 149 -27.68 9.26 6.69
CA HIS A 149 -26.31 9.68 6.50
C HIS A 149 -25.86 10.59 7.63
N THR A 150 -24.55 10.85 7.65
CA THR A 150 -23.91 11.90 8.43
C THR A 150 -22.76 12.39 7.56
N ALA A 151 -21.98 13.36 8.07
CA ALA A 151 -20.84 13.86 7.30
C ALA A 151 -19.57 13.01 7.44
N GLY A 152 -19.67 11.91 8.19
CA GLY A 152 -18.57 10.94 8.34
C GLY A 152 -17.34 11.60 8.93
N HIS A 153 -16.21 11.41 8.23
CA HIS A 153 -14.96 12.10 8.56
C HIS A 153 -14.77 13.46 7.89
N SER A 154 -15.68 13.85 7.00
CA SER A 154 -15.55 15.07 6.19
C SER A 154 -15.92 16.41 6.89
N TYR A 155 -16.94 16.37 7.72
CA TYR A 155 -17.50 17.55 8.35
C TYR A 155 -18.21 17.11 9.62
N ASP A 156 -18.65 18.08 10.38
CA ASP A 156 -19.77 17.84 11.25
C ASP A 156 -20.99 18.39 10.55
N SER A 157 -22.16 17.93 10.96
CA SER A 157 -23.39 18.46 10.42
C SER A 157 -24.35 18.63 11.59
N THR A 158 -25.16 19.67 11.54
CA THR A 158 -26.19 19.81 12.56
C THR A 158 -27.34 18.85 12.26
N PRO A 159 -27.81 18.11 13.29
CA PRO A 159 -28.86 17.12 12.99
C PRO A 159 -30.07 17.65 12.20
N SER A 160 -30.37 16.97 11.10
CA SER A 160 -31.26 17.48 10.08
C SER A 160 -31.68 16.36 9.16
N THR A 161 -32.78 16.59 8.44
CA THR A 161 -33.18 15.76 7.30
C THR A 161 -32.85 16.60 6.10
N ASN A 162 -32.91 15.97 4.93
CA ASN A 162 -32.68 16.71 3.69
C ASN A 162 -33.46 16.10 2.55
N MET A 163 -33.61 16.86 1.48
CA MET A 163 -34.37 16.48 0.30
C MET A 163 -33.96 17.48 -0.79
N HIS A 164 -34.06 17.06 -2.05
CA HIS A 164 -33.91 18.02 -3.15
C HIS A 164 -35.18 18.83 -3.34
N TYR A 165 -35.08 19.92 -4.08
CA TYR A 165 -36.26 20.64 -4.48
C TYR A 165 -36.86 19.82 -5.61
N LEU A 166 -38.13 19.51 -5.50
CA LEU A 166 -38.80 18.73 -6.51
C LEU A 166 -39.63 19.71 -7.33
N ALA A 167 -39.44 19.68 -8.66
CA ALA A 167 -40.19 20.56 -9.56
C ALA A 167 -41.67 20.30 -9.41
N ASP A 168 -42.02 19.05 -9.11
CA ASP A 168 -43.38 18.59 -8.92
C ASP A 168 -43.92 19.00 -7.54
N PRO A 169 -44.87 19.95 -7.50
CA PRO A 169 -45.38 20.53 -6.26
C PRO A 169 -46.17 19.63 -5.32
N ALA A 170 -46.87 18.62 -5.83
CA ALA A 170 -47.62 17.71 -4.96
C ALA A 170 -46.67 16.72 -4.27
N LEU A 171 -45.63 16.34 -5.00
CA LEU A 171 -44.59 15.49 -4.47
C LEU A 171 -43.79 16.29 -3.43
N ARG A 172 -43.61 17.58 -3.69
CA ARG A 172 -42.84 18.46 -2.83
C ARG A 172 -43.55 18.58 -1.49
N ALA A 173 -44.86 18.79 -1.55
CA ALA A 173 -45.70 18.83 -0.34
C ALA A 173 -45.63 17.51 0.41
N ARG A 174 -45.69 16.43 -0.34
CA ARG A 174 -45.68 15.11 0.25
C ARG A 174 -44.34 14.81 0.94
N THR A 175 -43.25 15.21 0.30
CA THR A 175 -41.91 15.03 0.87
C THR A 175 -41.67 15.99 2.04
N LEU A 176 -42.05 17.26 1.87
CA LEU A 176 -41.99 18.23 2.98
C LEU A 176 -42.71 17.75 4.25
N ALA A 177 -43.85 17.13 4.04
CA ALA A 177 -44.65 16.62 5.14
C ALA A 177 -43.98 15.46 5.83
N ALA A 178 -43.27 14.61 5.09
CA ALA A 178 -42.61 13.47 5.70
C ALA A 178 -41.41 13.98 6.51
N ALA A 179 -40.70 14.97 5.96
CA ALA A 179 -39.61 15.63 6.69
C ALA A 179 -40.12 16.20 8.02
N GLU A 180 -41.28 16.88 8.00
CA GLU A 180 -41.87 17.47 9.20
C GLU A 180 -42.16 16.39 10.25
N ALA A 181 -42.77 15.29 9.82
CA ALA A 181 -43.03 14.16 10.72
C ALA A 181 -41.73 13.56 11.32
N PHE A 182 -40.71 13.36 10.47
CA PHE A 182 -39.42 12.84 10.98
C PHE A 182 -39.00 13.70 12.20
N GLY A 183 -39.11 15.01 12.07
CA GLY A 183 -38.97 15.92 13.23
C GLY A 183 -37.57 16.17 13.72
N ALA A 184 -36.63 16.37 12.79
CA ALA A 184 -35.29 16.82 13.15
C ALA A 184 -35.36 18.36 13.30
N PRO A 185 -34.43 18.96 14.04
CA PRO A 185 -34.57 20.42 14.19
C PRO A 185 -34.65 21.16 12.88
N HIS A 186 -33.90 20.71 11.85
CA HIS A 186 -33.93 21.33 10.54
C HIS A 186 -34.12 20.34 9.43
N ASN A 187 -34.83 20.77 8.38
CA ASN A 187 -34.96 20.03 7.15
C ASN A 187 -34.38 20.91 6.11
N VAL A 188 -33.41 20.38 5.35
CA VAL A 188 -32.70 21.15 4.34
C VAL A 188 -33.03 20.70 2.90
N VAL A 189 -33.57 21.63 2.11
CA VAL A 189 -33.85 21.45 0.67
C VAL A 189 -32.66 22.00 -0.09
N PHE A 190 -32.06 21.18 -0.98
CA PHE A 190 -30.75 21.51 -1.57
C PHE A 190 -30.46 20.94 -2.97
N GLY A 196 -25.94 12.91 -9.13
CA GLY A 196 -26.88 12.21 -9.99
C GLY A 196 -26.74 10.70 -9.83
N SER A 197 -25.80 10.32 -8.99
CA SER A 197 -25.39 8.92 -8.89
C SER A 197 -25.49 8.45 -7.45
N THR A 198 -26.21 9.23 -6.65
CA THR A 198 -26.46 8.83 -5.27
C THR A 198 -27.62 7.86 -5.20
N PHE A 199 -27.74 7.18 -4.06
CA PHE A 199 -28.96 6.38 -3.83
C PHE A 199 -30.24 7.21 -3.85
N THR A 200 -30.21 8.39 -3.23
CA THR A 200 -31.41 9.24 -3.20
C THR A 200 -31.88 9.59 -4.62
N SER A 201 -30.94 9.83 -5.54
CA SER A 201 -31.30 10.16 -6.92
C SER A 201 -32.02 9.00 -7.60
N CYS A 202 -31.71 7.76 -7.17
CA CYS A 202 -32.43 6.57 -7.61
C CYS A 202 -33.86 6.57 -7.09
N VAL A 203 -34.02 6.81 -5.79
CA VAL A 203 -35.33 6.89 -5.16
C VAL A 203 -36.19 7.92 -5.90
N GLU A 204 -35.57 9.08 -6.18
CA GLU A 204 -36.22 10.18 -6.86
C GLU A 204 -36.59 9.82 -8.29
N ARG A 205 -35.66 9.23 -9.02
CA ARG A 205 -35.94 8.81 -10.40
C ARG A 205 -37.14 7.86 -10.48
N ARG A 206 -37.28 6.97 -9.50
CA ARG A 206 -38.42 6.07 -9.42
C ARG A 206 -39.70 6.71 -8.85
N GLY A 207 -39.63 8.00 -8.51
CA GLY A 207 -40.81 8.73 -8.03
C GLY A 207 -41.34 8.28 -6.66
N ILE A 208 -40.44 7.72 -5.86
CA ILE A 208 -40.71 7.31 -4.46
C ILE A 208 -40.36 8.50 -3.56
N VAL A 209 -41.12 8.72 -2.49
CA VAL A 209 -40.78 9.79 -1.52
C VAL A 209 -39.41 9.49 -0.89
N SER A 210 -38.49 10.43 -0.98
CA SER A 210 -37.12 10.23 -0.55
C SER A 210 -36.72 11.29 0.49
N LEU A 211 -36.29 10.82 1.67
CA LEU A 211 -35.65 11.66 2.68
C LEU A 211 -34.19 11.23 2.87
N GLY A 212 -33.32 12.19 3.07
CA GLY A 212 -31.97 11.93 3.53
C GLY A 212 -31.90 12.41 4.97
N THR A 213 -30.82 12.03 5.68
CA THR A 213 -30.44 12.67 6.96
C THR A 213 -28.98 13.10 6.99
N GLU A 214 -28.70 14.14 7.80
CA GLU A 214 -27.36 14.45 8.22
C GLU A 214 -27.41 14.56 9.75
N LEU A 215 -26.91 13.52 10.39
CA LEU A 215 -27.03 13.34 11.83
C LEU A 215 -25.70 13.36 12.56
N GLY A 216 -24.72 14.08 12.04
CA GLY A 216 -23.46 14.24 12.72
C GLY A 216 -22.24 14.12 11.83
N GLY A 217 -21.18 13.51 12.37
CA GLY A 217 -19.91 13.53 11.67
C GLY A 217 -18.74 13.60 12.64
N TRP A 218 -17.67 14.28 12.23
CA TRP A 218 -16.44 14.42 13.02
C TRP A 218 -15.80 13.05 13.42
N GLY A 219 -16.05 12.03 12.60
CA GLY A 219 -15.48 10.69 12.83
C GLY A 219 -16.08 9.97 14.03
N ARG A 220 -17.05 10.62 14.71
CA ARG A 220 -17.56 10.18 16.00
C ARG A 220 -19.06 9.87 15.97
N VAL A 221 -19.57 9.36 17.12
CA VAL A 221 -20.99 9.09 17.30
C VAL A 221 -21.63 10.27 18.04
N ASN A 222 -22.65 10.87 17.41
CA ASN A 222 -23.30 12.09 17.94
C ASN A 222 -24.51 11.62 18.76
N ILE A 223 -24.46 11.87 20.06
CA ILE A 223 -25.51 11.38 20.97
C ILE A 223 -26.90 11.92 20.59
N GLU A 224 -26.96 13.22 20.25
CA GLU A 224 -28.22 13.85 19.86
C GLU A 224 -28.68 13.32 18.51
N GLY A 225 -27.71 13.06 17.62
CA GLY A 225 -27.95 12.48 16.32
C GLY A 225 -28.57 11.11 16.41
N VAL A 226 -28.11 10.28 17.35
CA VAL A 226 -28.68 8.96 17.56
C VAL A 226 -30.13 9.10 18.07
N ARG A 227 -30.35 10.03 19.02
CA ARG A 227 -31.69 10.25 19.58
C ARG A 227 -32.66 10.75 18.50
N ILE A 228 -32.25 11.73 17.71
CA ILE A 228 -33.11 12.31 16.67
CA ILE A 228 -33.11 12.31 16.67
C ILE A 228 -33.41 11.29 15.57
N GLY A 229 -32.40 10.52 15.20
CA GLY A 229 -32.57 9.45 14.22
C GLY A 229 -33.47 8.31 14.67
N LYS A 230 -33.28 7.82 15.89
CA LYS A 230 -34.16 6.78 16.42
C LYS A 230 -35.64 7.24 16.46
N ARG A 231 -35.89 8.41 17.04
CA ARG A 231 -37.25 9.00 17.03
C ARG A 231 -37.77 9.23 15.58
N GLY A 232 -36.91 9.73 14.69
CA GLY A 232 -37.38 10.13 13.36
C GLY A 232 -37.92 8.98 12.55
N ILE A 233 -37.31 7.80 12.69
CA ILE A 233 -37.76 6.66 11.93
C ILE A 233 -39.08 6.09 12.45
N LEU A 234 -39.27 6.10 13.77
CA LEU A 234 -40.57 5.78 14.39
C LEU A 234 -41.64 6.75 13.93
N ASN A 235 -41.34 8.05 14.03
CA ASN A 235 -42.21 9.12 13.52
C ASN A 235 -42.59 8.93 12.05
N VAL A 236 -41.63 8.52 11.23
CA VAL A 236 -41.91 8.34 9.84
C VAL A 236 -42.92 7.19 9.70
N LEU A 237 -42.74 6.13 10.48
CA LEU A 237 -43.65 4.98 10.43
C LEU A 237 -45.08 5.35 10.88
N LYS A 238 -45.15 6.20 11.91
CA LYS A 238 -46.41 6.73 12.42
C LYS A 238 -47.08 7.61 11.37
N HIS A 239 -46.32 8.52 10.76
CA HIS A 239 -46.78 9.36 9.68
C HIS A 239 -47.38 8.54 8.55
N MET A 240 -46.78 7.40 8.26
CA MET A 240 -47.24 6.67 7.11
C MET A 240 -48.39 5.74 7.45
N GLY A 241 -48.71 5.67 8.75
CA GLY A 241 -49.78 4.82 9.28
C GLY A 241 -49.43 3.35 9.38
N VAL A 242 -48.13 3.06 9.47
CA VAL A 242 -47.64 1.67 9.52
C VAL A 242 -47.61 1.16 10.97
N ILE A 243 -47.36 2.06 11.91
CA ILE A 243 -47.50 1.73 13.31
C ILE A 243 -48.36 2.80 13.98
N GLU A 244 -48.86 2.47 15.18
CA GLU A 244 -49.82 3.32 15.90
C GLU A 244 -49.14 4.57 16.48
N GLY A 245 -49.85 5.70 16.39
CA GLY A 245 -49.47 6.88 17.11
C GLY A 245 -49.29 8.03 16.18
N THR A 246 -48.85 9.16 16.75
CA THR A 246 -48.60 10.38 16.01
C THR A 246 -47.13 10.82 16.25
N PRO A 247 -46.47 11.40 15.22
CA PRO A 247 -45.07 11.84 15.38
C PRO A 247 -44.83 12.74 16.60
N GLU A 248 -43.68 12.55 17.25
CA GLU A 248 -43.19 13.47 18.28
C GLU A 248 -42.09 14.36 17.69
N THR A 249 -42.37 15.66 17.67
CA THR A 249 -41.57 16.62 16.91
C THR A 249 -41.06 17.77 17.76
N ALA A 250 -41.29 17.70 19.07
CA ALA A 250 -40.79 18.67 20.04
C ALA A 250 -39.26 18.70 19.94
N GLN A 251 -38.69 19.89 19.99
CA GLN A 251 -37.26 20.05 19.82
C GLN A 251 -36.66 20.36 21.17
N ARG A 252 -35.40 19.99 21.34
CA ARG A 252 -34.70 20.26 22.59
C ARG A 252 -34.75 21.74 22.94
N GLY A 253 -34.60 22.58 21.92
CA GLY A 253 -34.50 24.01 22.16
C GLY A 253 -35.85 24.63 22.45
N GLY A 254 -36.88 23.79 22.50
CA GLY A 254 -38.23 24.29 22.76
C GLY A 254 -39.24 24.16 21.63
N ALA A 255 -38.80 24.37 20.39
CA ALA A 255 -39.68 24.48 19.24
C ALA A 255 -40.65 23.28 19.10
N ALA A 256 -41.83 23.55 18.56
CA ALA A 256 -42.86 22.50 18.39
C ALA A 256 -42.49 21.49 17.29
N GLY A 257 -41.75 21.94 16.28
CA GLY A 257 -41.31 21.09 15.16
C GLY A 257 -40.14 21.57 14.34
N THR A 258 -40.02 20.96 13.17
CA THR A 258 -38.94 21.12 12.24
C THR A 258 -38.98 22.49 11.55
N ARG A 259 -37.81 23.09 11.38
CA ARG A 259 -37.68 24.36 10.64
C ARG A 259 -37.05 24.07 9.26
N HIS A 260 -37.74 24.49 8.20
CA HIS A 260 -37.28 24.22 6.86
C HIS A 260 -36.28 25.28 6.42
N MET A 261 -35.23 24.80 5.79
CA MET A 261 -34.14 25.63 5.39
C MET A 261 -33.78 25.16 4.02
N MET A 262 -32.77 25.82 3.44
CA MET A 262 -32.38 25.55 2.10
C MET A 262 -30.94 26.00 1.88
N VAL A 263 -30.32 25.35 0.90
CA VAL A 263 -29.02 25.71 0.41
C VAL A 263 -29.17 25.81 -1.11
N ARG A 264 -28.92 27.00 -1.66
CA ARG A 264 -29.10 27.17 -3.11
C ARG A 264 -28.00 27.96 -3.83
N GLU A 265 -27.19 28.72 -3.10
CA GLU A 265 -26.25 29.66 -3.71
C GLU A 265 -24.79 29.23 -3.58
N ALA A 266 -23.95 29.51 -4.58
CA ALA A 266 -22.53 29.18 -4.47
C ALA A 266 -21.93 29.93 -3.27
N ASP A 267 -22.52 31.09 -2.98
CA ASP A 267 -22.12 31.94 -1.87
C ASP A 267 -22.40 31.28 -0.49
N ALA A 268 -23.25 30.26 -0.47
CA ALA A 268 -23.49 29.40 0.74
C ALA A 268 -22.28 28.54 1.21
N TYR A 269 -21.35 28.27 0.31
CA TYR A 269 -20.15 27.46 0.59
C TYR A 269 -18.93 28.32 0.85
N VAL A 270 -18.30 28.13 2.00
CA VAL A 270 -17.01 28.73 2.24
C VAL A 270 -15.98 27.73 1.81
N MET A 271 -15.21 28.11 0.80
CA MET A 271 -14.24 27.22 0.20
C MET A 271 -12.80 27.56 0.64
N ALA A 272 -11.99 26.53 0.87
CA ALA A 272 -10.56 26.72 1.10
C ALA A 272 -9.77 26.98 -0.22
N PRO A 273 -9.14 28.17 -0.36
CA PRO A 273 -8.36 28.39 -1.60
C PRO A 273 -6.97 27.80 -1.52
N ARG A 274 -6.54 27.48 -0.30
CA ARG A 274 -5.22 26.91 -0.12
C ARG A 274 -5.31 25.73 0.84
N THR A 275 -4.38 24.79 0.65
CA THR A 275 -4.16 23.73 1.64
C THR A 275 -3.50 24.29 2.92
N GLY A 276 -4.09 24.02 4.07
CA GLY A 276 -3.44 24.35 5.32
C GLY A 276 -4.29 23.98 6.51
N LEU A 277 -3.99 24.57 7.66
CA LEU A 277 -4.65 24.25 8.91
C LEU A 277 -5.77 25.27 9.18
N PHE A 278 -7.00 24.81 8.99
CA PHE A 278 -8.14 25.69 9.14
C PHE A 278 -8.71 25.75 10.54
N GLU A 279 -8.74 26.98 11.07
CA GLU A 279 -9.28 27.31 12.39
C GLU A 279 -10.64 27.98 12.19
N PRO A 280 -11.74 27.32 12.60
CA PRO A 280 -13.05 27.92 12.43
C PRO A 280 -13.39 28.92 13.54
N THR A 281 -14.36 29.80 13.25
CA THR A 281 -14.93 30.69 14.23
C THR A 281 -16.25 30.19 14.78
N HIS A 282 -16.92 29.26 14.08
CA HIS A 282 -18.25 28.74 14.50
C HIS A 282 -18.40 27.26 14.25
N TYR A 283 -19.27 26.62 15.05
CA TYR A 283 -19.72 25.25 14.80
C TYR A 283 -21.04 25.19 14.08
N VAL A 284 -21.36 24.01 13.54
CA VAL A 284 -22.69 23.77 12.97
C VAL A 284 -23.78 24.16 13.95
N GLY A 285 -24.89 24.69 13.44
CA GLY A 285 -26.00 25.08 14.30
C GLY A 285 -25.91 26.53 14.73
N GLU A 286 -24.81 27.18 14.45
CA GLU A 286 -24.67 28.57 14.91
C GLU A 286 -25.06 29.59 13.85
N GLU A 287 -25.65 30.68 14.30
CA GLU A 287 -26.00 31.77 13.42
C GLU A 287 -24.73 32.49 12.91
N VAL A 288 -24.69 32.80 11.62
CA VAL A 288 -23.60 33.58 11.03
C VAL A 288 -24.13 34.70 10.12
N ARG A 289 -23.25 35.65 9.82
CA ARG A 289 -23.60 36.83 9.02
C ARG A 289 -22.64 36.99 7.84
N THR A 290 -23.18 37.46 6.73
CA THR A 290 -22.38 37.64 5.53
C THR A 290 -21.27 38.66 5.79
N GLY A 291 -20.09 38.42 5.23
CA GLY A 291 -18.96 39.31 5.41
C GLY A 291 -18.15 39.11 6.69
N GLU A 292 -18.70 38.38 7.65
CA GLU A 292 -17.97 38.11 8.87
C GLU A 292 -17.01 36.91 8.75
N THR A 293 -16.02 36.89 9.65
CA THR A 293 -14.93 35.90 9.63
C THR A 293 -15.42 34.46 9.85
N ALA A 294 -15.10 33.60 8.89
CA ALA A 294 -15.46 32.16 9.01
C ALA A 294 -14.35 31.34 9.69
N GLY A 295 -13.12 31.84 9.60
CA GLY A 295 -11.93 31.21 10.18
C GLY A 295 -10.73 31.58 9.36
N TRP A 296 -9.60 30.92 9.63
CA TRP A 296 -8.28 31.25 9.05
C TRP A 296 -7.54 29.97 8.68
N ILE A 297 -6.85 30.02 7.55
CA ILE A 297 -6.00 28.92 7.16
C ILE A 297 -4.59 29.32 7.56
N HIS A 298 -4.03 28.55 8.51
CA HIS A 298 -2.71 28.78 9.01
C HIS A 298 -1.71 28.02 8.14
N PHE A 299 -0.54 28.64 7.93
CA PHE A 299 0.57 28.02 7.21
C PHE A 299 1.68 27.66 8.19
N VAL A 300 1.45 26.59 8.94
CA VAL A 300 2.34 26.26 10.07
C VAL A 300 3.70 25.78 9.62
N GLU A 301 3.82 25.50 8.32
CA GLU A 301 5.09 25.11 7.71
C GLU A 301 6.02 26.31 7.51
N ASP A 302 5.48 27.51 7.68
CA ASP A 302 6.19 28.80 7.50
C ASP A 302 6.38 29.51 8.82
N VAL A 303 7.56 30.07 9.05
CA VAL A 303 7.68 31.16 10.03
C VAL A 303 7.18 32.50 9.43
N ASP A 304 6.79 33.43 10.31
CA ASP A 304 6.37 34.81 9.93
C ASP A 304 5.03 34.93 9.15
N THR A 305 4.71 33.94 8.32
CA THR A 305 3.52 34.02 7.43
C THR A 305 2.16 34.15 8.16
N ALA A 306 1.39 35.19 7.81
CA ALA A 306 0.06 35.38 8.35
C ALA A 306 -0.94 34.39 7.78
N PRO A 307 -1.87 33.93 8.63
CA PRO A 307 -2.92 33.04 8.14
C PRO A 307 -3.88 33.71 7.16
N LEU A 308 -4.50 32.89 6.33
CA LEU A 308 -5.44 33.44 5.36
C LEU A 308 -6.86 33.46 5.92
N GLU A 309 -7.40 34.68 6.10
CA GLU A 309 -8.77 34.86 6.57
C GLU A 309 -9.81 34.48 5.52
N LEU A 310 -10.81 33.67 5.92
CA LEU A 310 -11.98 33.35 5.06
C LEU A 310 -13.24 34.00 5.61
N LEU A 311 -14.13 34.44 4.72
CA LEU A 311 -15.40 35.07 5.14
C LEU A 311 -16.61 34.25 4.70
N TYR A 312 -17.64 34.21 5.53
CA TYR A 312 -18.97 33.79 5.09
C TYR A 312 -19.53 34.81 4.07
N ARG A 313 -20.35 34.32 3.14
CA ARG A 313 -20.96 35.15 2.10
C ARG A 313 -22.48 34.99 2.05
N ARG A 314 -23.05 34.42 3.12
CA ARG A 314 -24.50 34.37 3.31
C ARG A 314 -24.83 34.46 4.79
N ASP A 315 -25.89 35.21 5.14
CA ASP A 315 -26.48 35.11 6.49
C ASP A 315 -27.17 33.75 6.59
N GLY A 316 -27.26 33.21 7.81
CA GLY A 316 -27.89 31.91 8.01
C GLY A 316 -27.34 31.12 9.20
N ILE A 317 -27.49 29.81 9.14
CA ILE A 317 -27.07 28.90 10.21
C ILE A 317 -26.07 27.90 9.57
N VAL A 318 -24.96 27.64 10.24
CA VAL A 318 -23.99 26.66 9.74
C VAL A 318 -24.66 25.28 9.72
N TRP A 319 -24.70 24.67 8.54
CA TRP A 319 -25.29 23.34 8.40
C TRP A 319 -24.21 22.24 8.48
N PHE A 320 -23.18 22.39 7.63
CA PHE A 320 -21.93 21.62 7.65
C PHE A 320 -20.80 22.50 8.11
N GLY A 321 -20.01 21.99 9.04
CA GLY A 321 -18.84 22.71 9.56
C GLY A 321 -17.59 21.91 9.36
N ALA A 322 -16.47 22.60 9.28
CA ALA A 322 -15.14 22.01 9.06
C ALA A 322 -14.94 20.69 9.82
N GLY A 323 -14.40 19.69 9.13
CA GLY A 323 -14.08 18.38 9.71
C GLY A 323 -12.62 18.33 10.10
N PRO A 324 -11.75 17.80 9.21
CA PRO A 324 -10.28 17.74 9.45
C PRO A 324 -9.69 19.11 9.74
N GLY A 325 -8.74 19.18 10.68
CA GLY A 325 -7.94 20.38 10.84
C GLY A 325 -7.21 20.77 9.57
N ARG A 326 -6.47 19.82 8.99
CA ARG A 326 -5.74 20.14 7.79
C ARG A 326 -6.70 20.01 6.59
N VAL A 327 -6.99 21.14 5.94
CA VAL A 327 -7.94 21.15 4.82
C VAL A 327 -7.16 21.22 3.53
N THR A 328 -7.77 20.74 2.44
CA THR A 328 -7.14 20.73 1.15
C THR A 328 -7.78 21.82 0.31
N ARG A 329 -6.96 22.56 -0.45
CA ARG A 329 -7.45 23.49 -1.50
C ARG A 329 -8.65 22.87 -2.23
N GLY A 330 -9.73 23.62 -2.36
CA GLY A 330 -10.95 23.09 -2.94
C GLY A 330 -12.00 22.44 -2.03
N ASP A 331 -11.71 22.26 -0.74
CA ASP A 331 -12.68 21.70 0.22
C ASP A 331 -13.58 22.82 0.65
N ALA A 332 -14.83 22.51 0.98
CA ALA A 332 -15.66 23.49 1.67
C ALA A 332 -15.33 23.37 3.16
N VAL A 333 -15.26 24.49 3.87
CA VAL A 333 -15.03 24.46 5.32
C VAL A 333 -16.31 24.81 6.11
N ALA A 334 -17.33 25.22 5.36
CA ALA A 334 -18.66 25.55 5.87
C ALA A 334 -19.63 25.64 4.70
N VAL A 335 -20.85 25.22 4.98
CA VAL A 335 -21.99 25.38 4.11
C VAL A 335 -23.07 25.96 5.01
N VAL A 336 -23.59 27.12 4.57
CA VAL A 336 -24.62 27.87 5.33
C VAL A 336 -26.02 27.62 4.74
N MET A 337 -26.97 27.32 5.61
CA MET A 337 -28.36 27.14 5.22
C MET A 337 -29.12 28.41 5.63
N GLU A 338 -30.24 28.70 4.97
CA GLU A 338 -31.07 29.90 5.20
C GLU A 338 -32.52 29.42 5.27
N ASP A 339 -33.41 30.23 5.85
CA ASP A 339 -34.85 29.92 5.93
C ASP A 339 -35.37 29.53 4.56
N TYR A 340 -36.23 28.52 4.54
CA TYR A 340 -36.84 28.02 3.32
C TYR A 340 -37.84 28.98 2.72
N ASN A 341 -37.75 29.17 1.40
CA ASN A 341 -38.78 29.85 0.62
C ASN A 341 -39.25 28.92 -0.51
N ASP A 342 -40.55 28.63 -0.54
CA ASP A 342 -41.14 27.85 -1.63
C ASP A 342 -41.42 28.75 -2.83
N SER B 9 23.86 15.74 16.30
CA SER B 9 22.65 15.77 15.41
C SER B 9 22.87 16.15 13.95
N ARG B 10 22.33 15.31 13.06
CA ARG B 10 22.32 15.60 11.62
C ARG B 10 21.32 16.72 11.26
N ILE B 11 20.42 17.04 12.19
CA ILE B 11 19.50 18.15 11.96
C ILE B 11 20.24 19.48 12.16
N ALA B 12 20.33 20.27 11.08
CA ALA B 12 21.05 21.54 11.10
C ALA B 12 20.18 22.70 11.56
N CYS B 13 20.76 23.62 12.34
CA CYS B 13 20.10 24.87 12.75
C CYS B 13 21.13 26.00 12.97
N ASP B 14 20.98 27.12 12.26
CA ASP B 14 21.97 28.19 12.31
C ASP B 14 21.58 29.27 13.32
N ILE B 15 20.55 29.00 14.13
CA ILE B 15 20.05 30.00 15.07
C ILE B 15 20.99 30.18 16.25
N ASP B 16 21.24 31.44 16.61
CA ASP B 16 22.05 31.75 17.79
C ASP B 16 21.12 32.03 18.95
N PHE B 17 20.87 31.00 19.76
CA PHE B 17 19.93 31.10 20.84
C PHE B 17 20.41 32.05 21.96
N ASP B 18 21.65 32.52 21.86
CA ASP B 18 22.20 33.47 22.83
C ASP B 18 22.14 34.92 22.36
N ARG B 19 21.64 35.12 21.14
CA ARG B 19 21.59 36.45 20.56
C ARG B 19 20.35 37.18 21.05
N ASP B 20 20.51 38.42 21.49
CA ASP B 20 19.37 39.29 21.79
C ASP B 20 18.59 39.58 20.52
N GLY B 21 17.28 39.63 20.65
CA GLY B 21 16.43 39.99 19.52
C GLY B 21 15.43 38.90 19.15
N ARG B 22 15.04 38.90 17.88
CA ARG B 22 14.12 37.92 17.28
C ARG B 22 14.80 37.27 16.08
N GLN B 23 14.90 35.94 16.11
CA GLN B 23 15.26 35.13 14.95
C GLN B 23 14.13 34.13 14.65
N ALA B 24 13.66 34.16 13.41
CA ALA B 24 12.61 33.23 12.94
C ALA B 24 13.22 32.49 11.76
N GLY B 25 13.26 31.16 11.85
CA GLY B 25 13.88 30.33 10.81
C GLY B 25 13.51 28.85 10.91
N TYR B 26 14.41 27.96 10.49
CA TYR B 26 14.13 26.51 10.42
C TYR B 26 15.28 25.62 10.85
N ALA B 27 14.95 24.50 11.48
CA ALA B 27 15.90 23.43 11.59
C ALA B 27 15.74 22.65 10.31
N ARG B 28 16.84 22.14 9.80
CA ARG B 28 16.82 21.41 8.53
C ARG B 28 17.16 19.94 8.81
N ALA B 29 16.11 19.12 8.83
CA ALA B 29 16.19 17.70 9.11
C ALA B 29 16.33 16.91 7.81
N PRO B 30 17.44 16.16 7.64
CA PRO B 30 17.62 15.38 6.39
C PRO B 30 16.55 14.28 6.22
N LEU B 31 15.94 14.20 5.03
CA LEU B 31 14.96 13.15 4.70
C LEU B 31 15.22 12.57 3.31
N SER B 32 15.87 11.40 3.30
CA SER B 32 16.22 10.67 2.08
C SER B 32 14.99 9.96 1.50
N ARG B 33 14.58 10.41 0.31
CA ARG B 33 13.48 9.79 -0.48
C ARG B 33 14.07 9.19 -1.78
N ASN B 34 13.32 8.33 -2.46
CA ASN B 34 13.77 7.68 -3.70
C ASN B 34 14.20 8.61 -4.86
N ASN B 35 13.53 9.76 -4.96
CA ASN B 35 13.88 10.79 -5.93
C ASN B 35 14.34 12.06 -5.25
N SER B 36 14.76 11.93 -4.00
CA SER B 36 15.37 13.03 -3.25
C SER B 36 16.26 12.51 -2.11
N GLY B 37 17.36 11.86 -2.49
CA GLY B 37 18.32 11.31 -1.57
C GLY B 37 18.91 12.30 -0.56
N TRP B 38 18.97 13.57 -0.97
CA TRP B 38 19.54 14.64 -0.16
CA TRP B 38 19.52 14.59 -0.07
C TRP B 38 18.46 15.65 0.26
N GLY B 39 17.21 15.19 0.36
CA GLY B 39 16.08 16.06 0.71
C GLY B 39 16.21 16.51 2.15
N THR B 40 15.47 17.55 2.51
CA THR B 40 15.37 18.01 3.91
C THR B 40 13.91 18.35 4.25
N VAL B 41 13.57 18.29 5.53
CA VAL B 41 12.32 18.87 5.97
C VAL B 41 12.63 20.06 6.90
N GLU B 42 11.91 21.15 6.68
CA GLU B 42 12.18 22.40 7.40
C GLU B 42 11.22 22.54 8.56
N ILE B 43 11.78 22.62 9.77
CA ILE B 43 11.01 22.64 10.99
C ILE B 43 11.03 24.05 11.59
N PRO B 44 9.87 24.73 11.66
CA PRO B 44 9.86 26.13 12.12
C PRO B 44 10.37 26.32 13.56
N ILE B 45 11.27 27.28 13.76
CA ILE B 45 11.76 27.69 15.10
C ILE B 45 11.79 29.21 15.17
N THR B 46 11.13 29.78 16.19
CA THR B 46 11.23 31.20 16.47
C THR B 46 11.78 31.39 17.90
N VAL B 47 12.83 32.20 18.01
CA VAL B 47 13.42 32.60 19.29
CA VAL B 47 13.36 32.59 19.31
C VAL B 47 13.25 34.09 19.49
N VAL B 48 12.80 34.48 20.68
CA VAL B 48 12.74 35.88 21.10
C VAL B 48 13.53 35.96 22.43
N LYS B 49 14.61 36.74 22.39
CA LYS B 49 15.49 36.91 23.56
C LYS B 49 15.76 38.39 23.82
N ASN B 50 15.60 38.78 25.07
CA ASN B 50 15.72 40.16 25.50
C ASN B 50 15.76 40.27 27.02
N GLY B 51 16.63 41.16 27.52
CA GLY B 51 16.71 41.47 28.95
C GLY B 51 17.18 40.28 29.76
N SER B 52 16.54 40.05 30.89
CA SER B 52 16.95 38.92 31.74
C SER B 52 15.76 38.17 32.30
N GLY B 53 15.86 36.85 32.29
CA GLY B 53 14.82 35.97 32.86
C GLY B 53 14.93 34.54 32.38
N PRO B 54 13.95 33.69 32.71
CA PRO B 54 14.06 32.27 32.37
C PRO B 54 13.72 32.00 30.88
N THR B 55 13.98 30.77 30.44
CA THR B 55 13.69 30.36 29.07
C THR B 55 12.42 29.48 29.10
N VAL B 56 11.38 29.91 28.34
CA VAL B 56 10.16 29.11 28.11
C VAL B 56 10.21 28.41 26.75
N LEU B 57 10.11 27.09 26.76
CA LEU B 57 9.99 26.31 25.54
C LEU B 57 8.52 25.88 25.26
N LEU B 58 8.00 26.25 24.08
CA LEU B 58 6.64 25.89 23.67
C LEU B 58 6.67 25.04 22.40
N THR B 59 6.18 23.82 22.53
CA THR B 59 6.16 22.90 21.40
C THR B 59 4.73 22.47 21.10
N GLY B 60 4.45 22.43 19.79
CA GLY B 60 3.19 21.89 19.25
C GLY B 60 3.52 20.93 18.09
N GLY B 61 2.52 20.17 17.66
CA GLY B 61 2.65 19.35 16.47
C GLY B 61 3.59 18.17 16.62
N VAL B 62 3.86 17.73 17.85
CA VAL B 62 4.66 16.52 18.07
C VAL B 62 3.92 15.33 17.41
N HIS B 63 2.59 15.36 17.51
CA HIS B 63 1.70 14.52 16.72
C HIS B 63 1.05 15.38 15.64
N GLY B 64 1.05 14.89 14.39
CA GLY B 64 0.70 15.73 13.26
C GLY B 64 -0.75 16.16 13.26
N ASP B 65 -1.58 15.37 13.95
CA ASP B 65 -3.03 15.59 13.96
C ASP B 65 -3.52 16.28 15.22
N GLU B 66 -2.65 16.98 15.94
CA GLU B 66 -3.08 17.70 17.13
C GLU B 66 -2.78 19.17 16.87
N TYR B 67 -3.86 19.93 16.61
CA TYR B 67 -3.80 21.22 15.93
C TYR B 67 -3.63 22.40 16.82
N GLU B 68 -4.15 22.29 18.04
CA GLU B 68 -4.27 23.48 18.90
C GLU B 68 -2.93 24.12 19.27
N GLY B 69 -1.91 23.30 19.51
CA GLY B 69 -0.55 23.83 19.73
C GLY B 69 0.04 24.48 18.49
N GLN B 70 -0.16 23.85 17.34
CA GLN B 70 0.30 24.43 16.05
C GLN B 70 -0.25 25.83 15.83
N ILE B 71 -1.55 25.98 16.05
CA ILE B 71 -2.21 27.28 15.93
C ILE B 71 -1.68 28.31 16.97
N ALA B 72 -1.76 27.95 18.25
CA ALA B 72 -1.46 28.90 19.34
C ALA B 72 0.00 29.35 19.30
N ILE B 73 0.91 28.39 19.12
CA ILE B 73 2.34 28.72 19.08
C ILE B 73 2.74 29.48 17.79
N SER B 74 2.21 29.09 16.64
CA SER B 74 2.62 29.79 15.44
C SER B 74 2.08 31.22 15.45
N ASP B 75 0.91 31.39 16.01
CA ASP B 75 0.33 32.73 16.17
C ASP B 75 1.18 33.62 17.11
N LEU B 76 1.53 33.11 18.29
CA LEU B 76 2.40 33.83 19.21
C LEU B 76 3.76 34.13 18.57
N ALA B 77 4.35 33.13 17.89
CA ALA B 77 5.62 33.30 17.18
C ALA B 77 5.60 34.49 16.18
N ARG B 78 4.50 34.61 15.45
CA ARG B 78 4.34 35.67 14.50
C ARG B 78 4.38 37.02 15.20
N ARG B 79 3.81 37.11 16.39
CA ARG B 79 3.47 38.40 17.01
C ARG B 79 4.34 38.92 18.14
N LEU B 80 5.02 38.02 18.84
CA LEU B 80 5.74 38.37 20.05
C LEU B 80 6.98 39.16 19.71
N ARG B 81 7.19 40.27 20.42
CA ARG B 81 8.31 41.15 20.16
C ARG B 81 9.40 41.11 21.21
N PRO B 82 10.66 41.25 20.79
CA PRO B 82 11.79 41.25 21.72
C PRO B 82 11.62 42.28 22.85
N GLU B 83 11.20 43.49 22.52
CA GLU B 83 10.90 44.54 23.51
C GLU B 83 9.93 44.11 24.63
N GLU B 84 9.02 43.18 24.34
CA GLU B 84 8.08 42.68 25.34
C GLU B 84 8.70 41.68 26.31
N VAL B 85 9.92 41.25 26.03
CA VAL B 85 10.45 40.06 26.65
C VAL B 85 11.55 40.33 27.65
N GLN B 86 11.45 39.65 28.80
CA GLN B 86 12.53 39.58 29.79
C GLN B 86 12.87 38.10 30.05
N GLY B 87 13.87 37.59 29.35
CA GLY B 87 14.18 36.17 29.35
C GLY B 87 14.26 35.70 27.92
N ARG B 88 13.68 34.53 27.65
CA ARG B 88 13.82 33.86 26.36
C ARG B 88 12.64 32.87 26.11
N VAL B 89 12.02 32.99 24.94
CA VAL B 89 10.89 32.15 24.53
C VAL B 89 11.29 31.45 23.23
N ILE B 90 11.31 30.12 23.28
CA ILE B 90 11.65 29.31 22.11
C ILE B 90 10.38 28.59 21.64
N MET B 91 10.03 28.79 20.37
CA MET B 91 8.75 28.35 19.82
C MET B 91 8.92 27.45 18.56
N LEU B 92 8.55 26.19 18.73
CA LEU B 92 8.44 25.20 17.64
C LEU B 92 6.98 24.70 17.60
N PRO B 93 6.13 25.37 16.81
CA PRO B 93 4.68 25.01 16.77
C PRO B 93 4.40 23.75 15.96
N ALA B 94 5.39 23.28 15.19
CA ALA B 94 5.10 22.32 14.15
C ALA B 94 6.24 21.36 14.09
N VAL B 95 6.35 20.54 15.12
CA VAL B 95 7.54 19.72 15.28
C VAL B 95 7.60 18.60 14.24
N ASN B 96 6.53 17.83 14.13
CA ASN B 96 6.61 16.57 13.38
C ASN B 96 6.08 16.86 11.99
N MET B 97 6.86 17.62 11.22
CA MET B 97 6.39 18.19 9.93
C MET B 97 5.85 17.11 8.98
N PRO B 98 6.55 15.96 8.84
CA PRO B 98 5.99 14.99 7.91
C PRO B 98 4.61 14.48 8.35
N ALA B 99 4.43 14.24 9.64
CA ALA B 99 3.14 13.78 10.18
C ALA B 99 2.08 14.88 10.11
N ILE B 100 2.53 16.12 10.21
CA ILE B 100 1.65 17.29 10.06
C ILE B 100 1.05 17.37 8.64
N GLN B 101 1.92 17.22 7.64
CA GLN B 101 1.49 17.19 6.24
C GLN B 101 0.51 16.03 5.88
N SER B 102 0.71 14.85 6.46
CA SER B 102 -0.25 13.73 6.27
C SER B 102 -1.44 13.77 7.25
N ASP B 103 -1.40 14.72 8.19
CA ASP B 103 -2.45 14.80 9.23
C ASP B 103 -2.66 13.47 9.98
N THR B 104 -1.56 12.88 10.46
CA THR B 104 -1.57 11.64 11.25
C THR B 104 -0.80 11.74 12.53
N ARG B 105 -1.10 10.84 13.46
CA ARG B 105 -0.36 10.74 14.69
C ARG B 105 1.01 10.14 14.40
N LEU B 106 1.00 9.09 13.56
CA LEU B 106 2.20 8.35 13.21
C LEU B 106 2.87 8.97 11.99
N SER B 107 4.18 8.80 11.92
CA SER B 107 5.00 9.33 10.84
C SER B 107 4.78 8.58 9.55
N PRO B 108 4.59 9.31 8.44
CA PRO B 108 4.50 8.62 7.16
C PRO B 108 5.87 8.21 6.63
N VAL B 109 6.93 8.65 7.32
CA VAL B 109 8.32 8.40 6.90
C VAL B 109 8.78 7.03 7.37
N ASP B 110 8.63 6.77 8.67
CA ASP B 110 9.12 5.55 9.30
C ASP B 110 8.05 4.80 10.09
N GLY B 111 6.82 5.30 10.06
CA GLY B 111 5.75 4.58 10.73
C GLY B 111 5.70 4.76 12.25
N ARG B 112 6.68 5.46 12.81
CA ARG B 112 6.76 5.59 14.26
C ARG B 112 5.83 6.66 14.81
N ASP B 113 5.34 6.37 16.03
CA ASP B 113 4.86 7.35 16.97
C ASP B 113 6.11 8.02 17.61
N ILE B 114 6.39 9.25 17.20
CA ILE B 114 7.55 9.99 17.71
C ILE B 114 7.57 10.04 19.24
N ASN B 115 6.38 10.16 19.82
CA ASN B 115 6.23 10.19 21.26
C ASN B 115 6.45 8.81 21.90
N ARG B 116 6.86 7.81 21.11
CA ARG B 116 7.37 6.56 21.70
C ARG B 116 8.87 6.40 21.41
N CYS B 117 9.48 7.47 20.89
CA CYS B 117 10.85 7.40 20.39
C CYS B 117 11.88 8.17 21.21
N PHE B 118 11.44 8.84 22.30
CA PHE B 118 12.39 9.62 23.09
C PHE B 118 13.17 8.69 24.02
N PRO B 119 14.43 9.04 24.40
CA PRO B 119 15.20 10.27 24.04
C PRO B 119 15.78 10.30 22.62
N GLY B 120 15.62 9.20 21.86
CA GLY B 120 15.96 9.22 20.44
C GLY B 120 17.29 8.59 20.08
N ASP B 121 17.60 8.56 18.80
CA ASP B 121 18.86 8.01 18.32
C ASP B 121 19.30 8.91 17.17
N PRO B 122 20.48 9.56 17.29
CA PRO B 122 20.93 10.46 16.21
C PRO B 122 21.21 9.70 14.89
N ARG B 123 21.44 8.39 15.00
CA ARG B 123 21.71 7.51 13.84
C ARG B 123 20.48 6.68 13.46
N GLY B 124 19.35 6.92 14.13
CA GLY B 124 18.14 6.14 13.87
C GLY B 124 17.41 6.64 12.63
N THR B 125 16.16 6.19 12.48
CA THR B 125 15.30 6.67 11.40
C THR B 125 14.79 8.06 11.75
N PHE B 126 14.15 8.71 10.78
CA PHE B 126 13.74 10.10 10.91
C PHE B 126 13.16 10.56 12.29
N SER B 127 12.20 9.79 12.82
CA SER B 127 11.53 10.17 14.08
C SER B 127 12.44 9.99 15.27
N GLN B 128 13.29 8.99 15.20
CA GLN B 128 14.29 8.80 16.24
C GLN B 128 15.31 9.95 16.21
N MET B 129 15.65 10.40 15.00
CA MET B 129 16.62 11.47 14.76
C MET B 129 16.03 12.79 15.27
N LEU B 130 14.76 13.05 14.96
CA LEU B 130 14.08 14.27 15.35
C LEU B 130 13.89 14.32 16.87
N ALA B 131 13.50 13.18 17.44
CA ALA B 131 13.36 13.04 18.88
C ALA B 131 14.68 13.39 19.60
N HIS B 132 15.79 12.88 19.08
CA HIS B 132 17.09 13.18 19.66
C HIS B 132 17.48 14.67 19.52
N PHE B 133 17.14 15.31 18.40
CA PHE B 133 17.40 16.75 18.23
C PHE B 133 16.68 17.59 19.32
N LEU B 134 15.42 17.24 19.56
CA LEU B 134 14.56 18.00 20.43
C LEU B 134 15.05 17.89 21.86
N ASP B 135 15.34 16.65 22.29
CA ASP B 135 15.82 16.35 23.61
C ASP B 135 17.23 16.86 23.91
N SER B 136 18.16 16.65 22.97
CA SER B 136 19.58 16.95 23.19
CA SER B 136 19.57 16.94 23.20
C SER B 136 19.99 18.36 22.79
N VAL B 137 19.26 18.97 21.85
CA VAL B 137 19.64 20.31 21.41
C VAL B 137 18.73 21.42 21.91
N ILE B 138 17.42 21.25 21.77
CA ILE B 138 16.49 22.30 22.12
C ILE B 138 16.21 22.28 23.62
N LEU B 139 15.82 21.13 24.13
CA LEU B 139 15.30 21.02 25.50
C LEU B 139 16.26 21.47 26.64
N PRO B 140 17.58 21.19 26.51
CA PRO B 140 18.42 21.61 27.63
C PRO B 140 18.41 23.12 27.93
N MET B 141 18.05 23.94 26.94
CA MET B 141 17.88 25.39 27.14
C MET B 141 16.69 25.80 28.03
N ALA B 142 15.72 24.92 28.24
CA ALA B 142 14.43 25.32 28.84
C ALA B 142 14.44 25.31 30.34
N ASP B 143 13.73 26.29 30.91
CA ASP B 143 13.44 26.34 32.33
C ASP B 143 12.08 25.75 32.60
N ILE B 144 11.21 25.83 31.59
CA ILE B 144 9.85 25.30 31.65
C ILE B 144 9.47 24.93 30.24
N SER B 145 8.74 23.82 30.15
CA SER B 145 8.30 23.28 28.90
C SER B 145 6.78 23.16 28.90
N VAL B 146 6.11 23.76 27.92
CA VAL B 146 4.71 23.44 27.62
C VAL B 146 4.70 22.72 26.25
N ASP B 147 4.28 21.44 26.30
CA ASP B 147 4.17 20.58 25.10
C ASP B 147 2.69 20.38 24.85
N MET B 148 2.21 21.01 23.79
CA MET B 148 0.78 21.13 23.55
C MET B 148 0.24 19.97 22.68
N HIS B 149 -0.66 19.16 23.27
CA HIS B 149 -1.29 18.04 22.61
C HIS B 149 -2.81 18.17 22.70
N THR B 150 -3.46 17.24 21.97
CA THR B 150 -4.90 16.98 22.03
C THR B 150 -4.97 15.49 21.73
N ALA B 151 -6.18 14.95 21.76
CA ALA B 151 -6.37 13.55 21.49
C ALA B 151 -6.38 13.20 20.00
N GLY B 152 -6.23 14.20 19.09
CA GLY B 152 -6.15 13.94 17.63
C GLY B 152 -7.35 13.13 17.17
N HIS B 153 -7.13 12.02 16.45
CA HIS B 153 -8.19 11.14 15.93
C HIS B 153 -8.66 10.06 16.91
N SER B 154 -7.98 9.92 18.05
CA SER B 154 -8.21 8.79 18.95
C SER B 154 -9.42 8.99 19.90
N TYR B 155 -9.55 10.22 20.41
CA TYR B 155 -10.58 10.62 21.41
C TYR B 155 -11.00 12.06 21.17
N ASP B 156 -11.98 12.54 21.94
CA ASP B 156 -12.01 13.98 22.32
C ASP B 156 -11.55 14.12 23.77
N SER B 157 -11.05 15.31 24.12
CA SER B 157 -10.62 15.62 25.47
C SER B 157 -11.26 16.91 25.91
N THR B 158 -11.58 17.00 27.21
CA THR B 158 -12.05 18.29 27.73
C THR B 158 -10.81 19.18 27.94
N PRO B 159 -10.89 20.47 27.57
CA PRO B 159 -9.64 21.25 27.60
C PRO B 159 -8.98 21.20 28.97
N SER B 160 -7.68 20.95 28.96
CA SER B 160 -7.00 20.63 30.21
C SER B 160 -5.48 20.74 30.03
N THR B 161 -4.78 20.89 31.16
CA THR B 161 -3.35 20.61 31.20
C THR B 161 -3.15 19.23 31.82
N ASN B 162 -1.92 18.75 31.78
CA ASN B 162 -1.58 17.52 32.47
C ASN B 162 -0.10 17.52 32.85
N MET B 163 0.24 16.67 33.81
CA MET B 163 1.59 16.55 34.37
C MET B 163 1.66 15.17 35.04
N HIS B 164 2.83 14.78 35.55
CA HIS B 164 2.93 13.50 36.29
C HIS B 164 3.09 13.76 37.77
N TYR B 165 2.80 12.75 38.60
CA TYR B 165 3.12 12.82 40.03
C TYR B 165 4.63 12.65 40.21
N LEU B 166 5.35 13.76 40.17
CA LEU B 166 6.79 13.75 40.29
C LEU B 166 7.27 13.25 41.67
N ALA B 167 8.41 12.57 41.68
CA ALA B 167 9.08 12.23 42.95
C ALA B 167 9.68 13.46 43.68
N ASP B 168 10.23 14.43 42.95
CA ASP B 168 10.71 15.68 43.56
C ASP B 168 9.51 16.51 44.03
N PRO B 169 9.27 16.62 45.36
CA PRO B 169 8.05 17.31 45.82
C PRO B 169 8.02 18.80 45.52
N ALA B 170 9.19 19.44 45.41
CA ALA B 170 9.20 20.89 45.20
C ALA B 170 8.89 21.23 43.75
N LEU B 171 9.48 20.44 42.84
CA LEU B 171 9.17 20.53 41.42
C LEU B 171 7.68 20.15 41.19
N ARG B 172 7.19 19.16 41.89
CA ARG B 172 5.78 18.83 41.81
C ARG B 172 4.90 20.10 42.08
N ALA B 173 5.16 20.78 43.20
CA ALA B 173 4.38 21.97 43.57
C ALA B 173 4.56 23.12 42.56
N ARG B 174 5.78 23.33 42.07
CA ARG B 174 6.04 24.32 41.00
C ARG B 174 5.24 24.03 39.72
N THR B 175 5.12 22.75 39.37
CA THR B 175 4.36 22.34 38.18
C THR B 175 2.84 22.56 38.41
N LEU B 176 2.34 22.12 39.56
CA LEU B 176 0.97 22.48 39.95
C LEU B 176 0.72 24.00 39.86
N ALA B 177 1.63 24.81 40.39
CA ALA B 177 1.53 26.27 40.28
C ALA B 177 1.52 26.75 38.81
N ALA B 178 2.45 26.23 38.01
CA ALA B 178 2.45 26.51 36.59
C ALA B 178 1.11 26.18 35.92
N ALA B 179 0.55 25.00 36.26
CA ALA B 179 -0.76 24.53 35.73
C ALA B 179 -1.90 25.49 36.02
N GLU B 180 -2.00 25.91 37.29
CA GLU B 180 -2.95 26.94 37.74
C GLU B 180 -2.78 28.23 36.97
N ALA B 181 -1.55 28.66 36.76
CA ALA B 181 -1.30 29.87 35.94
C ALA B 181 -1.81 29.74 34.49
N PHE B 182 -1.43 28.66 33.79
CA PHE B 182 -2.00 28.28 32.46
C PHE B 182 -3.53 28.46 32.44
N GLY B 183 -4.22 27.91 33.41
CA GLY B 183 -5.61 28.29 33.67
C GLY B 183 -6.65 27.59 32.82
N ALA B 184 -6.38 26.34 32.45
CA ALA B 184 -7.36 25.49 31.76
C ALA B 184 -8.37 25.09 32.84
N PRO B 185 -9.61 24.68 32.45
CA PRO B 185 -10.59 24.25 33.46
C PRO B 185 -10.10 23.17 34.41
N HIS B 186 -9.37 22.19 33.88
CA HIS B 186 -8.83 21.08 34.66
C HIS B 186 -7.35 20.86 34.39
N ASN B 187 -6.66 20.38 35.42
CA ASN B 187 -5.29 19.95 35.29
C ASN B 187 -5.27 18.57 35.81
N VAL B 188 -4.80 17.62 35.00
CA VAL B 188 -4.84 16.23 35.35
C VAL B 188 -3.44 15.72 35.66
N VAL B 189 -3.26 15.21 36.89
CA VAL B 189 -1.99 14.62 37.32
C VAL B 189 -2.03 13.11 37.01
N GLY B 196 7.26 6.35 29.20
CA GLY B 196 8.70 6.63 29.47
C GLY B 196 9.52 6.98 28.23
N SER B 197 8.86 7.08 27.07
CA SER B 197 9.52 7.40 25.82
CA SER B 197 9.57 7.45 25.85
C SER B 197 8.90 8.63 25.14
N THR B 198 8.14 9.40 25.92
CA THR B 198 7.49 10.61 25.45
C THR B 198 8.44 11.79 25.63
N PHE B 199 8.09 12.93 25.02
CA PHE B 199 8.87 14.16 25.19
C PHE B 199 8.82 14.63 26.64
N THR B 200 7.63 14.61 27.23
CA THR B 200 7.44 15.10 28.60
C THR B 200 8.26 14.24 29.58
N SER B 201 8.40 12.94 29.30
CA SER B 201 9.24 12.09 30.13
C SER B 201 10.73 12.55 30.10
N CYS B 202 11.19 13.06 28.96
CA CYS B 202 12.51 13.68 28.83
C CYS B 202 12.67 14.99 29.60
N VAL B 203 11.64 15.83 29.54
CA VAL B 203 11.61 17.10 30.26
C VAL B 203 11.74 16.80 31.77
N GLU B 204 10.96 15.83 32.23
CA GLU B 204 10.92 15.42 33.63
C GLU B 204 12.23 14.78 34.10
N ARG B 205 12.89 14.03 33.22
CA ARG B 205 14.19 13.42 33.55
C ARG B 205 15.28 14.48 33.72
N ARG B 206 15.12 15.57 32.99
CA ARG B 206 16.06 16.70 33.07
C ARG B 206 15.72 17.67 34.22
N GLY B 207 14.67 17.36 34.99
CA GLY B 207 14.28 18.18 36.15
C GLY B 207 13.76 19.56 35.75
N ILE B 208 13.19 19.61 34.55
CA ILE B 208 12.58 20.83 34.01
C ILE B 208 11.05 20.84 34.30
N VAL B 209 10.48 21.98 34.69
CA VAL B 209 8.99 22.08 34.75
C VAL B 209 8.37 21.64 33.40
N SER B 210 7.48 20.64 33.49
CA SER B 210 6.79 20.07 32.33
C SER B 210 5.26 20.13 32.43
N LEU B 211 4.63 20.88 31.53
CA LEU B 211 3.19 20.76 31.34
C LEU B 211 2.86 20.14 29.99
N GLY B 212 1.90 19.23 29.99
CA GLY B 212 1.23 18.84 28.75
C GLY B 212 -0.14 19.50 28.70
N THR B 213 -0.80 19.44 27.53
CA THR B 213 -2.18 19.90 27.41
C THR B 213 -2.98 18.82 26.73
N GLU B 214 -4.28 18.83 26.95
CA GLU B 214 -5.17 18.08 26.10
C GLU B 214 -6.32 19.01 25.71
N LEU B 215 -6.30 19.50 24.45
CA LEU B 215 -7.18 20.63 24.08
C LEU B 215 -8.20 20.34 22.98
N GLY B 216 -8.56 19.07 22.83
CA GLY B 216 -9.55 18.68 21.86
C GLY B 216 -9.29 17.25 21.34
N GLY B 217 -9.50 17.07 20.03
CA GLY B 217 -9.44 15.78 19.38
C GLY B 217 -10.58 15.70 18.39
N TRP B 218 -11.10 14.48 18.23
CA TRP B 218 -12.15 14.17 17.29
C TRP B 218 -11.70 14.54 15.88
N GLY B 219 -10.40 14.58 15.65
CA GLY B 219 -9.87 14.90 14.32
C GLY B 219 -10.17 16.33 13.85
N ARG B 220 -10.76 17.15 14.70
CA ARG B 220 -11.16 18.51 14.36
C ARG B 220 -10.41 19.60 15.18
N VAL B 221 -10.72 20.87 14.87
CA VAL B 221 -10.19 22.00 15.64
C VAL B 221 -11.25 22.44 16.63
N ASN B 222 -10.85 22.48 17.90
CA ASN B 222 -11.72 22.81 19.01
C ASN B 222 -11.56 24.30 19.31
N ILE B 223 -12.64 25.04 19.06
CA ILE B 223 -12.67 26.50 19.26
C ILE B 223 -12.30 26.96 20.70
N GLU B 224 -12.87 26.33 21.71
CA GLU B 224 -12.48 26.60 23.10
C GLU B 224 -11.07 26.13 23.43
N GLY B 225 -10.66 25.02 22.83
CA GLY B 225 -9.32 24.50 22.95
C GLY B 225 -8.32 25.50 22.44
N VAL B 226 -8.57 26.08 21.27
CA VAL B 226 -7.69 27.17 20.82
C VAL B 226 -7.69 28.37 21.80
N ARG B 227 -8.86 28.78 22.28
CA ARG B 227 -8.92 29.98 23.11
C ARG B 227 -8.10 29.75 24.38
N ILE B 228 -8.36 28.61 25.01
CA ILE B 228 -7.73 28.24 26.26
C ILE B 228 -6.23 28.06 26.08
N GLY B 229 -5.86 27.46 24.95
CA GLY B 229 -4.46 27.26 24.60
C GLY B 229 -3.74 28.57 24.33
N LYS B 230 -4.38 29.49 23.61
CA LYS B 230 -3.72 30.79 23.35
C LYS B 230 -3.53 31.56 24.66
N ARG B 231 -4.53 31.52 25.52
CA ARG B 231 -4.45 32.25 26.78
C ARG B 231 -3.47 31.55 27.73
N GLY B 232 -3.46 30.20 27.68
CA GLY B 232 -2.57 29.40 28.53
C GLY B 232 -1.10 29.76 28.35
N ILE B 233 -0.68 29.89 27.10
CA ILE B 233 0.71 30.14 26.86
C ILE B 233 1.15 31.56 27.24
N LEU B 234 0.25 32.53 27.07
CA LEU B 234 0.47 33.89 27.55
C LEU B 234 0.55 33.89 29.07
N ASN B 235 -0.37 33.18 29.72
CA ASN B 235 -0.38 33.02 31.20
C ASN B 235 0.91 32.45 31.78
N VAL B 236 1.46 31.41 31.15
CA VAL B 236 2.73 30.85 31.58
C VAL B 236 3.89 31.86 31.44
N LEU B 237 3.89 32.63 30.35
CA LEU B 237 4.89 33.66 30.19
C LEU B 237 4.82 34.74 31.30
N LYS B 238 3.60 35.18 31.63
CA LYS B 238 3.32 36.10 32.74
C LYS B 238 3.78 35.49 34.07
N HIS B 239 3.39 34.23 34.30
CA HIS B 239 3.75 33.46 35.48
C HIS B 239 5.27 33.41 35.65
N MET B 240 5.99 33.21 34.56
CA MET B 240 7.40 33.01 34.63
C MET B 240 8.14 34.34 34.76
N GLY B 241 7.38 35.42 34.67
CA GLY B 241 7.90 36.79 34.65
C GLY B 241 8.48 37.23 33.31
N VAL B 242 8.18 36.51 32.23
CA VAL B 242 8.88 36.78 30.93
C VAL B 242 8.24 37.94 30.15
N ILE B 243 6.94 38.11 30.34
CA ILE B 243 6.21 39.23 29.82
C ILE B 243 5.36 39.84 30.95
N GLU B 244 5.02 41.12 30.83
CA GLU B 244 4.32 41.82 31.91
C GLU B 244 2.88 41.35 32.08
N GLY B 245 2.32 41.52 33.27
CA GLY B 245 0.96 41.15 33.56
C GLY B 245 0.83 39.95 34.48
N THR B 246 -0.42 39.71 34.86
CA THR B 246 -0.86 38.70 35.81
C THR B 246 -1.70 37.69 35.00
N PRO B 247 -1.52 36.37 35.26
CA PRO B 247 -2.30 35.37 34.51
C PRO B 247 -3.83 35.53 34.59
N GLU B 248 -4.52 35.34 33.46
CA GLU B 248 -5.99 35.41 33.39
C GLU B 248 -6.61 33.99 33.44
N THR B 249 -7.31 33.69 34.52
CA THR B 249 -7.65 32.31 34.83
C THR B 249 -9.12 32.15 35.05
N ALA B 250 -9.90 33.20 34.75
CA ALA B 250 -11.37 33.08 34.81
C ALA B 250 -11.88 31.95 33.92
N GLN B 251 -12.77 31.16 34.49
CA GLN B 251 -13.41 30.03 33.84
C GLN B 251 -14.83 30.38 33.41
N ARG B 252 -15.24 29.83 32.27
CA ARG B 252 -16.52 30.09 31.64
C ARG B 252 -17.72 29.80 32.54
N GLY B 253 -17.65 28.72 33.32
CA GLY B 253 -18.81 28.36 34.14
C GLY B 253 -18.84 29.07 35.48
N GLY B 254 -17.90 30.02 35.67
CA GLY B 254 -17.85 30.82 36.87
C GLY B 254 -16.68 30.57 37.80
N ALA B 255 -16.01 29.42 37.69
CA ALA B 255 -14.91 29.12 38.63
C ALA B 255 -13.72 30.10 38.48
N ALA B 256 -13.01 30.31 39.58
CA ALA B 256 -11.94 31.30 39.64
C ALA B 256 -10.67 30.89 38.90
N GLY B 257 -10.51 29.58 38.70
CA GLY B 257 -9.29 29.05 38.08
C GLY B 257 -9.35 27.56 37.86
N THR B 258 -8.19 26.96 37.63
CA THR B 258 -8.06 25.53 37.35
C THR B 258 -8.47 24.62 38.53
N ARG B 259 -9.06 23.47 38.22
CA ARG B 259 -9.31 22.43 39.21
C ARG B 259 -8.38 21.24 38.96
N HIS B 260 -7.55 20.92 39.96
CA HIS B 260 -6.65 19.79 39.93
C HIS B 260 -7.39 18.46 40.03
N MET B 261 -7.07 17.54 39.13
CA MET B 261 -7.76 16.26 39.03
C MET B 261 -6.69 15.19 38.86
N MET B 262 -7.07 13.93 38.83
CA MET B 262 -6.10 12.84 38.61
C MET B 262 -6.68 11.61 37.94
N VAL B 263 -5.84 10.90 37.19
CA VAL B 263 -6.16 9.56 36.71
C VAL B 263 -5.05 8.62 37.19
N ARG B 264 -5.44 7.59 37.93
CA ARG B 264 -4.55 6.85 38.84
C ARG B 264 -4.85 5.35 38.85
N GLU B 265 -6.10 4.94 38.64
CA GLU B 265 -6.40 3.51 38.64
C GLU B 265 -7.05 2.95 37.39
N ALA B 266 -6.85 1.65 37.19
CA ALA B 266 -7.41 0.88 36.09
C ALA B 266 -8.89 1.12 35.96
N ASP B 267 -9.58 1.18 37.10
CA ASP B 267 -11.02 1.46 37.20
C ASP B 267 -11.46 2.71 36.45
N ALA B 268 -10.53 3.62 36.23
CA ALA B 268 -10.80 4.90 35.59
C ALA B 268 -11.06 4.75 34.06
N TYR B 269 -10.65 3.63 33.49
CA TYR B 269 -10.68 3.39 32.05
C TYR B 269 -11.85 2.46 31.70
N VAL B 270 -12.74 2.91 30.82
CA VAL B 270 -13.79 2.05 30.29
C VAL B 270 -13.21 1.46 29.02
N MET B 271 -13.13 0.14 28.99
CA MET B 271 -12.35 -0.55 27.96
C MET B 271 -13.33 -1.29 27.07
N ALA B 272 -13.05 -1.34 25.77
CA ALA B 272 -13.91 -2.11 24.84
C ALA B 272 -13.51 -3.59 24.83
N PRO B 273 -14.38 -4.51 25.28
CA PRO B 273 -14.03 -5.96 25.24
C PRO B 273 -14.09 -6.60 23.83
N ARG B 274 -14.71 -5.89 22.87
CA ARG B 274 -15.04 -6.41 21.54
C ARG B 274 -14.94 -5.29 20.55
N THR B 275 -14.62 -5.63 19.32
CA THR B 275 -14.67 -4.70 18.18
C THR B 275 -16.13 -4.50 17.72
N GLY B 276 -16.51 -3.25 17.46
CA GLY B 276 -17.87 -2.97 17.03
C GLY B 276 -18.10 -1.49 17.04
N LEU B 277 -19.36 -1.12 17.10
CA LEU B 277 -19.78 0.26 16.95
C LEU B 277 -20.16 0.79 18.31
N PHE B 278 -19.32 1.67 18.89
CA PHE B 278 -19.60 2.20 20.23
C PHE B 278 -20.44 3.47 20.27
N GLU B 279 -21.61 3.37 20.90
CA GLU B 279 -22.50 4.50 21.21
C GLU B 279 -22.33 4.90 22.69
N PRO B 280 -21.76 6.08 22.96
CA PRO B 280 -21.61 6.59 24.32
C PRO B 280 -22.90 7.17 24.90
N THR B 281 -22.95 7.27 26.23
CA THR B 281 -24.04 7.98 26.91
C THR B 281 -23.62 9.37 27.31
N HIS B 282 -22.31 9.63 27.35
CA HIS B 282 -21.79 10.93 27.77
C HIS B 282 -20.61 11.42 26.94
N TYR B 283 -20.38 12.73 26.97
CA TYR B 283 -19.22 13.33 26.34
C TYR B 283 -18.20 13.78 27.40
N VAL B 284 -16.98 14.08 26.95
CA VAL B 284 -15.98 14.75 27.80
C VAL B 284 -16.59 15.95 28.56
N GLY B 285 -16.10 16.19 29.79
CA GLY B 285 -16.56 17.30 30.62
C GLY B 285 -17.78 16.98 31.46
N GLU B 286 -18.33 15.78 31.28
CA GLU B 286 -19.58 15.39 31.95
C GLU B 286 -19.35 14.49 33.14
N GLU B 287 -20.19 14.71 34.16
CA GLU B 287 -20.12 13.99 35.44
C GLU B 287 -20.69 12.63 35.22
N VAL B 288 -20.02 11.62 35.73
CA VAL B 288 -20.52 10.25 35.62
C VAL B 288 -20.40 9.56 36.96
N ARG B 289 -21.20 8.53 37.17
CA ARG B 289 -21.21 7.82 38.44
C ARG B 289 -20.95 6.35 38.20
N THR B 290 -20.39 5.71 39.22
CA THR B 290 -20.03 4.30 39.19
C THR B 290 -21.28 3.44 38.95
N GLY B 291 -21.13 2.34 38.20
CA GLY B 291 -22.25 1.50 37.79
C GLY B 291 -23.22 2.02 36.73
N GLU B 292 -23.16 3.32 36.39
CA GLU B 292 -24.01 3.80 35.29
C GLU B 292 -23.51 3.37 33.90
N THR B 293 -24.42 3.30 32.94
CA THR B 293 -24.07 2.88 31.57
C THR B 293 -23.14 3.91 30.88
N ALA B 294 -22.05 3.39 30.34
CA ALA B 294 -21.07 4.22 29.63
C ALA B 294 -21.45 4.32 28.15
N GLY B 295 -22.13 3.27 27.68
CA GLY B 295 -22.50 3.12 26.28
C GLY B 295 -22.67 1.65 25.93
N TRP B 296 -22.78 1.40 24.64
CA TRP B 296 -23.06 0.08 24.08
C TRP B 296 -22.20 -0.15 22.86
N ILE B 297 -21.69 -1.35 22.74
CA ILE B 297 -21.05 -1.75 21.50
C ILE B 297 -22.11 -2.46 20.67
N HIS B 298 -22.43 -1.90 19.51
CA HIS B 298 -23.34 -2.54 18.55
C HIS B 298 -22.62 -3.49 17.61
N PHE B 299 -23.28 -4.60 17.29
CA PHE B 299 -22.84 -5.56 16.29
C PHE B 299 -23.66 -5.47 15.01
N VAL B 300 -23.41 -4.43 14.22
CA VAL B 300 -24.24 -4.17 13.06
C VAL B 300 -24.12 -5.20 11.95
N GLU B 301 -23.09 -6.04 12.07
CA GLU B 301 -22.83 -7.13 11.16
C GLU B 301 -23.84 -8.28 11.33
N ASP B 302 -24.50 -8.30 12.49
CA ASP B 302 -25.49 -9.34 12.86
C ASP B 302 -26.91 -8.83 12.81
N VAL B 303 -27.82 -9.64 12.30
CA VAL B 303 -29.23 -9.45 12.59
C VAL B 303 -29.45 -9.95 14.04
N ASP B 304 -30.51 -9.49 14.69
CA ASP B 304 -30.93 -10.02 16.01
C ASP B 304 -29.99 -9.79 17.23
N THR B 305 -28.67 -9.79 17.05
CA THR B 305 -27.72 -9.68 18.20
C THR B 305 -27.84 -8.38 19.02
N ALA B 306 -28.02 -8.53 20.32
CA ALA B 306 -28.16 -7.36 21.21
C ALA B 306 -26.80 -6.65 21.35
N PRO B 307 -26.82 -5.33 21.54
CA PRO B 307 -25.55 -4.66 21.81
C PRO B 307 -25.03 -4.94 23.23
N LEU B 308 -23.73 -4.80 23.40
CA LEU B 308 -23.03 -5.03 24.67
C LEU B 308 -22.94 -3.74 25.51
N GLU B 309 -23.58 -3.75 26.69
CA GLU B 309 -23.63 -2.60 27.55
C GLU B 309 -22.31 -2.45 28.30
N LEU B 310 -21.73 -1.25 28.34
CA LEU B 310 -20.52 -1.02 29.12
C LEU B 310 -20.87 -0.06 30.24
N LEU B 311 -20.19 -0.23 31.39
CA LEU B 311 -20.47 0.52 32.61
C LEU B 311 -19.22 1.25 33.10
N TYR B 312 -19.42 2.47 33.55
CA TYR B 312 -18.41 3.19 34.30
C TYR B 312 -18.17 2.50 35.66
N ARG B 313 -16.92 2.53 36.11
CA ARG B 313 -16.50 1.89 37.36
C ARG B 313 -16.01 2.89 38.40
N ARG B 314 -16.12 4.19 38.08
CA ARG B 314 -15.66 5.25 38.97
C ARG B 314 -16.53 6.47 38.77
N ASP B 315 -16.80 7.16 39.89
CA ASP B 315 -17.36 8.50 39.88
C ASP B 315 -16.32 9.46 39.39
N GLY B 316 -16.76 10.52 38.71
CA GLY B 316 -15.87 11.58 38.28
C GLY B 316 -16.40 12.28 37.05
N ILE B 317 -15.48 12.85 36.30
CA ILE B 317 -15.74 13.62 35.07
C ILE B 317 -14.95 12.96 33.95
N VAL B 318 -15.60 12.84 32.78
CA VAL B 318 -14.98 12.24 31.58
C VAL B 318 -13.89 13.16 31.06
N TRP B 319 -12.68 12.64 31.04
CA TRP B 319 -11.53 13.41 30.61
C TRP B 319 -11.29 13.16 29.11
N PHE B 320 -11.13 11.90 28.73
CA PHE B 320 -11.10 11.50 27.33
C PHE B 320 -12.42 10.73 27.06
N GLY B 321 -13.08 11.06 25.96
CA GLY B 321 -14.31 10.36 25.50
C GLY B 321 -14.03 9.68 24.18
N ALA B 322 -14.82 8.68 23.85
CA ALA B 322 -14.68 7.95 22.58
C ALA B 322 -14.48 8.84 21.31
N GLY B 323 -13.57 8.40 20.45
CA GLY B 323 -13.27 9.09 19.20
C GLY B 323 -14.04 8.47 18.05
N PRO B 324 -13.44 7.48 17.39
CA PRO B 324 -14.07 6.77 16.28
C PRO B 324 -15.32 6.05 16.72
N GLY B 325 -16.34 5.99 15.85
CA GLY B 325 -17.55 5.21 16.16
C GLY B 325 -17.23 3.73 16.25
N ARG B 326 -16.46 3.23 15.29
CA ARG B 326 -16.07 1.84 15.27
C ARG B 326 -14.77 1.68 16.04
N VAL B 327 -14.90 0.99 17.17
CA VAL B 327 -13.81 0.79 18.12
C VAL B 327 -13.27 -0.63 18.00
N THR B 328 -12.00 -0.77 18.38
CA THR B 328 -11.30 -2.04 18.35
C THR B 328 -11.23 -2.58 19.76
N ARG B 329 -11.40 -3.89 19.90
CA ARG B 329 -11.16 -4.59 21.17
C ARG B 329 -9.84 -4.09 21.77
N GLY B 330 -9.89 -3.69 23.04
CA GLY B 330 -8.70 -3.25 23.72
C GLY B 330 -8.58 -1.73 23.74
N ASP B 331 -9.41 -1.02 22.95
CA ASP B 331 -9.44 0.44 23.00
C ASP B 331 -10.08 0.89 24.28
N ALA B 332 -9.63 2.03 24.78
CA ALA B 332 -10.34 2.77 25.80
C ALA B 332 -11.45 3.57 25.08
N VAL B 333 -12.64 3.61 25.64
CA VAL B 333 -13.76 4.44 25.09
C VAL B 333 -14.16 5.59 26.04
N ALA B 334 -13.62 5.59 27.26
CA ALA B 334 -13.76 6.71 28.19
C ALA B 334 -12.66 6.59 29.24
N VAL B 335 -12.17 7.73 29.69
CA VAL B 335 -11.20 7.80 30.78
C VAL B 335 -11.73 8.84 31.74
N VAL B 336 -12.08 8.40 32.95
CA VAL B 336 -12.68 9.25 33.98
C VAL B 336 -11.63 9.83 34.98
N MET B 337 -11.65 11.17 35.16
CA MET B 337 -10.83 11.88 36.17
C MET B 337 -11.63 12.15 37.45
N GLU B 338 -10.91 12.19 38.57
CA GLU B 338 -11.47 12.50 39.92
C GLU B 338 -10.62 13.57 40.60
N ASP B 339 -11.18 14.20 41.65
CA ASP B 339 -10.49 15.24 42.41
C ASP B 339 -9.11 14.76 42.84
N TYR B 340 -8.12 15.64 42.65
CA TYR B 340 -6.72 15.39 42.99
C TYR B 340 -6.53 15.31 44.50
N ASN B 341 -5.65 14.43 44.91
CA ASN B 341 -5.25 14.25 46.31
C ASN B 341 -3.74 14.09 46.36
N ASP B 342 -3.04 14.91 47.16
CA ASP B 342 -1.55 14.89 47.10
C ASP B 342 -0.88 13.73 47.84
N SER C 9 8.85 -4.20 31.44
CA SER C 9 8.06 -4.24 30.17
C SER C 9 6.88 -3.26 30.18
N ARG C 10 6.62 -2.65 29.03
CA ARG C 10 5.40 -1.85 28.85
C ARG C 10 4.15 -2.74 28.77
N ILE C 11 4.36 -4.03 28.58
CA ILE C 11 3.25 -4.97 28.48
C ILE C 11 2.83 -5.34 29.89
N ALA C 12 1.58 -5.03 30.22
CA ALA C 12 1.08 -5.25 31.55
C ALA C 12 0.42 -6.62 31.63
N CYS C 13 0.52 -7.23 32.79
CA CYS C 13 -0.14 -8.50 33.07
C CYS C 13 -0.37 -8.53 34.59
N ASP C 14 -1.59 -8.83 34.98
CA ASP C 14 -1.99 -8.81 36.37
C ASP C 14 -2.02 -10.22 36.91
N ILE C 15 -1.68 -11.21 36.09
CA ILE C 15 -1.66 -12.60 36.55
C ILE C 15 -0.62 -12.85 37.65
N ASP C 16 -1.06 -13.51 38.71
CA ASP C 16 -0.15 -13.92 39.77
C ASP C 16 0.29 -15.36 39.55
N PHE C 17 1.50 -15.53 39.03
CA PHE C 17 1.95 -16.82 38.58
C PHE C 17 2.39 -17.76 39.73
N ASP C 18 2.29 -17.27 40.97
CA ASP C 18 2.69 -17.98 42.17
C ASP C 18 1.46 -18.47 42.93
N ARG C 19 0.28 -18.08 42.45
CA ARG C 19 -0.98 -18.40 43.12
C ARG C 19 -1.51 -19.75 42.65
N ASP C 20 -1.94 -20.59 43.60
CA ASP C 20 -2.49 -21.89 43.24
C ASP C 20 -3.85 -21.74 42.58
N GLY C 21 -4.11 -22.66 41.66
CA GLY C 21 -5.38 -22.69 40.98
C GLY C 21 -5.20 -22.26 39.53
N ARG C 22 -6.24 -21.63 38.97
CA ARG C 22 -6.29 -21.31 37.56
C ARG C 22 -6.53 -19.83 37.39
N GLN C 23 -5.73 -19.22 36.51
CA GLN C 23 -5.95 -17.83 36.03
C GLN C 23 -5.90 -17.84 34.50
N ALA C 24 -6.97 -17.38 33.87
CA ALA C 24 -7.03 -17.18 32.43
C ALA C 24 -7.34 -15.72 32.21
N GLY C 25 -6.44 -15.05 31.51
CA GLY C 25 -6.59 -13.64 31.23
C GLY C 25 -5.65 -13.22 30.15
N TYR C 26 -5.23 -11.95 30.18
CA TYR C 26 -4.41 -11.40 29.09
C TYR C 26 -3.23 -10.57 29.51
N ALA C 27 -2.16 -10.61 28.72
CA ALA C 27 -1.15 -9.56 28.78
C ALA C 27 -1.62 -8.45 27.85
N ARG C 28 -1.57 -7.21 28.33
CA ARG C 28 -2.04 -6.05 27.56
C ARG C 28 -0.85 -5.34 26.95
N ALA C 29 -0.68 -5.52 25.65
CA ALA C 29 0.47 -4.96 24.94
C ALA C 29 0.10 -3.62 24.28
N PRO C 30 0.71 -2.49 24.68
CA PRO C 30 0.34 -1.19 24.07
C PRO C 30 0.58 -1.21 22.56
N LEU C 31 -0.34 -0.61 21.79
CA LEU C 31 -0.22 -0.54 20.34
C LEU C 31 -0.78 0.80 19.86
N SER C 32 0.12 1.71 19.48
CA SER C 32 -0.25 3.00 18.96
C SER C 32 -0.71 2.95 17.50
N ARG C 33 -2.00 3.24 17.21
CA ARG C 33 -2.51 3.40 15.83
C ARG C 33 -2.93 4.84 15.57
N ASN C 34 -3.10 5.19 14.30
CA ASN C 34 -3.54 6.53 13.95
C ASN C 34 -4.83 7.02 14.64
N ASN C 35 -5.84 6.15 14.78
CA ASN C 35 -7.06 6.49 15.53
C ASN C 35 -7.21 5.78 16.89
N SER C 36 -6.08 5.26 17.39
CA SER C 36 -6.07 4.66 18.73
C SER C 36 -4.65 4.80 19.30
N GLY C 37 -4.32 6.02 19.75
CA GLY C 37 -2.99 6.32 20.26
C GLY C 37 -2.62 5.43 21.45
N TRP C 38 -3.64 5.14 22.27
CA TRP C 38 -3.52 4.37 23.51
CA TRP C 38 -3.47 4.34 23.48
C TRP C 38 -4.18 2.99 23.39
N GLY C 39 -4.16 2.40 22.20
CA GLY C 39 -4.75 1.07 21.97
C GLY C 39 -3.92 -0.06 22.59
N THR C 40 -4.53 -1.22 22.81
CA THR C 40 -3.82 -2.33 23.42
C THR C 40 -4.19 -3.57 22.67
N VAL C 41 -3.25 -4.51 22.57
CA VAL C 41 -3.64 -5.82 22.08
C VAL C 41 -3.51 -6.86 23.22
N GLU C 42 -4.53 -7.69 23.31
CA GLU C 42 -4.64 -8.68 24.37
C GLU C 42 -4.09 -10.00 23.93
N ILE C 43 -3.13 -10.48 24.69
CA ILE C 43 -2.42 -11.73 24.41
C ILE C 43 -2.88 -12.73 25.45
N PRO C 44 -3.62 -13.78 25.05
CA PRO C 44 -4.11 -14.82 25.98
C PRO C 44 -3.00 -15.57 26.74
N ILE C 45 -3.18 -15.62 28.06
CA ILE C 45 -2.33 -16.37 29.00
C ILE C 45 -3.26 -17.12 29.94
N THR C 46 -3.05 -18.44 29.97
CA THR C 46 -3.60 -19.29 31.01
C THR C 46 -2.48 -19.96 31.88
N VAL C 47 -2.64 -19.85 33.20
CA VAL C 47 -1.72 -20.51 34.13
C VAL C 47 -2.55 -21.44 35.00
N VAL C 48 -2.09 -22.68 35.15
CA VAL C 48 -2.66 -23.61 36.14
C VAL C 48 -1.52 -24.03 37.08
N LYS C 49 -1.76 -23.89 38.40
CA LYS C 49 -0.73 -24.17 39.41
C LYS C 49 -1.32 -24.98 40.56
N ASN C 50 -0.59 -26.01 40.99
CA ASN C 50 -1.06 -26.89 42.07
C ASN C 50 0.03 -27.84 42.56
N GLY C 51 -0.05 -28.15 43.85
CA GLY C 51 0.91 -29.02 44.49
C GLY C 51 2.34 -28.58 44.27
N SER C 52 3.17 -29.55 43.93
CA SER C 52 4.60 -29.34 43.86
C SER C 52 5.06 -29.93 42.54
N GLY C 53 6.00 -29.26 41.86
CA GLY C 53 6.59 -29.80 40.61
C GLY C 53 7.15 -28.71 39.67
N PRO C 54 7.67 -29.10 38.50
CA PRO C 54 8.23 -28.10 37.59
C PRO C 54 7.20 -27.27 36.79
N THR C 55 7.72 -26.26 36.10
CA THR C 55 6.94 -25.33 35.31
C THR C 55 7.12 -25.65 33.82
N VAL C 56 5.99 -25.89 33.17
CA VAL C 56 5.99 -26.16 31.73
C VAL C 56 5.44 -24.91 31.00
N LEU C 57 6.20 -24.39 30.06
CA LEU C 57 5.75 -23.26 29.26
C LEU C 57 5.44 -23.72 27.84
N LEU C 58 4.20 -23.49 27.38
CA LEU C 58 3.80 -23.89 26.05
C LEU C 58 3.37 -22.67 25.28
N THR C 59 4.02 -22.45 24.16
CA THR C 59 3.74 -21.29 23.32
C THR C 59 3.36 -21.70 21.91
N GLY C 60 2.38 -20.98 21.34
CA GLY C 60 2.04 -21.13 19.92
C GLY C 60 1.83 -19.75 19.31
N GLY C 61 1.77 -19.70 17.99
CA GLY C 61 1.40 -18.46 17.28
C GLY C 61 2.48 -17.39 17.34
N VAL C 62 3.71 -17.81 17.55
CA VAL C 62 4.84 -16.87 17.50
C VAL C 62 4.90 -16.33 16.05
N HIS C 63 4.61 -17.20 15.08
CA HIS C 63 4.26 -16.78 13.75
C HIS C 63 2.76 -16.92 13.54
N GLY C 64 2.13 -15.86 13.03
CA GLY C 64 0.66 -15.80 12.89
C GLY C 64 0.02 -16.88 12.05
N ASP C 65 0.77 -17.41 11.09
CA ASP C 65 0.24 -18.39 10.13
C ASP C 65 0.60 -19.85 10.47
N GLU C 66 0.93 -20.09 11.72
CA GLU C 66 1.29 -21.45 12.15
C GLU C 66 0.30 -21.92 13.19
N TYR C 67 -0.65 -22.73 12.76
CA TYR C 67 -1.93 -22.93 13.48
C TYR C 67 -1.93 -24.00 14.57
N GLU C 68 -1.23 -25.11 14.31
CA GLU C 68 -1.34 -26.30 15.14
C GLU C 68 -1.06 -26.04 16.64
N GLY C 69 -0.06 -25.22 16.98
CA GLY C 69 0.16 -24.79 18.35
C GLY C 69 -0.94 -23.92 18.93
N GLN C 70 -1.49 -23.05 18.11
CA GLN C 70 -2.62 -22.24 18.53
C GLN C 70 -3.82 -23.11 18.93
N ILE C 71 -4.13 -24.08 18.07
CA ILE C 71 -5.19 -25.04 18.34
C ILE C 71 -4.86 -25.88 19.58
N ALA C 72 -3.71 -26.55 19.56
CA ALA C 72 -3.42 -27.56 20.60
C ALA C 72 -3.35 -26.91 21.98
N ILE C 73 -2.62 -25.80 22.09
CA ILE C 73 -2.47 -25.07 23.36
C ILE C 73 -3.76 -24.40 23.87
N SER C 74 -4.53 -23.78 22.96
CA SER C 74 -5.75 -23.09 23.38
C SER C 74 -6.77 -24.11 23.85
N ASP C 75 -6.78 -25.27 23.21
CA ASP C 75 -7.64 -26.39 23.61
C ASP C 75 -7.33 -26.88 25.06
N LEU C 76 -6.06 -27.17 25.32
CA LEU C 76 -5.59 -27.59 26.65
C LEU C 76 -5.81 -26.51 27.73
N ALA C 77 -5.60 -25.25 27.34
CA ALA C 77 -5.77 -24.16 28.31
C ALA C 77 -7.22 -24.11 28.77
N ARG C 78 -8.15 -24.34 27.84
CA ARG C 78 -9.57 -24.35 28.20
C ARG C 78 -9.93 -25.50 29.16
N ARG C 79 -9.31 -26.67 28.95
CA ARG C 79 -9.69 -27.93 29.61
C ARG C 79 -8.92 -28.34 30.89
N LEU C 80 -7.64 -27.97 30.97
CA LEU C 80 -6.78 -28.40 32.07
C LEU C 80 -7.24 -27.85 33.43
N ARG C 81 -7.33 -28.74 34.42
CA ARG C 81 -7.86 -28.41 35.76
C ARG C 81 -6.73 -28.42 36.79
N PRO C 82 -6.74 -27.47 37.74
CA PRO C 82 -5.67 -27.43 38.75
C PRO C 82 -5.53 -28.74 39.54
N GLU C 83 -6.60 -29.49 39.76
CA GLU C 83 -6.50 -30.77 40.50
C GLU C 83 -5.70 -31.87 39.79
N GLU C 84 -5.59 -31.75 38.46
CA GLU C 84 -4.84 -32.72 37.65
C GLU C 84 -3.35 -32.44 37.73
N VAL C 85 -3.01 -31.27 38.24
CA VAL C 85 -1.65 -30.75 38.12
C VAL C 85 -0.87 -30.81 39.43
N GLN C 86 0.40 -31.16 39.30
CA GLN C 86 1.38 -31.03 40.36
C GLN C 86 2.58 -30.29 39.76
N GLY C 87 2.66 -29.00 40.05
CA GLY C 87 3.60 -28.09 39.43
C GLY C 87 2.82 -26.93 38.78
N ARG C 88 3.31 -26.47 37.64
CA ARG C 88 2.77 -25.26 37.00
C ARG C 88 2.84 -25.36 35.46
N VAL C 89 1.72 -25.05 34.81
CA VAL C 89 1.66 -24.97 33.34
C VAL C 89 1.22 -23.57 32.94
N ILE C 90 2.00 -22.96 32.08
CA ILE C 90 1.78 -21.62 31.53
C ILE C 90 1.57 -21.75 30.02
N MET C 91 0.42 -21.26 29.57
CA MET C 91 -0.10 -21.51 28.22
C MET C 91 -0.41 -20.19 27.48
N LEU C 92 0.39 -19.94 26.44
CA LEU C 92 0.25 -18.81 25.52
C LEU C 92 0.11 -19.37 24.10
N PRO C 93 -1.11 -19.69 23.69
CA PRO C 93 -1.36 -20.37 22.41
C PRO C 93 -1.21 -19.41 21.22
N ALA C 94 -1.24 -18.11 21.50
CA ALA C 94 -1.44 -17.11 20.43
C ALA C 94 -0.59 -15.91 20.74
N VAL C 95 0.72 -16.06 20.56
CA VAL C 95 1.69 -15.06 21.05
C VAL C 95 1.62 -13.78 20.23
N ASN C 96 1.71 -13.95 18.91
CA ASN C 96 1.90 -12.85 18.00
C ASN C 96 0.53 -12.40 17.44
N MET C 97 -0.31 -11.88 18.32
CA MET C 97 -1.72 -11.60 18.00
C MET C 97 -1.97 -10.79 16.72
N PRO C 98 -1.21 -9.70 16.49
CA PRO C 98 -1.42 -8.99 15.19
C PRO C 98 -1.15 -9.84 13.94
N ALA C 99 -0.13 -10.68 13.99
CA ALA C 99 0.19 -11.54 12.83
C ALA C 99 -0.82 -12.67 12.70
N ILE C 100 -1.31 -13.14 13.84
CA ILE C 100 -2.42 -14.12 13.84
C ILE C 100 -3.66 -13.53 13.14
N GLN C 101 -4.03 -12.28 13.49
CA GLN C 101 -5.15 -11.61 12.78
C GLN C 101 -4.93 -11.42 11.27
N SER C 102 -3.71 -11.10 10.84
CA SER C 102 -3.45 -11.05 9.39
C SER C 102 -3.13 -12.41 8.71
N ASP C 103 -3.01 -13.48 9.49
CA ASP C 103 -2.60 -14.77 8.94
C ASP C 103 -1.27 -14.72 8.22
N THR C 104 -0.29 -14.05 8.83
CA THR C 104 1.03 -13.88 8.22
C THR C 104 2.16 -14.27 9.19
N ARG C 105 3.30 -14.62 8.61
CA ARG C 105 4.53 -14.89 9.36
C ARG C 105 5.06 -13.59 9.95
N LEU C 106 5.08 -12.54 9.13
CA LEU C 106 5.61 -11.23 9.54
C LEU C 106 4.53 -10.33 10.16
N SER C 107 4.96 -9.44 11.05
CA SER C 107 4.03 -8.57 11.76
C SER C 107 3.46 -7.48 10.85
N PRO C 108 2.13 -7.36 10.77
CA PRO C 108 1.54 -6.23 10.08
C PRO C 108 1.75 -4.91 10.82
N VAL C 109 2.22 -4.95 12.06
CA VAL C 109 2.52 -3.73 12.82
C VAL C 109 3.82 -3.03 12.41
N ASP C 110 4.94 -3.76 12.50
CA ASP C 110 6.27 -3.23 12.23
C ASP C 110 7.06 -4.02 11.18
N GLY C 111 6.36 -4.93 10.49
CA GLY C 111 6.94 -5.66 9.35
C GLY C 111 7.93 -6.74 9.78
N ARG C 112 8.17 -6.87 11.08
CA ARG C 112 9.25 -7.75 11.55
C ARG C 112 8.79 -9.19 11.70
N ASP C 113 9.74 -10.10 11.50
CA ASP C 113 9.64 -11.48 11.96
C ASP C 113 10.07 -11.48 13.41
N ILE C 114 9.12 -11.71 14.30
CA ILE C 114 9.38 -11.61 15.73
C ILE C 114 10.47 -12.59 16.19
N ASN C 115 10.59 -13.69 15.46
CA ASN C 115 11.59 -14.71 15.74
C ASN C 115 12.95 -14.39 15.13
N ARG C 116 13.14 -13.12 14.71
CA ARG C 116 14.46 -12.55 14.44
C ARG C 116 14.75 -11.37 15.40
N CYS C 117 13.87 -11.16 16.37
CA CYS C 117 13.94 -10.01 17.28
C CYS C 117 14.36 -10.33 18.72
N PHE C 118 14.59 -11.60 19.06
CA PHE C 118 14.94 -11.93 20.43
C PHE C 118 16.42 -11.62 20.72
N PRO C 119 16.75 -11.28 21.98
CA PRO C 119 15.90 -11.24 23.20
C PRO C 119 14.97 -10.00 23.33
N GLY C 120 14.99 -9.13 22.34
CA GLY C 120 14.01 -8.06 22.23
C GLY C 120 14.47 -6.75 22.80
N ASP C 121 13.75 -5.69 22.46
CA ASP C 121 14.05 -4.35 23.01
C ASP C 121 12.77 -3.80 23.64
N PRO C 122 12.77 -3.57 24.98
CA PRO C 122 11.59 -3.07 25.68
C PRO C 122 11.11 -1.70 25.18
N ARG C 123 12.00 -0.94 24.56
CA ARG C 123 11.67 0.40 24.06
C ARG C 123 11.55 0.34 22.54
N GLY C 124 11.57 -0.86 21.96
CA GLY C 124 11.52 -0.99 20.51
C GLY C 124 10.13 -0.92 19.89
N THR C 125 10.03 -1.35 18.64
CA THR C 125 8.74 -1.44 18.00
C THR C 125 8.02 -2.65 18.59
N PHE C 126 6.78 -2.85 18.16
CA PHE C 126 5.89 -3.79 18.82
C PHE C 126 6.49 -5.20 18.90
N SER C 127 7.05 -5.69 17.80
CA SER C 127 7.56 -7.07 17.81
C SER C 127 8.75 -7.19 18.75
N GLN C 128 9.56 -6.12 18.84
CA GLN C 128 10.72 -6.13 19.72
C GLN C 128 10.28 -6.08 21.17
N MET C 129 9.28 -5.24 21.46
CA MET C 129 8.67 -5.13 22.79
C MET C 129 8.05 -6.48 23.26
N LEU C 130 7.30 -7.11 22.37
CA LEU C 130 6.72 -8.42 22.67
C LEU C 130 7.81 -9.48 22.82
N ALA C 131 8.87 -9.41 22.03
CA ALA C 131 9.99 -10.36 22.18
C ALA C 131 10.62 -10.24 23.57
N HIS C 132 10.84 -9.00 24.00
CA HIS C 132 11.38 -8.72 25.31
C HIS C 132 10.50 -9.23 26.45
N PHE C 133 9.18 -9.10 26.28
CA PHE C 133 8.23 -9.56 27.31
C PHE C 133 8.32 -11.07 27.48
N LEU C 134 8.44 -11.77 26.37
CA LEU C 134 8.48 -13.23 26.41
C LEU C 134 9.76 -13.76 27.01
N ASP C 135 10.88 -13.15 26.66
CA ASP C 135 12.16 -13.59 27.18
C ASP C 135 12.39 -13.21 28.64
N SER C 136 12.00 -12.00 29.02
CA SER C 136 12.36 -11.42 30.30
C SER C 136 11.34 -11.60 31.39
N VAL C 137 10.06 -11.67 31.04
CA VAL C 137 9.00 -11.81 32.04
C VAL C 137 8.47 -13.25 32.14
N ILE C 138 8.21 -13.88 30.98
CA ILE C 138 7.52 -15.16 30.97
C ILE C 138 8.48 -16.38 31.10
N LEU C 139 9.49 -16.40 30.25
CA LEU C 139 10.42 -17.53 30.12
C LEU C 139 11.20 -17.88 31.40
N PRO C 140 11.71 -16.86 32.14
CA PRO C 140 12.49 -17.26 33.33
C PRO C 140 11.78 -18.18 34.36
N MET C 141 10.45 -18.27 34.29
CA MET C 141 9.70 -19.13 35.20
C MET C 141 9.79 -20.59 34.80
N ALA C 142 10.24 -20.87 33.58
CA ALA C 142 10.09 -22.20 32.96
C ALA C 142 11.22 -23.17 33.25
N ASP C 143 10.84 -24.44 33.42
CA ASP C 143 11.81 -25.56 33.47
C ASP C 143 11.96 -26.22 32.13
N ILE C 144 10.92 -26.10 31.31
CA ILE C 144 10.95 -26.60 29.93
C ILE C 144 9.99 -25.74 29.10
N SER C 145 10.43 -25.44 27.89
CA SER C 145 9.67 -24.77 26.89
C SER C 145 9.42 -25.71 25.70
N VAL C 146 8.14 -25.82 25.33
CA VAL C 146 7.78 -26.34 24.02
C VAL C 146 7.20 -25.17 23.17
N ASP C 147 7.93 -24.74 22.17
CA ASP C 147 7.51 -23.68 21.25
C ASP C 147 6.97 -24.29 19.93
N MET C 148 5.65 -24.23 19.77
CA MET C 148 5.03 -24.96 18.69
C MET C 148 4.99 -24.15 17.38
N HIS C 149 5.68 -24.66 16.38
CA HIS C 149 5.75 -24.10 15.01
C HIS C 149 5.24 -25.05 13.93
N THR C 150 5.04 -24.48 12.73
CA THR C 150 4.81 -25.21 11.50
C THR C 150 5.54 -24.38 10.46
N ALA C 151 5.54 -24.85 9.21
CA ALA C 151 6.16 -24.09 8.13
C ALA C 151 5.27 -22.96 7.56
N GLY C 152 4.07 -22.75 8.13
CA GLY C 152 3.15 -21.69 7.67
C GLY C 152 2.89 -21.69 6.18
N HIS C 153 3.09 -20.53 5.53
CA HIS C 153 2.98 -20.43 4.06
C HIS C 153 4.22 -20.83 3.28
N SER C 154 5.34 -21.04 3.95
CA SER C 154 6.64 -21.29 3.28
C SER C 154 6.85 -22.72 2.71
N TYR C 155 6.40 -23.73 3.47
CA TYR C 155 6.61 -25.15 3.12
C TYR C 155 5.49 -25.97 3.68
N ASP C 156 5.44 -27.24 3.33
CA ASP C 156 4.84 -28.19 4.24
C ASP C 156 5.96 -28.84 5.08
N SER C 157 5.61 -29.33 6.27
CA SER C 157 6.58 -30.06 7.09
C SER C 157 5.97 -31.40 7.53
N THR C 158 6.78 -32.45 7.56
CA THR C 158 6.31 -33.70 8.14
C THR C 158 6.27 -33.59 9.67
N PRO C 159 5.18 -34.04 10.31
CA PRO C 159 5.04 -33.81 11.74
C PRO C 159 6.26 -34.30 12.57
N SER C 160 6.83 -33.38 13.35
CA SER C 160 8.17 -33.54 13.92
C SER C 160 8.46 -32.57 15.07
N THR C 161 9.36 -32.98 15.97
CA THR C 161 9.95 -32.03 16.94
C THR C 161 11.31 -31.60 16.44
N ASN C 162 11.87 -30.58 17.05
CA ASN C 162 13.24 -30.19 16.73
C ASN C 162 13.92 -29.64 17.99
N MET C 163 15.25 -29.57 17.92
CA MET C 163 16.07 -29.23 19.08
C MET C 163 17.49 -28.96 18.55
N HIS C 164 18.31 -28.30 19.37
CA HIS C 164 19.70 -28.04 18.96
C HIS C 164 20.65 -29.05 19.55
N TYR C 165 21.74 -29.33 18.84
CA TYR C 165 22.80 -30.12 19.45
C TYR C 165 23.43 -29.26 20.55
N LEU C 166 23.21 -29.63 21.78
CA LEU C 166 23.77 -28.92 22.92
C LEU C 166 25.16 -29.50 23.09
N ALA C 167 26.16 -28.64 23.26
CA ALA C 167 27.52 -29.13 23.53
C ALA C 167 27.57 -29.90 24.86
N ASP C 168 26.98 -29.31 25.92
CA ASP C 168 26.74 -30.01 27.18
C ASP C 168 25.93 -31.31 26.97
N PRO C 169 26.58 -32.47 27.11
CA PRO C 169 25.91 -33.76 26.93
C PRO C 169 24.77 -34.02 27.91
N ALA C 170 24.82 -33.44 29.10
CA ALA C 170 23.78 -33.70 30.09
C ALA C 170 22.44 -33.06 29.71
N LEU C 171 22.48 -31.80 29.29
CA LEU C 171 21.29 -31.09 28.85
C LEU C 171 20.84 -31.65 27.50
N ARG C 172 21.79 -32.19 26.74
CA ARG C 172 21.49 -32.83 25.47
C ARG C 172 20.60 -34.06 25.64
N ALA C 173 20.92 -34.92 26.62
CA ALA C 173 20.14 -36.14 26.87
C ALA C 173 18.77 -35.82 27.47
N ARG C 174 18.73 -34.82 28.33
CA ARG C 174 17.51 -34.31 28.93
C ARG C 174 16.54 -33.82 27.83
N THR C 175 17.10 -33.20 26.80
CA THR C 175 16.33 -32.64 25.71
C THR C 175 15.84 -33.76 24.75
N LEU C 176 16.72 -34.71 24.47
CA LEU C 176 16.41 -35.94 23.70
C LEU C 176 15.31 -36.72 24.37
N ALA C 177 15.37 -36.79 25.69
CA ALA C 177 14.37 -37.51 26.46
C ALA C 177 13.00 -36.85 26.39
N ALA C 178 12.95 -35.52 26.48
CA ALA C 178 11.67 -34.80 26.40
C ALA C 178 11.03 -34.96 25.03
N ALA C 179 11.87 -34.95 24.01
CA ALA C 179 11.48 -35.10 22.62
C ALA C 179 10.93 -36.48 22.41
N GLU C 180 11.59 -37.49 22.98
CA GLU C 180 11.03 -38.85 22.90
C GLU C 180 9.67 -38.94 23.58
N ALA C 181 9.49 -38.28 24.73
CA ALA C 181 8.18 -38.29 25.36
C ALA C 181 7.11 -37.61 24.51
N PHE C 182 7.49 -36.52 23.82
CA PHE C 182 6.52 -35.76 23.01
C PHE C 182 5.91 -36.72 21.97
N GLY C 183 6.80 -37.51 21.36
CA GLY C 183 6.38 -38.65 20.57
C GLY C 183 5.88 -38.29 19.19
N ALA C 184 6.49 -37.26 18.56
CA ALA C 184 6.25 -37.03 17.13
C ALA C 184 6.98 -38.15 16.38
N PRO C 185 6.56 -38.45 15.12
CA PRO C 185 7.26 -39.47 14.35
C PRO C 185 8.76 -39.25 14.26
N HIS C 186 9.14 -37.99 14.06
CA HIS C 186 10.55 -37.62 13.90
C HIS C 186 10.93 -36.50 14.81
N ASN C 187 12.16 -36.57 15.30
CA ASN C 187 12.76 -35.50 16.08
C ASN C 187 14.04 -35.15 15.37
N VAL C 188 14.12 -33.89 14.93
CA VAL C 188 15.26 -33.38 14.16
C VAL C 188 16.21 -32.54 15.02
N VAL C 189 17.48 -32.95 15.08
CA VAL C 189 18.49 -32.17 15.79
C VAL C 189 19.24 -31.23 14.83
N SER C 197 18.76 -15.26 17.25
CA SER C 197 17.69 -14.37 17.78
C SER C 197 16.26 -14.90 17.62
N THR C 198 16.12 -16.22 17.70
CA THR C 198 14.80 -16.88 17.79
C THR C 198 14.40 -17.05 19.25
N PHE C 199 13.14 -17.38 19.49
CA PHE C 199 12.73 -17.65 20.86
C PHE C 199 13.54 -18.82 21.44
N THR C 200 13.70 -19.89 20.65
CA THR C 200 14.46 -21.07 21.10
C THR C 200 15.89 -20.79 21.58
N SER C 201 16.55 -19.83 20.94
CA SER C 201 17.91 -19.46 21.35
C SER C 201 17.94 -18.86 22.77
N CYS C 202 16.90 -18.11 23.12
CA CYS C 202 16.67 -17.60 24.48
C CYS C 202 16.43 -18.68 25.55
N VAL C 203 15.55 -19.62 25.22
CA VAL C 203 15.28 -20.75 26.10
C VAL C 203 16.63 -21.44 26.45
N GLU C 204 17.41 -21.73 25.40
CA GLU C 204 18.71 -22.38 25.50
C GLU C 204 19.76 -21.56 26.26
N ARG C 205 19.87 -20.23 25.97
CA ARG C 205 20.85 -19.40 26.68
C ARG C 205 20.54 -19.32 28.18
N ARG C 206 19.27 -19.57 28.55
CA ARG C 206 18.83 -19.63 29.94
C ARG C 206 18.91 -21.04 30.56
N GLY C 207 19.50 -22.00 29.85
CA GLY C 207 19.61 -23.38 30.35
C GLY C 207 18.29 -24.04 30.67
N ILE C 208 17.26 -23.65 29.91
CA ILE C 208 15.93 -24.26 30.01
C ILE C 208 15.89 -25.29 28.91
N VAL C 209 15.23 -26.43 29.15
CA VAL C 209 15.05 -27.45 28.10
C VAL C 209 14.15 -26.87 27.03
N SER C 210 14.58 -26.96 25.77
CA SER C 210 13.86 -26.33 24.65
C SER C 210 13.46 -27.32 23.57
N LEU C 211 12.16 -27.44 23.32
CA LEU C 211 11.69 -28.20 22.17
C LEU C 211 10.95 -27.26 21.25
N GLY C 212 11.21 -27.43 19.96
CA GLY C 212 10.42 -26.82 18.90
C GLY C 212 9.63 -27.93 18.20
N THR C 213 8.62 -27.52 17.43
CA THR C 213 7.91 -28.47 16.59
C THR C 213 7.81 -27.99 15.16
N GLU C 214 7.56 -28.91 14.25
CA GLU C 214 7.12 -28.55 12.90
C GLU C 214 5.95 -29.47 12.55
N LEU C 215 4.75 -28.89 12.54
CA LEU C 215 3.54 -29.71 12.48
C LEU C 215 2.63 -29.45 11.30
N GLY C 216 3.22 -29.00 10.18
CA GLY C 216 2.49 -28.77 8.93
C GLY C 216 2.98 -27.55 8.14
N GLY C 217 2.04 -26.81 7.57
CA GLY C 217 2.35 -25.71 6.65
C GLY C 217 1.33 -25.75 5.52
N TRP C 218 1.79 -25.38 4.31
CA TRP C 218 0.94 -25.23 3.13
C TRP C 218 -0.24 -24.25 3.37
N GLY C 219 -0.07 -23.31 4.30
CA GLY C 219 -1.11 -22.31 4.57
C GLY C 219 -2.40 -22.93 5.15
N ARG C 220 -2.35 -24.21 5.48
CA ARG C 220 -3.56 -24.96 5.93
C ARG C 220 -3.41 -25.58 7.31
N VAL C 221 -4.51 -26.11 7.85
CA VAL C 221 -4.46 -26.90 9.09
C VAL C 221 -4.32 -28.40 8.80
N ASN C 222 -3.33 -29.04 9.42
CA ASN C 222 -2.95 -30.43 9.17
C ASN C 222 -3.59 -31.28 10.28
N ILE C 223 -4.49 -32.16 9.86
CA ILE C 223 -5.24 -32.97 10.77
C ILE C 223 -4.33 -33.85 11.67
N GLU C 224 -3.36 -34.52 11.06
CA GLU C 224 -2.39 -35.31 11.82
C GLU C 224 -1.48 -34.42 12.67
N GLY C 225 -1.10 -33.28 12.11
CA GLY C 225 -0.34 -32.27 12.87
C GLY C 225 -1.06 -31.87 14.16
N VAL C 226 -2.34 -31.54 14.07
CA VAL C 226 -3.12 -31.26 15.26
C VAL C 226 -3.09 -32.45 16.28
N ARG C 227 -3.35 -33.66 15.79
CA ARG C 227 -3.37 -34.88 16.63
C ARG C 227 -2.07 -35.11 17.39
N ILE C 228 -0.98 -35.03 16.65
CA ILE C 228 0.38 -35.20 17.20
CA ILE C 228 0.36 -35.21 17.21
C ILE C 228 0.72 -34.09 18.20
N GLY C 229 0.33 -32.86 17.88
CA GLY C 229 0.61 -31.73 18.74
C GLY C 229 -0.16 -31.78 20.04
N LYS C 230 -1.44 -32.15 19.99
CA LYS C 230 -2.25 -32.25 21.21
C LYS C 230 -1.73 -33.36 22.13
N ARG C 231 -1.36 -34.49 21.55
CA ARG C 231 -0.82 -35.62 22.28
C ARG C 231 0.55 -35.30 22.89
N GLY C 232 1.42 -34.69 22.07
CA GLY C 232 2.74 -34.31 22.49
C GLY C 232 2.78 -33.43 23.72
N ILE C 233 1.90 -32.44 23.79
CA ILE C 233 1.94 -31.59 24.97
C ILE C 233 1.47 -32.29 26.23
N LEU C 234 0.53 -33.23 26.07
CA LEU C 234 0.07 -34.09 27.19
C LEU C 234 1.22 -34.95 27.61
N ASN C 235 1.89 -35.58 26.64
CA ASN C 235 3.06 -36.40 26.88
C ASN C 235 4.18 -35.66 27.65
N VAL C 236 4.39 -34.40 27.29
CA VAL C 236 5.41 -33.59 27.98
C VAL C 236 5.00 -33.34 29.42
N LEU C 237 3.73 -33.07 29.66
CA LEU C 237 3.23 -32.90 31.01
C LEU C 237 3.47 -34.16 31.88
N LYS C 238 3.17 -35.32 31.28
CA LYS C 238 3.39 -36.64 31.92
C LYS C 238 4.89 -36.89 32.17
N HIS C 239 5.69 -36.72 31.14
CA HIS C 239 7.14 -36.81 31.22
C HIS C 239 7.71 -36.04 32.42
N MET C 240 7.30 -34.77 32.56
CA MET C 240 7.81 -33.91 33.63
C MET C 240 7.15 -34.16 34.97
N GLY C 241 6.22 -35.12 35.02
CA GLY C 241 5.53 -35.48 36.28
C GLY C 241 4.45 -34.51 36.71
N VAL C 242 4.06 -33.65 35.76
CA VAL C 242 3.15 -32.56 36.07
C VAL C 242 1.71 -33.03 36.05
N ILE C 243 1.41 -34.01 35.20
CA ILE C 243 0.13 -34.70 35.22
C ILE C 243 0.36 -36.23 35.30
N GLU C 244 -0.65 -36.97 35.76
CA GLU C 244 -0.54 -38.45 35.89
C GLU C 244 -0.47 -39.18 34.52
N GLY C 245 0.24 -40.31 34.48
CA GLY C 245 0.28 -41.14 33.27
C GLY C 245 1.65 -41.20 32.65
N THR C 246 1.85 -42.14 31.74
CA THR C 246 3.10 -42.21 31.01
C THR C 246 2.85 -41.78 29.55
N PRO C 247 3.84 -41.14 28.93
CA PRO C 247 3.71 -40.73 27.54
C PRO C 247 3.16 -41.85 26.64
N GLU C 248 2.35 -41.49 25.64
CA GLU C 248 1.95 -42.44 24.60
CA GLU C 248 1.90 -42.42 24.60
C GLU C 248 2.57 -42.04 23.28
N THR C 249 3.37 -42.94 22.73
CA THR C 249 4.27 -42.57 21.65
C THR C 249 4.21 -43.48 20.44
N ALA C 250 3.20 -44.31 20.31
CA ALA C 250 3.14 -45.23 19.15
C ALA C 250 2.82 -44.42 17.89
N GLN C 251 3.44 -44.81 16.78
CA GLN C 251 3.32 -44.13 15.52
C GLN C 251 2.33 -44.79 14.50
N ARG C 252 1.71 -43.94 13.69
CA ARG C 252 0.72 -44.34 12.70
C ARG C 252 1.21 -45.47 11.77
N GLY C 253 2.43 -45.30 11.26
CA GLY C 253 3.05 -46.31 10.43
C GLY C 253 3.67 -47.47 11.23
N GLY C 254 3.34 -47.56 12.51
CA GLY C 254 3.69 -48.72 13.32
C GLY C 254 4.87 -48.64 14.29
N ALA C 255 5.83 -47.73 14.05
CA ALA C 255 6.98 -47.55 14.95
C ALA C 255 6.48 -47.29 16.36
N ALA C 256 7.31 -47.63 17.35
CA ALA C 256 6.90 -47.61 18.76
C ALA C 256 7.13 -46.23 19.38
N GLY C 257 7.98 -45.44 18.74
CA GLY C 257 8.45 -44.19 19.35
C GLY C 257 9.00 -43.27 18.30
N THR C 258 9.46 -42.10 18.74
CA THR C 258 10.10 -41.12 17.90
C THR C 258 11.37 -41.70 17.31
N ARG C 259 11.63 -41.41 16.03
CA ARG C 259 12.90 -41.63 15.42
C ARG C 259 13.70 -40.33 15.40
N HIS C 260 14.92 -40.37 15.97
CA HIS C 260 15.85 -39.23 15.95
C HIS C 260 16.51 -38.99 14.61
N MET C 261 16.54 -37.74 14.18
CA MET C 261 17.06 -37.39 12.88
C MET C 261 17.89 -36.13 12.97
N MET C 262 18.55 -35.75 11.88
CA MET C 262 19.33 -34.54 11.90
C MET C 262 19.40 -33.93 10.54
N VAL C 263 19.65 -32.62 10.52
CA VAL C 263 19.94 -31.88 9.30
C VAL C 263 21.15 -31.05 9.66
N ARG C 264 22.24 -31.22 8.92
CA ARG C 264 23.49 -30.55 9.31
C ARG C 264 24.34 -30.07 8.13
N GLU C 265 24.15 -30.66 6.96
CA GLU C 265 24.98 -30.36 5.80
C GLU C 265 24.23 -29.41 4.88
N ALA C 266 24.97 -28.55 4.20
CA ALA C 266 24.44 -27.67 3.17
C ALA C 266 23.77 -28.49 2.08
N ASP C 267 24.26 -29.73 1.91
CA ASP C 267 23.79 -30.69 0.92
C ASP C 267 22.34 -31.14 1.13
N ALA C 268 21.82 -30.92 2.33
CA ALA C 268 20.47 -31.32 2.68
C ALA C 268 19.40 -30.48 1.99
N TYR C 269 19.80 -29.30 1.51
CA TYR C 269 18.91 -28.32 0.93
C TYR C 269 18.90 -28.39 -0.57
N VAL C 270 17.70 -28.45 -1.14
CA VAL C 270 17.54 -28.27 -2.58
C VAL C 270 17.08 -26.84 -2.81
N MET C 271 17.94 -26.09 -3.50
CA MET C 271 17.78 -24.65 -3.64
C MET C 271 17.29 -24.37 -5.05
N ALA C 272 16.43 -23.37 -5.20
CA ALA C 272 15.99 -22.88 -6.50
C ALA C 272 17.02 -21.90 -7.06
N PRO C 273 17.64 -22.22 -8.21
CA PRO C 273 18.60 -21.35 -8.93
C PRO C 273 17.97 -20.15 -9.66
N ARG C 274 16.67 -20.27 -9.94
CA ARG C 274 15.96 -19.33 -10.77
C ARG C 274 14.54 -19.23 -10.23
N THR C 275 13.93 -18.08 -10.48
CA THR C 275 12.54 -17.85 -10.14
C THR C 275 11.65 -18.50 -11.23
N GLY C 276 10.60 -19.20 -10.80
CA GLY C 276 9.60 -19.76 -11.73
C GLY C 276 8.68 -20.77 -11.06
N LEU C 277 8.07 -21.64 -11.84
CA LEU C 277 7.09 -22.56 -11.29
C LEU C 277 7.70 -23.94 -10.97
N PHE C 278 7.83 -24.24 -9.66
CA PHE C 278 8.43 -25.48 -9.22
C PHE C 278 7.47 -26.63 -9.04
N GLU C 279 7.72 -27.68 -9.82
CA GLU C 279 6.99 -28.95 -9.71
C GLU C 279 7.78 -30.02 -8.96
N PRO C 280 7.31 -30.43 -7.77
CA PRO C 280 8.07 -31.46 -7.01
C PRO C 280 7.81 -32.90 -7.46
N THR C 281 8.72 -33.80 -7.09
CA THR C 281 8.56 -35.25 -7.31
C THR C 281 8.13 -35.99 -6.04
N HIS C 282 8.35 -35.37 -4.87
CA HIS C 282 8.03 -36.01 -3.61
C HIS C 282 7.47 -35.00 -2.65
N TYR C 283 6.69 -35.48 -1.68
CA TYR C 283 6.17 -34.69 -0.57
C TYR C 283 6.98 -34.96 0.70
N VAL C 284 6.82 -34.12 1.71
CA VAL C 284 7.37 -34.37 3.02
C VAL C 284 7.04 -35.80 3.47
N GLY C 285 7.98 -36.42 4.19
CA GLY C 285 7.77 -37.75 4.75
C GLY C 285 8.27 -38.87 3.86
N GLU C 286 8.63 -38.51 2.64
CA GLU C 286 9.00 -39.49 1.63
C GLU C 286 10.52 -39.65 1.52
N GLU C 287 10.94 -40.91 1.37
CA GLU C 287 12.36 -41.22 1.23
C GLU C 287 12.86 -40.82 -0.12
N VAL C 288 14.06 -40.24 -0.15
CA VAL C 288 14.65 -39.74 -1.39
C VAL C 288 16.10 -40.20 -1.44
N ARG C 289 16.71 -40.15 -2.60
CA ARG C 289 18.06 -40.68 -2.78
C ARG C 289 18.91 -39.68 -3.57
N THR C 290 20.22 -39.65 -3.26
CA THR C 290 21.15 -38.72 -3.94
C THR C 290 21.07 -38.86 -5.44
N GLY C 291 21.06 -37.69 -6.09
CA GLY C 291 21.07 -37.64 -7.54
C GLY C 291 19.73 -37.87 -8.21
N GLU C 292 18.69 -38.24 -7.45
CA GLU C 292 17.39 -38.37 -8.08
C GLU C 292 16.73 -36.99 -8.22
N THR C 293 15.89 -36.88 -9.23
CA THR C 293 15.12 -35.67 -9.51
C THR C 293 14.30 -35.22 -8.30
N ALA C 294 14.54 -33.98 -7.89
CA ALA C 294 13.69 -33.31 -6.90
C ALA C 294 12.45 -32.63 -7.53
N GLY C 295 12.55 -32.33 -8.81
CA GLY C 295 11.47 -31.62 -9.52
C GLY C 295 12.05 -30.73 -10.60
N TRP C 296 11.23 -29.83 -11.12
CA TRP C 296 11.57 -28.97 -12.23
C TRP C 296 11.03 -27.56 -12.00
N ILE C 297 11.80 -26.57 -12.44
CA ILE C 297 11.38 -25.16 -12.47
C ILE C 297 10.95 -24.87 -13.90
N HIS C 298 9.62 -24.73 -14.10
CA HIS C 298 9.05 -24.39 -15.41
C HIS C 298 9.12 -22.89 -15.59
N PHE C 299 9.38 -22.46 -16.82
CA PHE C 299 9.36 -21.04 -17.20
C PHE C 299 8.17 -20.74 -18.12
N VAL C 300 6.99 -20.67 -17.50
CA VAL C 300 5.69 -20.58 -18.23
C VAL C 300 5.50 -19.26 -18.93
N GLU C 301 6.32 -18.28 -18.60
CA GLU C 301 6.35 -17.03 -19.36
C GLU C 301 6.96 -17.22 -20.80
N ASP C 302 7.71 -18.30 -21.00
CA ASP C 302 8.41 -18.60 -22.28
C ASP C 302 7.67 -19.65 -23.09
N VAL C 303 7.50 -19.43 -24.39
CA VAL C 303 7.19 -20.58 -25.24
C VAL C 303 8.54 -21.34 -25.41
N ASP C 304 8.48 -22.59 -25.88
CA ASP C 304 9.67 -23.38 -26.27
C ASP C 304 10.57 -23.80 -25.09
N THR C 305 10.85 -22.92 -24.12
CA THR C 305 11.84 -23.17 -23.04
C THR C 305 11.58 -24.41 -22.17
N ALA C 306 12.55 -25.34 -22.12
CA ALA C 306 12.40 -26.53 -21.28
C ALA C 306 12.59 -26.21 -19.79
N PRO C 307 11.90 -26.95 -18.90
CA PRO C 307 12.10 -26.72 -17.47
C PRO C 307 13.50 -27.09 -16.98
N LEU C 308 13.89 -26.51 -15.85
CA LEU C 308 15.18 -26.78 -15.26
C LEU C 308 15.00 -27.87 -14.25
N GLU C 309 15.75 -28.97 -14.39
CA GLU C 309 15.64 -30.12 -13.50
C GLU C 309 16.48 -29.86 -12.25
N LEU C 310 15.96 -30.21 -11.07
CA LEU C 310 16.75 -30.11 -9.83
C LEU C 310 16.95 -31.48 -9.22
N LEU C 311 18.10 -31.69 -8.57
CA LEU C 311 18.43 -33.00 -8.01
C LEU C 311 18.55 -32.97 -6.51
N TYR C 312 18.13 -34.03 -5.83
CA TYR C 312 18.54 -34.23 -4.43
C TYR C 312 20.03 -34.53 -4.34
N ARG C 313 20.66 -34.07 -3.26
CA ARG C 313 22.08 -34.26 -3.03
CA ARG C 313 22.08 -34.31 -3.06
C ARG C 313 22.38 -35.17 -1.85
N ARG C 314 21.34 -35.68 -1.20
CA ARG C 314 21.51 -36.62 -0.08
C ARG C 314 20.38 -37.62 -0.13
N ASP C 315 20.63 -38.78 0.46
CA ASP C 315 19.58 -39.73 0.79
C ASP C 315 18.95 -39.34 2.11
N GLY C 316 17.66 -39.58 2.23
CA GLY C 316 16.98 -39.28 3.47
C GLY C 316 15.48 -39.25 3.27
N ILE C 317 14.84 -38.58 4.21
CA ILE C 317 13.41 -38.37 4.17
C ILE C 317 13.20 -36.86 4.05
N VAL C 318 12.23 -36.45 3.22
CA VAL C 318 11.95 -35.04 2.99
C VAL C 318 11.30 -34.53 4.27
N TRP C 319 11.94 -33.54 4.88
CA TRP C 319 11.46 -32.92 6.13
C TRP C 319 10.61 -31.71 5.84
N PHE C 320 11.12 -30.80 5.01
CA PHE C 320 10.38 -29.65 4.50
C PHE C 320 10.26 -29.84 3.02
N GLY C 321 9.05 -29.71 2.47
CA GLY C 321 8.83 -29.80 1.02
C GLY C 321 8.33 -28.45 0.54
N ALA C 322 8.55 -28.20 -0.76
CA ALA C 322 8.00 -27.07 -1.50
C ALA C 322 6.62 -26.57 -1.01
N GLY C 323 6.51 -25.26 -0.79
CA GLY C 323 5.26 -24.60 -0.39
C GLY C 323 4.56 -24.02 -1.60
N PRO C 324 4.79 -22.72 -1.87
CA PRO C 324 4.24 -22.02 -3.04
C PRO C 324 4.65 -22.68 -4.36
N GLY C 325 3.70 -22.79 -5.29
CA GLY C 325 4.04 -23.20 -6.64
C GLY C 325 5.11 -22.31 -7.27
N ARG C 326 4.96 -21.01 -7.15
CA ARG C 326 5.92 -20.12 -7.78
C ARG C 326 7.02 -19.81 -6.79
N VAL C 327 8.25 -20.22 -7.11
CA VAL C 327 9.34 -20.11 -6.16
C VAL C 327 10.26 -18.98 -6.59
N THR C 328 11.01 -18.46 -5.63
CA THR C 328 11.96 -17.40 -5.90
C THR C 328 13.37 -17.95 -5.77
N ARG C 329 14.24 -17.48 -6.65
CA ARG C 329 15.65 -17.82 -6.60
C ARG C 329 16.12 -17.66 -5.16
N GLY C 330 16.84 -18.66 -4.65
CA GLY C 330 17.37 -18.58 -3.32
C GLY C 330 16.47 -19.30 -2.31
N ASP C 331 15.24 -19.63 -2.71
CA ASP C 331 14.34 -20.43 -1.86
C ASP C 331 14.84 -21.88 -1.85
N ALA C 332 14.77 -22.52 -0.70
CA ALA C 332 14.92 -23.97 -0.63
C ALA C 332 13.59 -24.61 -1.01
N VAL C 333 13.62 -25.64 -1.85
CA VAL C 333 12.37 -26.32 -2.24
C VAL C 333 12.23 -27.72 -1.62
N ALA C 334 13.27 -28.16 -0.93
CA ALA C 334 13.23 -29.35 -0.10
C ALA C 334 14.36 -29.30 0.88
N VAL C 335 14.12 -29.83 2.08
CA VAL C 335 15.17 -30.10 3.05
C VAL C 335 15.05 -31.58 3.47
N VAL C 336 16.16 -32.30 3.29
CA VAL C 336 16.25 -33.75 3.51
C VAL C 336 16.86 -34.00 4.88
N MET C 337 16.19 -34.82 5.70
CA MET C 337 16.73 -35.21 7.00
C MET C 337 17.31 -36.64 6.91
N GLU C 338 18.32 -36.93 7.76
CA GLU C 338 18.98 -38.23 7.84
C GLU C 338 18.99 -38.75 9.28
N ASP C 339 19.16 -40.06 9.45
CA ASP C 339 19.25 -40.69 10.77
C ASP C 339 20.28 -39.99 11.62
N TYR C 340 19.93 -39.76 12.88
CA TYR C 340 20.80 -39.04 13.80
C TYR C 340 22.08 -39.80 14.18
N SER D 9 28.85 -12.38 11.21
CA SER D 9 27.69 -12.10 10.29
C SER D 9 26.83 -13.31 9.91
N ARG D 10 25.50 -13.10 9.87
CA ARG D 10 24.49 -14.06 9.37
C ARG D 10 24.58 -14.31 7.85
N ILE D 11 25.14 -13.35 7.11
CA ILE D 11 25.34 -13.49 5.67
C ILE D 11 26.52 -14.48 5.46
N ALA D 12 26.26 -15.59 4.79
CA ALA D 12 27.29 -16.60 4.58
C ALA D 12 27.99 -16.44 3.23
N CYS D 13 29.30 -16.69 3.22
CA CYS D 13 30.11 -16.71 2.01
C CYS D 13 31.19 -17.81 2.12
N ASP D 14 31.31 -18.61 1.07
CA ASP D 14 32.21 -19.76 1.09
C ASP D 14 33.55 -19.50 0.40
N ILE D 15 33.66 -18.34 -0.23
CA ILE D 15 34.85 -17.91 -0.95
C ILE D 15 36.09 -17.86 -0.05
N ASP D 16 37.19 -18.48 -0.50
CA ASP D 16 38.48 -18.37 0.20
C ASP D 16 39.24 -17.20 -0.37
N PHE D 17 39.20 -16.10 0.36
CA PHE D 17 39.77 -14.86 -0.14
C PHE D 17 41.29 -14.89 -0.19
N ASP D 18 41.90 -15.84 0.50
CA ASP D 18 43.35 -16.01 0.50
C ASP D 18 43.83 -16.97 -0.61
N ARG D 19 42.90 -17.51 -1.41
CA ARG D 19 43.23 -18.48 -2.44
C ARG D 19 43.60 -17.81 -3.77
N ASP D 20 44.77 -18.19 -4.30
CA ASP D 20 45.21 -17.75 -5.62
C ASP D 20 44.26 -18.26 -6.69
N GLY D 21 43.94 -17.40 -7.65
CA GLY D 21 43.08 -17.80 -8.78
C GLY D 21 41.80 -16.99 -8.82
N ARG D 22 40.76 -17.55 -9.43
CA ARG D 22 39.48 -16.85 -9.58
C ARG D 22 38.33 -17.58 -8.90
N GLN D 23 37.63 -16.86 -8.02
CA GLN D 23 36.41 -17.38 -7.44
C GLN D 23 35.26 -16.42 -7.71
N ALA D 24 34.22 -16.91 -8.39
CA ALA D 24 32.99 -16.15 -8.65
C ALA D 24 31.81 -16.92 -8.03
N GLY D 25 31.14 -16.25 -7.11
CA GLY D 25 30.11 -16.86 -6.30
C GLY D 25 29.24 -15.81 -5.65
N TYR D 26 28.60 -16.20 -4.56
CA TYR D 26 27.61 -15.32 -3.95
C TYR D 26 27.76 -15.36 -2.47
N ALA D 27 27.55 -14.20 -1.85
CA ALA D 27 27.19 -14.14 -0.43
C ALA D 27 25.68 -14.40 -0.31
N ARG D 28 25.34 -15.30 0.60
CA ARG D 28 23.95 -15.70 0.86
C ARG D 28 23.37 -14.90 2.03
N ALA D 29 22.59 -13.86 1.73
CA ALA D 29 22.00 -13.04 2.78
C ALA D 29 20.60 -13.58 3.13
N PRO D 30 20.36 -13.91 4.41
CA PRO D 30 19.02 -14.42 4.73
C PRO D 30 17.97 -13.31 4.66
N LEU D 31 16.78 -13.69 4.19
CA LEU D 31 15.63 -12.79 4.11
C LEU D 31 14.31 -13.57 4.41
N SER D 32 13.57 -13.14 5.43
CA SER D 32 12.28 -13.73 5.77
C SER D 32 11.20 -12.95 5.00
N ARG D 33 10.45 -13.63 4.13
CA ARG D 33 9.20 -13.11 3.54
C ARG D 33 8.00 -13.96 4.06
N ASN D 34 6.79 -13.44 3.93
CA ASN D 34 5.59 -14.18 4.41
C ASN D 34 5.45 -15.58 3.83
N ASN D 35 5.75 -15.77 2.54
CA ASN D 35 5.76 -17.11 1.96
C ASN D 35 7.15 -17.72 1.69
N SER D 36 8.15 -17.20 2.40
CA SER D 36 9.50 -17.72 2.27
C SER D 36 10.27 -17.29 3.51
N GLY D 37 10.00 -17.94 4.62
CA GLY D 37 10.55 -17.55 5.91
C GLY D 37 12.06 -17.72 5.97
N TRP D 38 12.53 -18.71 5.21
CA TRP D 38 13.93 -19.09 5.14
CA TRP D 38 13.94 -19.04 5.16
C TRP D 38 14.56 -18.69 3.80
N GLY D 39 14.09 -17.59 3.19
CA GLY D 39 14.56 -17.15 1.89
C GLY D 39 15.95 -16.54 1.96
N THR D 40 16.67 -16.55 0.84
CA THR D 40 17.99 -15.91 0.74
C THR D 40 18.07 -14.97 -0.45
N VAL D 41 18.90 -13.95 -0.30
CA VAL D 41 19.25 -13.01 -1.34
C VAL D 41 20.73 -13.23 -1.62
N GLU D 42 21.03 -13.58 -2.88
CA GLU D 42 22.37 -13.91 -3.37
C GLU D 42 23.11 -12.66 -3.90
N ILE D 43 24.18 -12.30 -3.21
CA ILE D 43 24.99 -11.12 -3.60
C ILE D 43 26.26 -11.58 -4.38
N PRO D 44 26.42 -11.13 -5.63
CA PRO D 44 27.59 -11.53 -6.42
C PRO D 44 28.92 -10.98 -5.85
N ILE D 45 29.88 -11.89 -5.70
CA ILE D 45 31.23 -11.54 -5.28
C ILE D 45 32.16 -12.28 -6.23
N THR D 46 33.12 -11.54 -6.80
CA THR D 46 34.20 -12.12 -7.60
C THR D 46 35.52 -11.63 -7.03
N VAL D 47 36.43 -12.59 -6.86
CA VAL D 47 37.77 -12.31 -6.37
C VAL D 47 38.82 -12.94 -7.31
N VAL D 48 39.71 -12.08 -7.79
CA VAL D 48 40.92 -12.50 -8.48
C VAL D 48 42.11 -12.25 -7.57
N LYS D 49 42.90 -13.30 -7.30
CA LYS D 49 44.12 -13.16 -6.50
C LYS D 49 45.32 -13.85 -7.15
N ASN D 50 46.34 -13.05 -7.45
CA ASN D 50 47.58 -13.60 -8.03
C ASN D 50 48.83 -12.86 -7.57
N GLY D 51 49.89 -13.61 -7.30
CA GLY D 51 51.21 -13.00 -7.13
C GLY D 51 51.31 -12.15 -5.88
N SER D 52 51.82 -10.94 -6.04
CA SER D 52 52.08 -10.09 -4.89
C SER D 52 51.61 -8.68 -5.17
N GLY D 53 51.17 -7.97 -4.12
CA GLY D 53 50.61 -6.64 -4.29
C GLY D 53 49.44 -6.40 -3.35
N PRO D 54 48.79 -5.23 -3.46
CA PRO D 54 47.74 -4.81 -2.53
C PRO D 54 46.33 -5.29 -2.95
N THR D 55 45.34 -5.08 -2.07
CA THR D 55 43.94 -5.44 -2.40
C THR D 55 43.12 -4.23 -2.83
N VAL D 56 42.55 -4.31 -4.03
CA VAL D 56 41.59 -3.32 -4.49
C VAL D 56 40.16 -3.90 -4.33
N LEU D 57 39.30 -3.12 -3.67
CA LEU D 57 37.89 -3.50 -3.51
C LEU D 57 37.03 -2.55 -4.31
N LEU D 58 36.25 -3.12 -5.22
CA LEU D 58 35.38 -2.36 -6.13
C LEU D 58 33.92 -2.64 -5.80
N THR D 59 33.19 -1.64 -5.32
CA THR D 59 31.78 -1.86 -4.98
C THR D 59 30.87 -0.99 -5.82
N GLY D 60 29.74 -1.57 -6.22
CA GLY D 60 28.67 -0.87 -6.97
C GLY D 60 27.29 -1.34 -6.50
N GLY D 61 26.24 -0.64 -6.96
CA GLY D 61 24.85 -0.91 -6.51
C GLY D 61 24.54 -0.84 -5.01
N VAL D 62 25.26 0.01 -4.27
CA VAL D 62 24.94 0.25 -2.84
C VAL D 62 23.53 0.86 -2.78
N HIS D 63 23.22 1.71 -3.76
CA HIS D 63 21.87 2.13 -4.10
C HIS D 63 21.47 1.44 -5.38
N GLY D 64 20.24 0.92 -5.41
CA GLY D 64 19.76 0.14 -6.53
C GLY D 64 19.52 0.85 -7.86
N ASP D 65 19.35 2.19 -7.83
CA ASP D 65 19.08 2.96 -9.05
C ASP D 65 20.36 3.69 -9.58
N GLU D 66 21.51 3.14 -9.18
CA GLU D 66 22.80 3.69 -9.54
C GLU D 66 23.55 2.63 -10.34
N TYR D 67 23.42 2.74 -11.67
CA TYR D 67 23.75 1.63 -12.57
C TYR D 67 25.19 1.48 -12.95
N GLU D 68 25.84 2.63 -13.18
CA GLU D 68 27.11 2.68 -13.93
C GLU D 68 28.13 1.80 -13.28
N GLY D 69 28.16 1.83 -11.95
CA GLY D 69 28.98 0.91 -11.14
C GLY D 69 28.63 -0.56 -11.23
N GLN D 70 27.35 -0.88 -11.33
CA GLN D 70 26.92 -2.28 -11.49
C GLN D 70 27.41 -2.74 -12.88
N ILE D 71 27.26 -1.90 -13.88
CA ILE D 71 27.77 -2.23 -15.20
C ILE D 71 29.31 -2.41 -15.24
N ALA D 72 30.06 -1.44 -14.72
CA ALA D 72 31.51 -1.44 -14.87
C ALA D 72 32.15 -2.59 -14.11
N ILE D 73 31.67 -2.82 -12.89
CA ILE D 73 32.27 -3.83 -12.05
C ILE D 73 31.88 -5.23 -12.50
N SER D 74 30.64 -5.39 -12.96
CA SER D 74 30.20 -6.70 -13.40
C SER D 74 30.88 -7.12 -14.70
N ASP D 75 31.13 -6.15 -15.58
CA ASP D 75 31.88 -6.39 -16.79
C ASP D 75 33.35 -6.75 -16.48
N LEU D 76 34.02 -5.99 -15.62
CA LEU D 76 35.34 -6.34 -15.16
C LEU D 76 35.43 -7.68 -14.41
N ALA D 77 34.46 -7.92 -13.51
CA ALA D 77 34.38 -9.22 -12.81
C ALA D 77 34.31 -10.38 -13.79
N ARG D 78 33.59 -10.19 -14.89
CA ARG D 78 33.44 -11.27 -15.87
C ARG D 78 34.77 -11.55 -16.59
N ARG D 79 35.57 -10.52 -16.80
CA ARG D 79 36.70 -10.61 -17.73
C ARG D 79 38.14 -10.63 -17.16
N LEU D 80 38.34 -10.09 -15.95
CA LEU D 80 39.65 -10.07 -15.34
C LEU D 80 40.17 -11.47 -15.02
N ARG D 81 41.38 -11.79 -15.49
CA ARG D 81 41.98 -13.08 -15.21
C ARG D 81 43.17 -12.96 -14.25
N PRO D 82 43.40 -14.01 -13.43
CA PRO D 82 44.50 -14.03 -12.44
C PRO D 82 45.88 -13.62 -12.99
N GLU D 83 46.14 -13.95 -14.24
CA GLU D 83 47.47 -13.77 -14.85
C GLU D 83 47.91 -12.30 -14.88
N GLU D 84 46.95 -11.39 -15.08
CA GLU D 84 47.27 -9.98 -15.22
C GLU D 84 47.33 -9.29 -13.86
N VAL D 85 47.19 -10.08 -12.80
CA VAL D 85 46.99 -9.51 -11.47
C VAL D 85 48.21 -9.70 -10.57
N GLN D 86 48.64 -8.62 -9.93
CA GLN D 86 49.64 -8.68 -8.88
C GLN D 86 49.05 -8.07 -7.61
N GLY D 87 48.59 -8.94 -6.74
CA GLY D 87 47.86 -8.53 -5.55
C GLY D 87 46.55 -9.25 -5.52
N ARG D 88 45.45 -8.51 -5.38
CA ARG D 88 44.09 -9.07 -5.19
C ARG D 88 43.01 -8.02 -5.45
N VAL D 89 41.95 -8.43 -6.15
CA VAL D 89 40.84 -7.54 -6.49
C VAL D 89 39.52 -8.17 -6.02
N ILE D 90 38.76 -7.43 -5.22
CA ILE D 90 37.44 -7.92 -4.77
C ILE D 90 36.36 -7.06 -5.42
N MET D 91 35.42 -7.74 -6.07
CA MET D 91 34.45 -7.10 -6.93
C MET D 91 32.98 -7.48 -6.61
N LEU D 92 32.28 -6.54 -5.99
CA LEU D 92 30.84 -6.65 -5.62
C LEU D 92 30.10 -5.56 -6.39
N PRO D 93 29.61 -5.87 -7.60
CA PRO D 93 29.02 -4.84 -8.47
C PRO D 93 27.59 -4.45 -8.08
N ALA D 94 26.95 -5.29 -7.27
CA ALA D 94 25.50 -5.25 -7.12
C ALA D 94 25.24 -5.57 -5.67
N VAL D 95 25.55 -4.60 -4.80
CA VAL D 95 25.57 -4.86 -3.37
C VAL D 95 24.12 -5.05 -2.86
N ASN D 96 23.29 -4.03 -3.07
CA ASN D 96 21.93 -3.97 -2.52
C ASN D 96 20.94 -4.65 -3.46
N MET D 97 20.98 -5.98 -3.57
CA MET D 97 20.13 -6.69 -4.53
C MET D 97 18.63 -6.40 -4.45
N PRO D 98 18.07 -6.35 -3.20
CA PRO D 98 16.61 -6.04 -3.16
C PRO D 98 16.28 -4.71 -3.84
N ALA D 99 17.08 -3.68 -3.57
CA ALA D 99 16.81 -2.36 -4.15
C ALA D 99 17.18 -2.30 -5.64
N ILE D 100 18.18 -3.08 -6.04
CA ILE D 100 18.49 -3.21 -7.48
C ILE D 100 17.25 -3.77 -8.20
N GLN D 101 16.64 -4.81 -7.62
CA GLN D 101 15.46 -5.43 -8.23
C GLN D 101 14.27 -4.48 -8.30
N SER D 102 14.07 -3.66 -7.26
CA SER D 102 13.01 -2.63 -7.31
C SER D 102 13.41 -1.34 -8.10
N ASP D 103 14.70 -1.17 -8.42
CA ASP D 103 15.18 0.08 -9.07
C ASP D 103 15.00 1.32 -8.20
N THR D 104 15.34 1.22 -6.93
CA THR D 104 15.14 2.33 -6.04
C THR D 104 16.39 2.56 -5.21
N ARG D 105 16.50 3.78 -4.69
CA ARG D 105 17.52 4.14 -3.72
C ARG D 105 17.35 3.41 -2.38
N LEU D 106 16.13 3.47 -1.87
CA LEU D 106 15.75 2.83 -0.59
C LEU D 106 15.40 1.35 -0.75
N SER D 107 15.60 0.56 0.30
CA SER D 107 15.26 -0.88 0.30
C SER D 107 13.74 -1.13 0.24
N PRO D 108 13.29 -2.07 -0.63
CA PRO D 108 11.90 -2.46 -0.51
C PRO D 108 11.68 -3.39 0.67
N VAL D 109 12.76 -3.84 1.32
CA VAL D 109 12.65 -4.77 2.46
C VAL D 109 12.37 -4.03 3.78
N ASP D 110 13.19 -3.04 4.10
CA ASP D 110 13.10 -2.38 5.40
C ASP D 110 12.97 -0.88 5.30
N GLY D 111 12.82 -0.39 4.07
CA GLY D 111 12.64 1.04 3.81
C GLY D 111 13.88 1.91 4.03
N ARG D 112 15.01 1.31 4.40
CA ARG D 112 16.19 2.10 4.78
C ARG D 112 17.05 2.56 3.60
N ASP D 113 17.72 3.69 3.81
CA ASP D 113 18.86 4.06 2.98
C ASP D 113 20.05 3.35 3.60
N ILE D 114 20.51 2.30 2.91
CA ILE D 114 21.61 1.49 3.42
C ILE D 114 22.85 2.39 3.70
N ASN D 115 22.99 3.45 2.91
CA ASN D 115 24.07 4.42 3.07
C ASN D 115 23.84 5.46 4.20
N ARG D 116 22.95 5.08 5.13
CA ARG D 116 22.74 5.77 6.41
C ARG D 116 22.74 4.74 7.53
N CYS D 117 23.15 3.51 7.22
CA CYS D 117 23.09 2.40 8.18
C CYS D 117 24.46 1.87 8.63
N PHE D 118 25.54 2.36 8.02
CA PHE D 118 26.88 1.91 8.44
C PHE D 118 27.24 2.52 9.79
N PRO D 119 27.97 1.79 10.64
CA PRO D 119 28.66 0.50 10.46
C PRO D 119 27.75 -0.73 10.44
N GLY D 120 26.46 -0.54 10.79
CA GLY D 120 25.44 -1.57 10.65
C GLY D 120 25.41 -2.53 11.81
N ASP D 121 24.28 -3.21 11.95
CA ASP D 121 24.04 -4.08 13.09
C ASP D 121 23.74 -5.47 12.55
N PRO D 122 24.56 -6.49 12.95
CA PRO D 122 24.42 -7.86 12.46
C PRO D 122 23.11 -8.52 12.89
N ARG D 123 22.46 -7.94 13.90
CA ARG D 123 21.17 -8.38 14.42
C ARG D 123 20.01 -7.49 13.94
N GLY D 124 20.29 -6.53 13.06
CA GLY D 124 19.29 -5.56 12.64
C GLY D 124 18.44 -6.04 11.48
N THR D 125 17.76 -5.11 10.82
CA THR D 125 16.93 -5.41 9.65
C THR D 125 17.87 -5.69 8.48
N PHE D 126 17.29 -6.02 7.31
CA PHE D 126 18.10 -6.49 6.16
C PHE D 126 19.27 -5.54 5.84
N SER D 127 18.96 -4.27 5.57
CA SER D 127 19.99 -3.30 5.21
C SER D 127 21.07 -3.14 6.28
N GLN D 128 20.71 -3.24 7.56
CA GLN D 128 21.67 -3.06 8.65
C GLN D 128 22.60 -4.27 8.73
N MET D 129 22.03 -5.43 8.41
CA MET D 129 22.76 -6.69 8.42
C MET D 129 23.80 -6.64 7.30
N LEU D 130 23.37 -6.17 6.14
CA LEU D 130 24.18 -6.12 4.92
C LEU D 130 25.30 -5.09 5.05
N ALA D 131 24.95 -3.87 5.50
CA ALA D 131 25.94 -2.87 5.94
C ALA D 131 27.01 -3.47 6.86
N HIS D 132 26.61 -4.19 7.90
CA HIS D 132 27.58 -4.80 8.80
C HIS D 132 28.49 -5.79 8.08
N PHE D 133 27.92 -6.61 7.21
CA PHE D 133 28.71 -7.57 6.41
C PHE D 133 29.77 -6.85 5.57
N LEU D 134 29.39 -5.78 4.90
CA LEU D 134 30.34 -5.06 4.06
C LEU D 134 31.49 -4.43 4.82
N ASP D 135 31.18 -3.84 5.97
CA ASP D 135 32.18 -3.17 6.78
C ASP D 135 33.06 -4.13 7.57
N SER D 136 32.46 -5.16 8.15
CA SER D 136 33.17 -6.04 9.08
C SER D 136 33.88 -7.20 8.41
N VAL D 137 33.38 -7.62 7.26
CA VAL D 137 33.87 -8.85 6.64
C VAL D 137 34.68 -8.58 5.39
N ILE D 138 34.13 -7.75 4.51
CA ILE D 138 34.70 -7.53 3.22
C ILE D 138 35.74 -6.41 3.32
N LEU D 139 35.33 -5.26 3.85
CA LEU D 139 36.18 -4.05 3.86
C LEU D 139 37.56 -4.13 4.56
N PRO D 140 37.68 -4.89 5.67
CA PRO D 140 39.01 -4.99 6.31
C PRO D 140 40.11 -5.55 5.41
N MET D 141 39.73 -6.13 4.28
CA MET D 141 40.67 -6.82 3.40
C MET D 141 41.38 -5.86 2.43
N ALA D 142 40.81 -4.66 2.26
CA ALA D 142 41.16 -3.76 1.19
C ALA D 142 42.25 -2.76 1.54
N ASP D 143 42.97 -2.28 0.52
CA ASP D 143 43.98 -1.23 0.72
C ASP D 143 43.50 0.10 0.17
N ILE D 144 42.69 0.00 -0.88
CA ILE D 144 41.91 1.11 -1.41
C ILE D 144 40.48 0.62 -1.67
N SER D 145 39.50 1.51 -1.53
CA SER D 145 38.14 1.20 -1.89
C SER D 145 37.71 2.18 -2.94
N VAL D 146 37.17 1.68 -4.05
CA VAL D 146 36.45 2.51 -5.00
C VAL D 146 34.96 2.13 -4.89
N ASP D 147 34.17 3.09 -4.40
CA ASP D 147 32.72 2.90 -4.26
C ASP D 147 31.97 3.76 -5.25
N MET D 148 31.30 3.08 -6.18
CA MET D 148 30.75 3.74 -7.34
C MET D 148 29.27 4.13 -7.15
N HIS D 149 29.03 5.44 -7.20
CA HIS D 149 27.70 6.01 -7.07
C HIS D 149 27.36 6.85 -8.30
N THR D 150 26.08 7.14 -8.46
CA THR D 150 25.60 8.17 -9.36
C THR D 150 24.47 8.81 -8.58
N ALA D 151 23.80 9.80 -9.18
CA ALA D 151 22.74 10.54 -8.51
C ALA D 151 21.37 9.83 -8.62
N GLY D 152 21.33 8.69 -9.30
CA GLY D 152 20.10 7.90 -9.44
C GLY D 152 18.93 8.73 -9.94
N HIS D 153 17.82 8.71 -9.20
CA HIS D 153 16.61 9.47 -9.55
C HIS D 153 16.59 10.91 -8.99
N SER D 154 17.51 11.26 -8.11
CA SER D 154 17.42 12.56 -7.42
C SER D 154 17.92 13.72 -8.30
N TYR D 155 18.97 13.44 -9.09
CA TYR D 155 19.67 14.46 -9.88
C TYR D 155 20.28 13.85 -11.12
N ASP D 156 20.94 14.68 -11.91
CA ASP D 156 21.99 14.21 -12.78
C ASP D 156 23.35 14.67 -12.24
N SER D 157 24.44 14.03 -12.67
CA SER D 157 25.79 14.40 -12.22
C SER D 157 26.79 14.28 -13.35
N THR D 158 27.72 15.24 -13.36
CA THR D 158 28.79 15.29 -14.36
C THR D 158 29.86 14.31 -13.90
N PRO D 159 30.31 13.40 -14.80
CA PRO D 159 31.20 12.31 -14.41
C PRO D 159 32.38 12.80 -13.57
N SER D 160 32.62 12.14 -12.42
CA SER D 160 33.53 12.65 -11.41
C SER D 160 33.82 11.63 -10.34
N THR D 161 34.94 11.83 -9.63
CA THR D 161 35.24 11.09 -8.40
C THR D 161 34.96 12.03 -7.24
N ASN D 162 35.04 11.52 -6.01
CA ASN D 162 34.97 12.41 -4.86
C ASN D 162 35.73 11.81 -3.69
N MET D 163 36.01 12.65 -2.70
CA MET D 163 36.86 12.25 -1.57
C MET D 163 36.78 13.28 -0.43
N HIS D 164 37.48 12.98 0.67
CA HIS D 164 37.66 13.91 1.80
C HIS D 164 38.51 13.29 2.95
N ASP D 168 44.96 14.28 7.88
CA ASP D 168 46.21 13.62 7.47
C ASP D 168 46.57 13.92 6.01
N PRO D 169 47.58 14.80 5.80
CA PRO D 169 48.01 15.26 4.45
C PRO D 169 48.74 14.21 3.62
N ALA D 170 49.33 13.20 4.28
CA ALA D 170 50.03 12.11 3.59
C ALA D 170 49.06 11.14 2.92
N LEU D 171 48.08 10.66 3.69
CA LEU D 171 47.00 9.83 3.18
C LEU D 171 46.06 10.66 2.29
N ARG D 172 45.96 11.96 2.58
CA ARG D 172 45.23 12.91 1.72
C ARG D 172 45.90 13.03 0.34
N ALA D 173 47.21 12.80 0.30
CA ALA D 173 47.97 12.87 -0.94
C ALA D 173 47.70 11.60 -1.76
N ARG D 174 47.92 10.45 -1.13
CA ARG D 174 47.66 9.14 -1.72
C ARG D 174 46.26 9.06 -2.32
N THR D 175 45.32 9.76 -1.70
CA THR D 175 43.93 9.78 -2.17
C THR D 175 43.81 10.69 -3.40
N LEU D 176 44.42 11.87 -3.34
CA LEU D 176 44.43 12.75 -4.54
C LEU D 176 45.09 12.02 -5.71
N ALA D 177 46.13 11.24 -5.41
CA ALA D 177 46.88 10.48 -6.41
C ALA D 177 46.03 9.39 -7.03
N ALA D 178 45.34 8.62 -6.18
CA ALA D 178 44.37 7.60 -6.60
C ALA D 178 43.27 8.19 -7.50
N ALA D 179 42.69 9.29 -7.04
CA ALA D 179 41.72 10.04 -7.83
C ALA D 179 42.28 10.47 -9.19
N GLU D 180 43.50 11.01 -9.20
CA GLU D 180 44.15 11.45 -10.45
C GLU D 180 44.26 10.29 -11.43
N ALA D 181 44.77 9.17 -10.93
CA ALA D 181 44.83 7.94 -11.71
C ALA D 181 43.45 7.57 -12.26
N PHE D 182 42.42 7.63 -11.41
CA PHE D 182 41.06 7.26 -11.85
C PHE D 182 40.77 7.89 -13.20
N GLY D 183 41.04 9.19 -13.30
CA GLY D 183 41.00 9.91 -14.57
C GLY D 183 39.65 10.48 -14.97
N ALA D 184 38.80 10.75 -13.98
CA ALA D 184 37.54 11.46 -14.26
C ALA D 184 37.83 12.93 -14.57
N PRO D 185 36.97 13.61 -15.37
CA PRO D 185 37.17 15.06 -15.61
C PRO D 185 37.29 15.89 -14.33
N HIS D 186 36.51 15.54 -13.33
CA HIS D 186 36.54 16.25 -12.06
C HIS D 186 36.69 15.31 -10.88
N ASN D 187 37.47 15.75 -9.88
CA ASN D 187 37.51 15.11 -8.59
C ASN D 187 37.01 16.16 -7.63
N VAL D 188 35.99 15.81 -6.84
CA VAL D 188 35.39 16.77 -5.92
C VAL D 188 35.72 16.45 -4.47
N VAL D 189 36.45 17.35 -3.82
CA VAL D 189 36.82 17.13 -2.42
C VAL D 189 35.70 17.63 -1.49
N SER D 197 27.38 7.96 8.38
CA SER D 197 27.11 6.50 8.43
C SER D 197 26.96 5.93 7.02
N THR D 198 27.89 6.36 6.17
CA THR D 198 28.01 5.93 4.79
C THR D 198 29.05 4.83 4.73
N PHE D 199 29.08 4.12 3.61
CA PHE D 199 30.12 3.15 3.38
C PHE D 199 31.50 3.82 3.42
N THR D 200 31.65 4.94 2.70
CA THR D 200 32.94 5.62 2.58
C THR D 200 33.45 6.18 3.91
N SER D 201 32.53 6.48 4.84
CA SER D 201 32.94 6.87 6.20
C SER D 201 33.53 5.68 6.97
N CYS D 202 33.18 4.46 6.57
CA CYS D 202 33.74 3.27 7.20
C CYS D 202 35.15 3.03 6.70
N VAL D 203 35.31 3.19 5.39
CA VAL D 203 36.59 3.03 4.73
C VAL D 203 37.60 4.00 5.35
N GLU D 204 37.19 5.26 5.46
CA GLU D 204 38.01 6.30 6.06
C GLU D 204 38.32 5.98 7.54
N ARG D 205 37.28 5.75 8.35
CA ARG D 205 37.46 5.39 9.76
C ARG D 205 38.53 4.31 9.93
N ARG D 206 38.53 3.33 9.02
CA ARG D 206 39.47 2.22 9.03
C ARG D 206 40.83 2.61 8.44
N GLY D 207 40.92 3.84 7.94
CA GLY D 207 42.15 4.42 7.41
C GLY D 207 42.56 3.87 6.05
N ILE D 208 41.57 3.39 5.29
CA ILE D 208 41.79 2.81 3.96
C ILE D 208 41.59 3.92 2.92
N VAL D 209 42.38 3.94 1.85
CA VAL D 209 42.14 4.92 0.80
C VAL D 209 40.69 4.73 0.37
N SER D 210 40.01 5.87 0.16
CA SER D 210 38.60 5.90 -0.19
C SER D 210 38.28 6.89 -1.28
N LEU D 211 37.84 6.37 -2.41
CA LEU D 211 37.28 7.15 -3.48
C LEU D 211 35.82 6.78 -3.68
N GLY D 212 35.02 7.78 -3.98
CA GLY D 212 33.67 7.56 -4.48
C GLY D 212 33.66 8.06 -5.91
N THR D 213 32.51 7.89 -6.58
CA THR D 213 32.29 8.44 -7.91
C THR D 213 30.87 8.96 -7.98
N GLU D 214 30.65 9.93 -8.86
CA GLU D 214 29.31 10.30 -9.22
C GLU D 214 29.27 10.25 -10.73
N LEU D 215 28.71 9.17 -11.26
CA LEU D 215 28.77 8.91 -12.71
C LEU D 215 27.44 9.00 -13.47
N GLY D 216 26.55 9.90 -13.07
CA GLY D 216 25.28 10.02 -13.78
C GLY D 216 24.04 10.27 -12.93
N GLY D 217 22.92 9.67 -13.32
CA GLY D 217 21.63 9.98 -12.74
C GLY D 217 20.51 10.13 -13.74
N TRP D 218 19.53 11.00 -13.44
CA TRP D 218 18.29 11.13 -14.22
C TRP D 218 17.52 9.81 -14.45
N GLY D 219 17.63 8.86 -13.50
CA GLY D 219 16.98 7.53 -13.62
C GLY D 219 17.43 6.68 -14.82
N ARG D 220 18.42 7.20 -15.56
CA ARG D 220 18.82 6.65 -16.87
C ARG D 220 20.26 6.12 -16.85
N VAL D 221 20.66 5.39 -17.90
CA VAL D 221 22.06 4.92 -18.07
C VAL D 221 22.88 5.93 -18.90
N ASN D 222 23.94 6.48 -18.27
CA ASN D 222 24.78 7.51 -18.90
C ASN D 222 25.95 6.89 -19.67
N ILE D 223 25.92 6.99 -20.99
CA ILE D 223 26.96 6.35 -21.87
C ILE D 223 28.44 6.72 -21.52
N GLU D 224 28.70 8.00 -21.31
CA GLU D 224 29.99 8.51 -20.84
C GLU D 224 30.35 8.08 -19.42
N GLY D 225 29.35 8.10 -18.53
CA GLY D 225 29.53 7.62 -17.18
C GLY D 225 30.04 6.19 -17.20
N VAL D 226 29.45 5.38 -18.06
CA VAL D 226 29.90 4.02 -18.18
C VAL D 226 31.34 3.99 -18.72
N ARG D 227 31.58 4.73 -19.81
CA ARG D 227 32.95 4.83 -20.38
C ARG D 227 33.97 5.26 -19.33
N ILE D 228 33.70 6.39 -18.69
CA ILE D 228 34.60 6.94 -17.69
C ILE D 228 34.85 5.92 -16.57
N GLY D 229 33.81 5.24 -16.12
CA GLY D 229 33.92 4.35 -14.98
C GLY D 229 34.59 3.04 -15.28
N LYS D 230 34.32 2.50 -16.45
CA LYS D 230 35.02 1.34 -16.91
C LYS D 230 36.54 1.63 -16.95
N ARG D 231 36.94 2.78 -17.49
CA ARG D 231 38.36 3.15 -17.54
C ARG D 231 38.95 3.48 -16.16
N GLY D 232 38.20 4.23 -15.37
CA GLY D 232 38.66 4.64 -14.03
C GLY D 232 39.09 3.46 -13.17
N ILE D 233 38.33 2.38 -13.24
CA ILE D 233 38.64 1.20 -12.43
C ILE D 233 39.89 0.43 -12.89
N LEU D 234 40.14 0.42 -14.21
CA LEU D 234 41.41 -0.09 -14.74
C LEU D 234 42.60 0.76 -14.29
N ASN D 235 42.50 2.08 -14.44
CA ASN D 235 43.54 3.02 -13.98
C ASN D 235 43.90 2.86 -12.49
N VAL D 236 42.90 2.56 -11.65
CA VAL D 236 43.16 2.36 -10.23
C VAL D 236 44.03 1.12 -10.01
N LEU D 237 43.74 0.05 -10.74
CA LEU D 237 44.53 -1.17 -10.65
C LEU D 237 45.97 -0.95 -11.16
N LYS D 238 46.10 -0.17 -12.24
CA LYS D 238 47.40 0.21 -12.79
C LYS D 238 48.17 1.03 -11.75
N HIS D 239 47.61 2.19 -11.40
CA HIS D 239 48.13 3.03 -10.29
C HIS D 239 48.63 2.23 -9.08
N MET D 240 47.89 1.21 -8.68
CA MET D 240 48.20 0.48 -7.46
C MET D 240 49.15 -0.69 -7.70
N GLY D 241 49.46 -0.95 -8.96
CA GLY D 241 50.48 -1.92 -9.38
C GLY D 241 49.95 -3.33 -9.43
N VAL D 242 48.62 -3.45 -9.54
CA VAL D 242 47.93 -4.74 -9.53
C VAL D 242 47.80 -5.31 -10.95
N ILE D 243 47.64 -4.42 -11.93
CA ILE D 243 47.71 -4.82 -13.33
C ILE D 243 48.71 -3.88 -14.04
N GLU D 244 49.20 -4.33 -15.18
CA GLU D 244 50.25 -3.65 -15.93
C GLU D 244 49.70 -2.44 -16.66
N GLY D 245 50.55 -1.41 -16.83
CA GLY D 245 50.17 -0.23 -17.59
C GLY D 245 50.15 1.03 -16.75
N THR D 246 49.79 2.14 -17.40
CA THR D 246 49.64 3.42 -16.72
C THR D 246 48.25 4.03 -16.96
N PRO D 247 47.65 4.64 -15.90
CA PRO D 247 46.41 5.34 -16.05
C PRO D 247 46.33 6.14 -17.34
N GLU D 248 45.30 5.89 -18.13
CA GLU D 248 44.99 6.59 -19.35
C GLU D 248 44.03 7.69 -18.91
N THR D 249 44.52 8.90 -18.66
CA THR D 249 43.67 9.93 -18.03
C THR D 249 43.28 11.10 -18.94
N ALA D 250 43.30 10.86 -20.25
CA ALA D 250 43.06 11.93 -21.23
C ALA D 250 41.58 12.27 -21.24
N GLN D 251 41.28 13.56 -21.38
CA GLN D 251 39.90 14.05 -21.32
C GLN D 251 39.35 14.42 -22.70
N ARG D 252 38.02 14.38 -22.81
CA ARG D 252 37.32 14.67 -24.05
C ARG D 252 37.43 16.15 -24.43
N GLY D 253 37.45 17.02 -23.42
CA GLY D 253 37.61 18.48 -23.63
C GLY D 253 39.03 18.98 -23.94
N GLY D 254 39.97 18.05 -24.13
CA GLY D 254 41.36 18.39 -24.37
C GLY D 254 42.26 18.08 -23.20
N ALA D 255 41.79 18.38 -21.98
CA ALA D 255 42.56 18.28 -20.74
C ALA D 255 43.48 17.05 -20.56
N ALA D 256 44.61 17.27 -19.90
CA ALA D 256 45.60 16.21 -19.63
C ALA D 256 45.10 15.20 -18.58
N GLY D 257 44.35 15.71 -17.59
CA GLY D 257 43.70 14.86 -16.61
C GLY D 257 42.61 15.51 -15.79
N THR D 258 42.46 15.00 -14.58
CA THR D 258 41.48 15.44 -13.60
C THR D 258 41.75 16.84 -13.05
N ARG D 259 40.71 17.67 -13.07
CA ARG D 259 40.68 18.94 -12.40
C ARG D 259 40.10 18.76 -10.99
N HIS D 260 40.87 19.07 -9.95
CA HIS D 260 40.41 18.97 -8.57
C HIS D 260 39.54 20.13 -8.20
N MET D 261 38.36 19.81 -7.66
CA MET D 261 37.36 20.81 -7.35
C MET D 261 36.88 20.64 -5.92
N MET D 262 36.12 21.62 -5.45
CA MET D 262 35.58 21.57 -4.11
C MET D 262 34.15 22.11 -4.03
N VAL D 263 33.41 21.56 -3.06
CA VAL D 263 32.12 22.08 -2.58
C VAL D 263 32.26 22.23 -1.06
N ARG D 264 32.10 23.45 -0.55
CA ARG D 264 32.21 23.66 0.89
C ARG D 264 31.16 24.64 1.44
N GLU D 265 31.03 25.80 0.79
CA GLU D 265 30.08 26.84 1.21
C GLU D 265 28.62 26.35 1.15
N ALA D 266 27.79 26.84 2.07
CA ALA D 266 26.34 26.62 2.02
C ALA D 266 25.75 27.33 0.80
N ASP D 267 26.49 28.35 0.34
CA ASP D 267 26.20 29.09 -0.89
C ASP D 267 26.35 28.28 -2.16
N ALA D 268 26.86 27.06 -2.07
CA ALA D 268 27.11 26.25 -3.28
C ALA D 268 25.84 25.57 -3.79
N TYR D 269 24.88 25.42 -2.88
CA TYR D 269 23.62 24.74 -3.10
C TYR D 269 22.53 25.74 -3.44
N VAL D 270 21.88 25.54 -4.58
CA VAL D 270 20.68 26.27 -4.91
C VAL D 270 19.48 25.47 -4.38
N MET D 271 18.79 26.06 -3.40
CA MET D 271 17.74 25.37 -2.66
C MET D 271 16.36 25.77 -3.17
N ALA D 272 15.40 24.83 -3.11
CA ALA D 272 14.01 25.13 -3.49
C ALA D 272 13.18 25.55 -2.28
N PRO D 273 12.70 26.81 -2.26
CA PRO D 273 11.96 27.33 -1.11
C PRO D 273 10.52 26.85 -1.08
N ARG D 274 10.05 26.33 -2.20
CA ARG D 274 8.67 25.92 -2.36
C ARG D 274 8.62 24.69 -3.26
N THR D 275 7.55 23.92 -3.08
CA THR D 275 7.22 22.82 -3.95
C THR D 275 6.59 23.35 -5.24
N GLY D 276 6.99 22.78 -6.38
CA GLY D 276 6.40 23.14 -7.67
C GLY D 276 7.21 22.56 -8.80
N LEU D 277 7.10 23.15 -9.99
CA LEU D 277 7.73 22.62 -11.16
C LEU D 277 9.01 23.43 -11.53
N PHE D 278 10.16 22.80 -11.32
CA PHE D 278 11.43 23.51 -11.52
C PHE D 278 11.92 23.39 -12.95
N GLU D 279 12.10 24.55 -13.59
CA GLU D 279 12.73 24.63 -14.91
C GLU D 279 14.17 25.19 -14.78
N PRO D 280 15.19 24.40 -15.10
CA PRO D 280 16.53 24.95 -14.92
C PRO D 280 16.95 25.88 -16.09
N THR D 281 18.06 26.60 -15.90
CA THR D 281 18.71 27.33 -17.00
C THR D 281 19.97 26.61 -17.48
N HIS D 282 20.57 25.78 -16.62
CA HIS D 282 21.80 25.06 -16.94
C HIS D 282 21.75 23.55 -16.62
N TYR D 283 22.67 22.81 -17.24
CA TYR D 283 22.87 21.37 -16.98
C TYR D 283 24.16 21.15 -16.22
N VAL D 284 24.35 19.93 -15.71
CA VAL D 284 25.62 19.56 -15.11
C VAL D 284 26.76 19.71 -16.13
N GLY D 285 27.90 20.15 -15.64
CA GLY D 285 29.08 20.34 -16.49
C GLY D 285 29.27 21.77 -16.98
N GLU D 286 28.22 22.56 -16.88
CA GLU D 286 28.18 23.90 -17.42
C GLU D 286 28.60 24.96 -16.41
N GLU D 287 29.22 26.02 -16.93
CA GLU D 287 29.81 27.05 -16.09
C GLU D 287 28.76 28.07 -15.66
N VAL D 288 28.89 28.51 -14.40
CA VAL D 288 27.88 29.34 -13.75
C VAL D 288 28.47 30.50 -12.94
N ARG D 289 27.76 31.65 -12.93
CA ARG D 289 28.20 32.86 -12.21
C ARG D 289 27.18 33.37 -11.16
N THR D 290 27.70 33.85 -10.02
CA THR D 290 26.87 34.40 -8.93
C THR D 290 25.90 35.49 -9.41
N GLY D 291 24.65 35.39 -8.97
CA GLY D 291 23.61 36.33 -9.32
C GLY D 291 22.80 35.97 -10.56
N GLU D 292 23.34 35.12 -11.44
CA GLU D 292 22.56 34.71 -12.59
C GLU D 292 21.48 33.68 -12.24
N THR D 293 20.46 33.64 -13.09
CA THR D 293 19.28 32.79 -12.92
C THR D 293 19.62 31.30 -13.02
N ALA D 294 19.39 30.57 -11.93
CA ALA D 294 19.50 29.11 -11.94
C ALA D 294 18.23 28.43 -12.53
N GLY D 295 17.08 29.08 -12.36
CA GLY D 295 15.82 28.57 -12.89
C GLY D 295 14.60 29.21 -12.25
N TRP D 296 13.43 28.68 -12.58
CA TRP D 296 12.17 29.10 -11.98
C TRP D 296 11.38 27.89 -11.45
N ILE D 297 10.70 28.07 -10.32
CA ILE D 297 9.66 27.14 -9.90
C ILE D 297 8.31 27.67 -10.40
N HIS D 298 7.65 26.89 -11.24
CA HIS D 298 6.31 27.21 -11.75
C HIS D 298 5.22 26.61 -10.83
N PHE D 299 4.11 27.33 -10.68
CA PHE D 299 2.97 26.90 -9.87
C PHE D 299 1.83 26.63 -10.81
N VAL D 300 1.97 25.50 -11.51
CA VAL D 300 1.01 25.17 -12.57
C VAL D 300 -0.38 24.94 -12.04
N GLU D 301 -0.50 24.78 -10.71
CA GLU D 301 -1.83 24.68 -10.08
C GLU D 301 -2.65 25.97 -10.14
N ASP D 302 -1.96 27.08 -10.39
CA ASP D 302 -2.53 28.43 -10.34
C ASP D 302 -2.60 29.03 -11.73
N VAL D 303 -3.73 29.67 -12.06
CA VAL D 303 -3.74 30.64 -13.15
C VAL D 303 -3.06 31.93 -12.65
N ASP D 304 -2.66 32.83 -13.56
CA ASP D 304 -2.22 34.18 -13.15
C ASP D 304 -0.97 34.27 -12.26
N THR D 305 -0.52 33.18 -11.63
CA THR D 305 0.63 33.23 -10.72
C THR D 305 1.97 33.15 -11.45
N ALA D 306 2.88 34.10 -11.19
CA ALA D 306 4.18 34.12 -11.87
C ALA D 306 5.13 33.13 -11.22
N PRO D 307 6.07 32.55 -11.99
CA PRO D 307 7.05 31.63 -11.37
C PRO D 307 8.11 32.33 -10.48
N LEU D 308 8.57 31.59 -9.48
CA LEU D 308 9.59 32.04 -8.56
C LEU D 308 10.97 31.79 -9.18
N GLU D 309 11.71 32.88 -9.41
CA GLU D 309 13.04 32.81 -9.98
C GLU D 309 14.06 32.46 -8.89
N LEU D 310 15.05 31.65 -9.25
CA LEU D 310 16.09 31.25 -8.33
C LEU D 310 17.46 31.62 -8.91
N LEU D 311 18.35 32.08 -8.04
CA LEU D 311 19.68 32.48 -8.47
C LEU D 311 20.79 31.61 -7.91
N TYR D 312 21.88 31.49 -8.68
CA TYR D 312 23.12 30.96 -8.11
C TYR D 312 23.73 31.98 -7.16
N ARG D 313 24.45 31.49 -6.15
CA ARG D 313 25.17 32.36 -5.24
C ARG D 313 26.69 32.22 -5.43
N ARG D 314 27.12 31.17 -6.14
CA ARG D 314 28.55 30.90 -6.37
C ARG D 314 28.89 30.87 -7.85
N ASP D 315 30.15 31.22 -8.13
CA ASP D 315 30.75 30.96 -9.43
C ASP D 315 31.33 29.54 -9.42
N GLY D 316 31.38 28.93 -10.60
CA GLY D 316 31.91 27.61 -10.72
C GLY D 316 31.10 26.83 -11.73
N ILE D 317 31.19 25.51 -11.65
CA ILE D 317 30.51 24.62 -12.58
C ILE D 317 29.49 23.72 -11.86
N VAL D 318 28.31 23.59 -12.45
CA VAL D 318 27.26 22.69 -11.94
C VAL D 318 27.75 21.24 -11.81
N TRP D 319 27.74 20.74 -10.58
CA TRP D 319 28.13 19.34 -10.31
C TRP D 319 26.91 18.41 -10.35
N PHE D 320 25.94 18.74 -9.50
CA PHE D 320 24.64 18.09 -9.48
C PHE D 320 23.63 19.09 -10.00
N GLY D 321 22.75 18.62 -10.88
CA GLY D 321 21.70 19.45 -11.45
C GLY D 321 20.36 18.76 -11.29
N ALA D 322 19.29 19.53 -11.38
CA ALA D 322 17.91 19.10 -11.11
C ALA D 322 17.59 17.73 -11.71
N GLY D 323 16.95 16.87 -10.92
CA GLY D 323 16.49 15.58 -11.42
C GLY D 323 15.02 15.66 -11.79
N PRO D 324 14.12 15.36 -10.82
CA PRO D 324 12.66 15.41 -11.12
C PRO D 324 12.20 16.82 -11.48
N GLY D 325 11.24 16.88 -12.40
CA GLY D 325 10.65 18.14 -12.80
C GLY D 325 9.92 18.81 -11.65
N ARG D 326 9.15 18.02 -10.91
CA ARG D 326 8.41 18.54 -9.77
C ARG D 326 9.23 18.38 -8.49
N VAL D 327 9.66 19.49 -7.91
CA VAL D 327 10.58 19.47 -6.81
C VAL D 327 9.82 19.73 -5.53
N THR D 328 10.39 19.28 -4.43
CA THR D 328 9.81 19.48 -3.12
C THR D 328 10.60 20.54 -2.38
N ARG D 329 9.89 21.46 -1.73
CA ARG D 329 10.49 22.40 -0.80
C ARG D 329 11.62 21.71 -0.02
N GLY D 330 12.76 22.40 0.11
CA GLY D 330 13.92 21.83 0.83
C GLY D 330 14.85 20.91 0.02
N ASP D 331 14.50 20.63 -1.24
CA ASP D 331 15.41 19.95 -2.19
C ASP D 331 16.46 20.92 -2.70
N ALA D 332 17.67 20.42 -2.96
CA ALA D 332 18.64 21.18 -3.80
C ALA D 332 18.25 20.98 -5.26
N VAL D 333 18.39 22.03 -6.06
CA VAL D 333 18.13 21.94 -7.50
C VAL D 333 19.41 22.10 -8.31
N ALA D 334 20.51 22.49 -7.64
CA ALA D 334 21.83 22.59 -8.27
C ALA D 334 22.87 22.66 -7.16
N VAL D 335 24.01 22.02 -7.39
CA VAL D 335 25.13 22.12 -6.48
C VAL D 335 26.34 22.52 -7.35
N VAL D 336 27.00 23.61 -6.97
CA VAL D 336 28.09 24.18 -7.78
C VAL D 336 29.45 23.80 -7.21
N MET D 337 30.34 23.31 -8.07
CA MET D 337 31.75 23.10 -7.67
C MET D 337 32.68 24.17 -8.27
N GLU D 338 33.87 24.31 -7.67
CA GLU D 338 34.87 25.32 -8.01
C GLU D 338 36.24 24.72 -7.72
N ASP D 339 37.32 25.32 -8.26
CA ASP D 339 38.67 24.72 -8.09
C ASP D 339 39.07 24.49 -6.62
N TYR D 340 39.76 23.38 -6.41
CA TYR D 340 40.26 22.97 -5.09
C TYR D 340 41.40 23.86 -4.55
N SER E 9 -21.96 16.40 -17.79
CA SER E 9 -20.70 16.56 -16.98
C SER E 9 -20.85 17.17 -15.57
N ARG E 10 -20.26 16.46 -14.61
CA ARG E 10 -20.16 16.89 -13.22
C ARG E 10 -19.02 17.92 -13.01
N ILE E 11 -18.15 18.14 -14.00
CA ILE E 11 -17.07 19.11 -13.84
C ILE E 11 -17.63 20.49 -14.15
N ALA E 12 -17.51 21.40 -13.19
CA ALA E 12 -18.17 22.71 -13.27
C ALA E 12 -17.20 23.76 -13.78
N CYS E 13 -17.68 24.62 -14.68
CA CYS E 13 -16.89 25.72 -15.22
C CYS E 13 -17.79 26.92 -15.58
N ASP E 14 -17.42 28.10 -15.07
CA ASP E 14 -18.26 29.28 -15.13
C ASP E 14 -17.79 30.23 -16.24
N ILE E 15 -16.76 29.82 -16.96
CA ILE E 15 -16.19 30.64 -18.00
C ILE E 15 -17.12 30.75 -19.21
N ASP E 16 -17.31 31.99 -19.68
CA ASP E 16 -18.02 32.24 -20.92
C ASP E 16 -17.01 32.26 -22.06
N PHE E 17 -16.97 31.17 -22.83
CA PHE E 17 -15.99 31.00 -23.90
C PHE E 17 -16.34 31.79 -25.14
N ASP E 18 -17.55 32.35 -25.17
CA ASP E 18 -17.99 33.27 -26.24
C ASP E 18 -17.66 34.75 -25.96
N ARG E 19 -17.30 35.06 -24.70
CA ARG E 19 -17.03 36.44 -24.27
C ARG E 19 -15.69 36.99 -24.74
N ASP E 20 -15.72 38.22 -25.28
CA ASP E 20 -14.48 38.90 -25.67
C ASP E 20 -13.66 39.24 -24.42
N GLY E 21 -12.34 39.23 -24.53
CA GLY E 21 -11.44 39.55 -23.40
C GLY E 21 -10.61 38.38 -22.93
N ARG E 22 -10.14 38.45 -21.68
CA ARG E 22 -9.38 37.35 -21.05
C ARG E 22 -10.12 36.87 -19.84
N GLN E 23 -10.28 35.55 -19.73
CA GLN E 23 -10.77 34.94 -18.48
C GLN E 23 -9.81 33.84 -18.09
N ALA E 24 -9.32 33.90 -16.85
CA ALA E 24 -8.44 32.89 -16.25
C ALA E 24 -9.14 32.44 -14.98
N GLY E 25 -9.37 31.12 -14.86
CA GLY E 25 -10.21 30.56 -13.79
C GLY E 25 -9.93 29.06 -13.69
N TYR E 26 -10.84 28.31 -13.07
CA TYR E 26 -10.67 26.87 -12.90
C TYR E 26 -11.95 26.13 -13.28
N ALA E 27 -11.81 24.96 -13.88
CA ALA E 27 -12.94 24.02 -13.88
C ALA E 27 -12.81 23.22 -12.58
N ARG E 28 -13.92 22.99 -11.91
CA ARG E 28 -13.95 22.34 -10.60
C ARG E 28 -14.46 20.89 -10.75
N ALA E 29 -13.52 19.96 -10.67
CA ALA E 29 -13.79 18.53 -10.87
C ALA E 29 -14.07 17.87 -9.50
N PRO E 30 -15.28 17.35 -9.30
CA PRO E 30 -15.54 16.73 -8.01
C PRO E 30 -14.65 15.52 -7.78
N LEU E 31 -14.23 15.36 -6.51
CA LEU E 31 -13.40 14.23 -6.08
C LEU E 31 -13.77 13.89 -4.63
N SER E 32 -14.23 12.66 -4.41
CA SER E 32 -14.59 12.18 -3.10
C SER E 32 -13.39 11.44 -2.49
N ARG E 33 -12.95 11.88 -1.31
CA ARG E 33 -11.91 11.19 -0.54
C ARG E 33 -12.52 10.79 0.81
N ASN E 34 -11.82 9.95 1.56
CA ASN E 34 -12.32 9.51 2.87
C ASN E 34 -12.65 10.64 3.86
N ASN E 35 -11.78 11.66 3.95
CA ASN E 35 -12.05 12.84 4.78
C ASN E 35 -12.49 14.10 4.02
N SER E 36 -12.90 13.94 2.76
CA SER E 36 -13.43 15.04 1.95
C SER E 36 -14.34 14.49 0.84
N GLY E 37 -15.57 14.13 1.22
CA GLY E 37 -16.51 13.46 0.31
C GLY E 37 -17.03 14.39 -0.77
N TRP E 38 -16.92 15.68 -0.51
CA TRP E 38 -17.40 16.74 -1.39
CA TRP E 38 -17.38 16.69 -1.44
C TRP E 38 -16.23 17.59 -1.87
N GLY E 39 -15.02 17.01 -1.92
CA GLY E 39 -13.81 17.70 -2.34
C GLY E 39 -13.82 18.05 -3.82
N THR E 40 -13.05 19.05 -4.22
CA THR E 40 -12.91 19.38 -5.64
C THR E 40 -11.47 19.57 -6.01
N VAL E 41 -11.18 19.24 -7.27
CA VAL E 41 -9.91 19.48 -7.92
C VAL E 41 -10.09 20.63 -8.91
N GLU E 42 -9.24 21.64 -8.76
CA GLU E 42 -9.34 22.83 -9.61
C GLU E 42 -8.39 22.71 -10.79
N ILE E 43 -8.95 22.63 -12.00
CA ILE E 43 -8.18 22.55 -13.26
C ILE E 43 -8.00 23.93 -13.94
N PRO E 44 -6.76 24.47 -13.99
CA PRO E 44 -6.64 25.82 -14.55
C PRO E 44 -7.05 25.92 -16.02
N ILE E 45 -7.86 26.95 -16.31
CA ILE E 45 -8.27 27.28 -17.67
C ILE E 45 -8.17 28.79 -17.90
N THR E 46 -7.50 29.16 -18.99
CA THR E 46 -7.46 30.54 -19.47
C THR E 46 -7.94 30.57 -20.92
N VAL E 47 -8.76 31.57 -21.21
CA VAL E 47 -9.21 31.86 -22.56
C VAL E 47 -9.03 33.34 -22.91
N VAL E 48 -8.44 33.59 -24.07
CA VAL E 48 -8.29 34.91 -24.62
C VAL E 48 -9.10 34.92 -25.92
N LYS E 49 -10.10 35.81 -25.97
CA LYS E 49 -10.92 35.95 -27.16
C LYS E 49 -11.00 37.41 -27.60
N ASN E 50 -10.72 37.66 -28.88
CA ASN E 50 -10.72 39.02 -29.46
C ASN E 50 -10.70 38.99 -30.99
N GLY E 51 -11.42 39.96 -31.59
CA GLY E 51 -11.42 40.15 -33.02
C GLY E 51 -12.08 38.99 -33.73
N SER E 52 -11.47 38.55 -34.83
CA SER E 52 -12.08 37.54 -35.68
C SER E 52 -11.07 36.49 -36.10
N GLY E 53 -11.43 35.22 -35.89
CA GLY E 53 -10.57 34.12 -36.26
C GLY E 53 -10.82 32.78 -35.57
N PRO E 54 -9.93 31.80 -35.84
CA PRO E 54 -10.07 30.40 -35.40
C PRO E 54 -9.74 30.20 -33.92
N THR E 55 -10.12 29.04 -33.40
CA THR E 55 -9.89 28.68 -31.99
C THR E 55 -8.76 27.68 -31.87
N VAL E 56 -7.72 28.07 -31.13
CA VAL E 56 -6.56 27.23 -30.89
C VAL E 56 -6.68 26.69 -29.47
N LEU E 57 -6.66 25.36 -29.33
CA LEU E 57 -6.72 24.71 -28.02
C LEU E 57 -5.37 24.11 -27.70
N LEU E 58 -4.79 24.58 -26.59
CA LEU E 58 -3.49 24.12 -26.11
C LEU E 58 -3.67 23.35 -24.79
N THR E 59 -3.29 22.07 -24.82
CA THR E 59 -3.34 21.26 -23.60
C THR E 59 -1.97 20.75 -23.21
N GLY E 60 -1.75 20.68 -21.90
CA GLY E 60 -0.56 20.07 -21.36
C GLY E 60 -0.93 19.32 -20.10
N GLY E 61 -0.03 18.46 -19.64
CA GLY E 61 -0.22 17.75 -18.37
C GLY E 61 -1.34 16.73 -18.39
N VAL E 62 -1.62 16.15 -19.55
CA VAL E 62 -2.62 15.08 -19.65
C VAL E 62 -2.04 13.90 -18.85
N HIS E 63 -0.73 13.72 -18.96
CA HIS E 63 0.05 12.86 -18.09
C HIS E 63 0.83 13.76 -17.12
N GLY E 64 0.76 13.43 -15.83
CA GLY E 64 1.22 14.35 -14.78
C GLY E 64 2.71 14.59 -14.79
N ASP E 65 3.47 13.68 -15.40
CA ASP E 65 4.90 13.75 -15.37
C ASP E 65 5.50 14.29 -16.69
N GLU E 66 4.67 14.98 -17.48
CA GLU E 66 5.13 15.51 -18.75
C GLU E 66 5.12 17.03 -18.68
N TYR E 67 6.28 17.61 -18.44
CA TYR E 67 6.36 18.96 -17.90
C TYR E 67 6.34 20.06 -18.95
N GLU E 68 6.88 19.74 -20.12
CA GLU E 68 7.17 20.76 -21.11
C GLU E 68 5.97 21.58 -21.48
N GLY E 69 4.83 20.93 -21.74
CA GLY E 69 3.57 21.64 -22.04
C GLY E 69 2.99 22.35 -20.83
N GLN E 70 3.28 21.81 -19.63
CA GLN E 70 2.80 22.47 -18.42
C GLN E 70 3.47 23.86 -18.31
N ILE E 71 4.78 23.88 -18.58
CA ILE E 71 5.58 25.10 -18.49
C ILE E 71 5.27 26.04 -19.66
N ALA E 72 5.37 25.54 -20.90
CA ALA E 72 5.12 26.39 -22.08
C ALA E 72 3.74 26.98 -22.05
N ILE E 73 2.73 26.19 -21.66
CA ILE E 73 1.38 26.67 -21.80
C ILE E 73 0.98 27.58 -20.66
N SER E 74 1.40 27.27 -19.41
CA SER E 74 1.05 28.17 -18.33
C SER E 74 1.79 29.52 -18.50
N ASP E 75 3.04 29.47 -18.99
CA ASP E 75 3.81 30.69 -19.23
C ASP E 75 3.04 31.57 -20.24
N LEU E 76 2.72 31.02 -21.42
CA LEU E 76 1.87 31.74 -22.38
C LEU E 76 0.54 32.23 -21.79
N ALA E 77 -0.10 31.39 -21.00
CA ALA E 77 -1.45 31.75 -20.47
C ALA E 77 -1.43 32.98 -19.58
N ARG E 78 -0.30 33.22 -18.92
CA ARG E 78 -0.13 34.37 -18.00
C ARG E 78 0.05 35.67 -18.80
N ARG E 79 0.71 35.57 -19.95
CA ARG E 79 1.23 36.73 -20.70
C ARG E 79 0.38 37.15 -21.89
N LEU E 80 -0.35 36.20 -22.49
CA LEU E 80 -1.16 36.47 -23.67
C LEU E 80 -2.30 37.45 -23.38
N ARG E 81 -2.43 38.44 -24.25
CA ARG E 81 -3.41 39.53 -24.06
C ARG E 81 -4.42 39.51 -25.18
N PRO E 82 -5.67 39.89 -24.86
CA PRO E 82 -6.73 40.05 -25.87
C PRO E 82 -6.30 40.81 -27.15
N GLU E 83 -5.61 41.96 -26.99
CA GLU E 83 -5.22 42.80 -28.15
C GLU E 83 -4.05 42.23 -28.97
N GLU E 84 -3.51 41.09 -28.51
CA GLU E 84 -2.54 40.36 -29.31
C GLU E 84 -3.26 39.37 -30.25
N VAL E 85 -4.56 39.22 -30.05
CA VAL E 85 -5.30 38.05 -30.52
C VAL E 85 -6.36 38.38 -31.55
N GLN E 86 -6.31 37.70 -32.69
CA GLN E 86 -7.43 37.71 -33.62
C GLN E 86 -7.99 36.29 -33.76
N GLY E 87 -9.07 36.01 -33.04
CA GLY E 87 -9.56 34.63 -32.89
C GLY E 87 -9.73 34.30 -31.41
N ARG E 88 -9.34 33.08 -31.01
CA ARG E 88 -9.53 32.59 -29.63
C ARG E 88 -8.46 31.53 -29.26
N VAL E 89 -7.94 31.63 -28.04
CA VAL E 89 -6.93 30.71 -27.56
C VAL E 89 -7.46 30.16 -26.26
N ILE E 90 -7.59 28.83 -26.19
CA ILE E 90 -7.99 28.17 -24.96
C ILE E 90 -6.81 27.35 -24.43
N MET E 91 -6.41 27.65 -23.19
CA MET E 91 -5.19 27.08 -22.62
C MET E 91 -5.42 26.32 -21.29
N LEU E 92 -5.18 25.00 -21.30
CA LEU E 92 -5.21 24.13 -20.11
C LEU E 92 -3.84 23.50 -19.95
N PRO E 93 -2.94 24.15 -19.22
CA PRO E 93 -1.55 23.70 -19.17
C PRO E 93 -1.36 22.44 -18.31
N ALA E 94 -2.36 22.12 -17.48
CA ALA E 94 -2.17 21.16 -16.37
C ALA E 94 -3.49 20.42 -16.22
N VAL E 95 -3.76 19.50 -17.13
CA VAL E 95 -5.08 18.91 -17.21
C VAL E 95 -5.29 17.86 -16.08
N ASN E 96 -4.40 16.89 -15.99
CA ASN E 96 -4.55 15.79 -15.04
C ASN E 96 -3.97 16.19 -13.67
N MET E 97 -4.66 17.09 -12.96
CA MET E 97 -4.09 17.69 -11.72
C MET E 97 -3.61 16.72 -10.62
N PRO E 98 -4.42 15.66 -10.30
CA PRO E 98 -4.01 14.66 -9.30
C PRO E 98 -2.70 13.99 -9.66
N ALA E 99 -2.55 13.66 -10.95
CA ALA E 99 -1.35 13.03 -11.47
C ALA E 99 -0.20 14.02 -11.50
N ILE E 100 -0.50 15.30 -11.67
CA ILE E 100 0.59 16.31 -11.66
C ILE E 100 1.19 16.42 -10.25
N GLN E 101 0.33 16.35 -9.25
CA GLN E 101 0.73 16.46 -7.84
C GLN E 101 1.59 15.30 -7.42
N SER E 102 1.32 14.12 -7.98
CA SER E 102 2.13 12.93 -7.71
C SER E 102 3.26 12.71 -8.69
N ASP E 103 3.29 13.51 -9.76
CA ASP E 103 4.37 13.45 -10.74
C ASP E 103 4.45 12.04 -11.36
N THR E 104 3.30 11.54 -11.78
CA THR E 104 3.20 10.23 -12.38
C THR E 104 2.40 10.30 -13.66
N ARG E 105 2.59 9.31 -14.51
CA ARG E 105 1.74 9.15 -15.69
C ARG E 105 0.30 8.75 -15.34
N LEU E 106 0.16 7.79 -14.45
CA LEU E 106 -1.16 7.24 -14.12
C LEU E 106 -1.77 8.08 -12.99
N SER E 107 -3.09 8.10 -12.92
CA SER E 107 -3.82 8.81 -11.85
C SER E 107 -3.71 8.15 -10.50
N PRO E 108 -3.30 8.94 -9.47
CA PRO E 108 -3.28 8.40 -8.09
C PRO E 108 -4.67 8.24 -7.52
N VAL E 109 -5.68 8.68 -8.26
CA VAL E 109 -7.06 8.55 -7.80
C VAL E 109 -7.66 7.19 -8.19
N ASP E 110 -7.60 6.84 -9.48
CA ASP E 110 -8.25 5.63 -9.96
C ASP E 110 -7.29 4.70 -10.71
N GLY E 111 -6.00 4.98 -10.65
CA GLY E 111 -4.99 4.18 -11.33
C GLY E 111 -5.01 4.27 -12.84
N ARG E 112 -5.94 5.02 -13.42
CA ARG E 112 -6.08 4.99 -14.87
C ARG E 112 -5.01 5.80 -15.59
N ASP E 113 -4.71 5.38 -16.82
CA ASP E 113 -3.95 6.24 -17.74
C ASP E 113 -5.03 7.01 -18.42
N ILE E 114 -5.14 8.30 -18.11
CA ILE E 114 -6.25 9.09 -18.71
C ILE E 114 -6.25 9.00 -20.24
N ASN E 115 -5.08 8.83 -20.84
CA ASN E 115 -4.99 8.83 -22.30
C ASN E 115 -5.27 7.43 -22.88
N ARG E 116 -5.86 6.57 -22.03
CA ARG E 116 -6.45 5.30 -22.47
C ARG E 116 -7.93 5.30 -22.10
N CYS E 117 -8.49 6.44 -21.66
CA CYS E 117 -9.90 6.54 -21.22
C CYS E 117 -10.87 7.35 -22.12
N PHE E 118 -10.38 7.92 -23.22
CA PHE E 118 -11.23 8.74 -24.10
C PHE E 118 -12.08 7.84 -24.99
N PRO E 119 -13.33 8.26 -25.33
CA PRO E 119 -13.97 9.57 -25.09
C PRO E 119 -14.43 9.85 -23.65
N GLY E 120 -14.47 8.80 -22.83
CA GLY E 120 -14.77 8.95 -21.40
C GLY E 120 -16.17 8.50 -20.96
N ASP E 121 -16.43 8.64 -19.68
CA ASP E 121 -17.70 8.24 -19.11
C ASP E 121 -18.02 9.28 -18.08
N PRO E 122 -19.09 10.07 -18.32
CA PRO E 122 -19.41 11.15 -17.42
C PRO E 122 -19.72 10.63 -16.02
N ARG E 123 -20.08 9.35 -15.91
CA ARG E 123 -20.45 8.74 -14.62
C ARG E 123 -19.35 7.82 -14.13
N GLY E 124 -18.20 7.83 -14.81
CA GLY E 124 -17.12 6.92 -14.48
C GLY E 124 -16.29 7.41 -13.32
N THR E 125 -15.10 6.83 -13.19
CA THR E 125 -14.17 7.26 -12.16
C THR E 125 -13.55 8.59 -12.61
N PHE E 126 -12.74 9.19 -11.75
CA PHE E 126 -12.17 10.50 -11.97
C PHE E 126 -11.62 10.72 -13.38
N SER E 127 -10.71 9.84 -13.81
CA SER E 127 -10.06 9.99 -15.11
C SER E 127 -11.06 9.90 -16.26
N GLN E 128 -12.06 9.02 -16.12
CA GLN E 128 -13.11 8.87 -17.13
C GLN E 128 -13.98 10.13 -17.25
N MET E 129 -14.25 10.76 -16.11
CA MET E 129 -15.11 11.94 -16.03
C MET E 129 -14.36 13.15 -16.62
N LEU E 130 -13.10 13.31 -16.23
CA LEU E 130 -12.22 14.32 -16.80
C LEU E 130 -12.02 14.15 -18.33
N ALA E 131 -11.75 12.92 -18.79
CA ALA E 131 -11.67 12.62 -20.23
C ALA E 131 -12.94 13.09 -20.97
N HIS E 132 -14.09 12.77 -20.41
CA HIS E 132 -15.38 13.17 -20.94
C HIS E 132 -15.54 14.72 -21.05
N PHE E 133 -15.25 15.44 -19.97
CA PHE E 133 -15.32 16.91 -19.99
C PHE E 133 -14.42 17.47 -21.11
N LEU E 134 -13.21 16.95 -21.20
CA LEU E 134 -12.28 17.41 -22.20
C LEU E 134 -12.81 17.23 -23.63
N ASP E 135 -13.33 16.04 -23.94
CA ASP E 135 -13.72 15.69 -25.29
C ASP E 135 -15.07 16.29 -25.62
N SER E 136 -15.98 16.31 -24.65
CA SER E 136 -17.36 16.72 -24.87
C SER E 136 -17.63 18.22 -24.66
N VAL E 137 -16.88 18.86 -23.76
CA VAL E 137 -17.12 20.26 -23.38
C VAL E 137 -16.08 21.19 -24.01
N ILE E 138 -14.80 20.89 -23.82
CA ILE E 138 -13.72 21.73 -24.33
C ILE E 138 -13.44 21.57 -25.82
N LEU E 139 -13.04 20.36 -26.23
CA LEU E 139 -12.63 20.06 -27.61
C LEU E 139 -13.58 20.55 -28.76
N PRO E 140 -14.91 20.41 -28.61
CA PRO E 140 -15.69 20.84 -29.78
C PRO E 140 -15.49 22.31 -30.22
N MET E 141 -14.91 23.13 -29.34
CA MET E 141 -14.66 24.53 -29.60
C MET E 141 -13.46 24.79 -30.52
N ALA E 142 -12.61 23.77 -30.68
CA ALA E 142 -11.33 23.91 -31.33
C ALA E 142 -11.34 23.80 -32.85
N ASP E 143 -10.56 24.65 -33.50
CA ASP E 143 -10.23 24.47 -34.91
C ASP E 143 -8.95 23.70 -35.04
N ILE E 144 -8.05 23.89 -34.08
CA ILE E 144 -6.82 23.13 -34.04
C ILE E 144 -6.48 22.81 -32.58
N SER E 145 -5.84 21.66 -32.37
CA SER E 145 -5.43 21.18 -31.04
C SER E 145 -3.95 20.88 -31.10
N VAL E 146 -3.24 21.45 -30.13
CA VAL E 146 -1.90 21.02 -29.85
C VAL E 146 -1.88 20.43 -28.42
N ASP E 147 -1.68 19.12 -28.34
CA ASP E 147 -1.67 18.38 -27.06
C ASP E 147 -0.22 18.06 -26.77
N MET E 148 0.32 18.66 -25.73
CA MET E 148 1.75 18.65 -25.52
C MET E 148 2.19 17.55 -24.57
N HIS E 149 2.91 16.57 -25.13
CA HIS E 149 3.48 15.47 -24.39
C HIS E 149 5.02 15.43 -24.37
N THR E 150 5.54 14.53 -23.54
CA THR E 150 6.93 14.10 -23.52
C THR E 150 6.89 12.59 -23.13
N ALA E 151 8.04 11.97 -22.99
CA ALA E 151 8.08 10.56 -22.60
C ALA E 151 8.01 10.33 -21.07
N GLY E 152 7.89 11.41 -20.29
CA GLY E 152 7.86 11.33 -18.83
C GLY E 152 8.99 10.49 -18.29
N HIS E 153 8.63 9.48 -17.50
CA HIS E 153 9.61 8.58 -16.88
C HIS E 153 9.95 7.36 -17.74
N SER E 154 9.25 7.22 -18.87
CA SER E 154 9.32 6.03 -19.74
C SER E 154 10.54 5.96 -20.70
N TYR E 155 10.84 7.08 -21.36
CA TYR E 155 11.98 7.19 -22.29
C TYR E 155 12.49 8.63 -22.27
N ASP E 156 13.58 8.86 -22.98
CA ASP E 156 13.81 10.21 -23.47
C ASP E 156 13.25 10.30 -24.90
N SER E 157 12.91 11.50 -25.33
CA SER E 157 12.50 11.74 -26.71
C SER E 157 13.24 12.96 -27.28
N THR E 158 13.54 12.89 -28.59
CA THR E 158 14.16 14.02 -29.27
C THR E 158 13.04 14.98 -29.61
N PRO E 159 13.24 16.29 -29.35
CA PRO E 159 12.16 17.27 -29.52
C PRO E 159 11.51 17.20 -30.90
N SER E 160 10.19 17.12 -30.89
CA SER E 160 9.46 16.71 -32.07
C SER E 160 7.97 16.96 -31.92
N THR E 161 7.29 17.03 -33.05
CA THR E 161 5.85 17.00 -33.10
C THR E 161 5.48 15.64 -33.67
N ASN E 162 4.18 15.35 -33.72
CA ASN E 162 3.71 14.10 -34.26
C ASN E 162 2.26 14.21 -34.65
N MET E 163 1.85 13.33 -35.55
CA MET E 163 0.54 13.37 -36.16
C MET E 163 0.19 11.98 -36.71
N HIS E 164 -1.04 11.79 -37.14
CA HIS E 164 -1.41 10.56 -37.83
C HIS E 164 -1.54 10.80 -39.35
N TYR E 165 -1.15 9.80 -40.13
CA TYR E 165 -1.37 9.81 -41.58
C TYR E 165 -2.87 9.69 -41.80
N LEU E 166 -3.52 10.81 -42.08
CA LEU E 166 -4.97 10.90 -42.16
C LEU E 166 -5.55 10.33 -43.45
N ALA E 167 -6.83 9.97 -43.41
CA ALA E 167 -7.56 9.53 -44.60
C ALA E 167 -7.71 10.70 -45.58
N ASP E 168 -8.23 11.82 -45.07
CA ASP E 168 -8.47 13.02 -45.83
C ASP E 168 -7.14 13.69 -46.20
N PRO E 169 -6.80 13.73 -47.50
CA PRO E 169 -5.54 14.32 -47.98
C PRO E 169 -5.45 15.83 -47.77
N ALA E 170 -6.62 16.48 -47.71
CA ALA E 170 -6.71 17.91 -47.40
C ALA E 170 -6.36 18.17 -45.93
N LEU E 171 -7.02 17.43 -45.05
CA LEU E 171 -6.72 17.51 -43.64
C LEU E 171 -5.30 17.04 -43.40
N ARG E 172 -4.86 16.05 -44.16
CA ARG E 172 -3.48 15.59 -44.04
C ARG E 172 -2.51 16.75 -44.34
N ALA E 173 -2.80 17.52 -45.39
CA ALA E 173 -2.02 18.72 -45.78
C ALA E 173 -1.99 19.82 -44.70
N ARG E 174 -3.16 20.25 -44.23
CA ARG E 174 -3.24 21.20 -43.10
C ARG E 174 -2.43 20.80 -41.84
N THR E 175 -2.46 19.52 -41.46
CA THR E 175 -1.77 19.08 -40.24
C THR E 175 -0.26 19.10 -40.46
N LEU E 176 0.16 18.66 -41.64
CA LEU E 176 1.56 18.78 -42.06
C LEU E 176 2.04 20.21 -42.01
N ALA E 177 1.23 21.12 -42.52
CA ALA E 177 1.56 22.54 -42.60
C ALA E 177 1.71 23.16 -41.22
N ALA E 178 0.74 22.86 -40.35
CA ALA E 178 0.79 23.21 -38.93
C ALA E 178 2.02 22.67 -38.21
N ALA E 179 2.35 21.40 -38.44
CA ALA E 179 3.58 20.81 -37.90
C ALA E 179 4.90 21.46 -38.39
N GLU E 180 4.96 21.78 -39.69
CA GLU E 180 6.05 22.61 -40.24
C GLU E 180 6.10 23.97 -39.56
N ALA E 181 4.95 24.62 -39.41
CA ALA E 181 4.85 25.86 -38.62
C ALA E 181 5.46 25.75 -37.21
N PHE E 182 5.03 24.70 -36.47
CA PHE E 182 5.46 24.45 -35.09
C PHE E 182 6.98 24.44 -35.05
N GLY E 183 7.59 23.71 -35.97
CA GLY E 183 9.03 23.84 -36.18
C GLY E 183 9.98 23.20 -35.17
N ALA E 184 9.59 22.05 -34.61
CA ALA E 184 10.55 21.22 -33.90
C ALA E 184 11.52 20.64 -34.94
N PRO E 185 12.74 20.24 -34.52
CA PRO E 185 13.68 19.59 -35.43
C PRO E 185 13.08 18.47 -36.29
N HIS E 186 12.13 17.72 -35.72
CA HIS E 186 11.48 16.61 -36.45
C HIS E 186 9.97 16.60 -36.23
N ASN E 187 9.24 16.09 -37.22
CA ASN E 187 7.83 15.84 -37.09
C ASN E 187 7.69 14.38 -37.42
N VAL E 188 6.99 13.64 -36.57
CA VAL E 188 6.84 12.19 -36.76
C VAL E 188 5.40 11.83 -37.09
N VAL E 189 5.16 11.32 -38.30
CA VAL E 189 3.84 10.86 -38.72
C VAL E 189 3.74 9.37 -38.39
N PHE E 190 2.67 8.99 -37.69
CA PHE E 190 2.64 7.76 -36.90
C PHE E 190 1.43 6.94 -37.27
N SER E 197 -8.09 5.48 -27.94
CA SER E 197 -8.62 6.03 -26.68
C SER E 197 -7.76 7.16 -26.12
N THR E 198 -6.93 7.73 -26.99
CA THR E 198 -6.16 8.94 -26.69
C THR E 198 -6.99 10.19 -26.97
N PHE E 199 -6.59 11.29 -26.35
CA PHE E 199 -7.23 12.58 -26.59
C PHE E 199 -7.08 12.91 -28.08
N THR E 200 -5.88 12.74 -28.63
CA THR E 200 -5.65 12.99 -30.06
C THR E 200 -6.59 12.18 -30.98
N SER E 201 -6.90 10.93 -30.61
CA SER E 201 -7.90 10.16 -31.37
C SER E 201 -9.27 10.87 -31.40
N CYS E 202 -9.63 11.56 -30.31
CA CYS E 202 -10.86 12.37 -30.26
C CYS E 202 -10.84 13.58 -31.20
N VAL E 203 -9.72 14.30 -31.17
CA VAL E 203 -9.49 15.48 -32.00
C VAL E 203 -9.68 15.07 -33.44
N GLU E 204 -8.99 14.01 -33.83
CA GLU E 204 -9.06 13.47 -35.20
C GLU E 204 -10.45 13.00 -35.57
N ARG E 205 -11.16 12.38 -34.63
CA ARG E 205 -12.52 11.88 -34.90
C ARG E 205 -13.51 13.00 -35.14
N ARG E 206 -13.23 14.18 -34.59
CA ARG E 206 -14.10 15.32 -34.76
C ARG E 206 -13.69 16.16 -35.96
N GLY E 207 -12.64 15.71 -36.66
CA GLY E 207 -12.12 16.40 -37.85
C GLY E 207 -11.39 17.70 -37.57
N ILE E 208 -10.87 17.84 -36.35
CA ILE E 208 -10.12 19.01 -35.90
C ILE E 208 -8.65 18.72 -36.18
N VAL E 209 -7.87 19.71 -36.60
CA VAL E 209 -6.43 19.45 -36.83
C VAL E 209 -5.78 19.06 -35.51
N SER E 210 -4.91 18.05 -35.54
CA SER E 210 -4.31 17.51 -34.31
C SER E 210 -2.82 17.38 -34.36
N LEU E 211 -2.17 18.11 -33.48
CA LEU E 211 -0.77 17.91 -33.26
C LEU E 211 -0.56 17.47 -31.82
N GLY E 212 0.37 16.55 -31.64
CA GLY E 212 0.94 16.28 -30.34
C GLY E 212 2.41 16.62 -30.43
N THR E 213 3.10 16.50 -29.31
CA THR E 213 4.51 16.80 -29.28
C THR E 213 5.14 15.74 -28.43
N GLU E 214 6.43 15.51 -28.65
CA GLU E 214 7.23 14.73 -27.71
C GLU E 214 8.48 15.56 -27.43
N LEU E 215 8.58 16.09 -26.21
CA LEU E 215 9.51 17.14 -25.92
C LEU E 215 10.43 16.89 -24.73
N GLY E 216 10.75 15.63 -24.49
CA GLY E 216 11.67 15.26 -23.43
C GLY E 216 11.23 13.98 -22.73
N GLY E 217 11.48 13.91 -21.41
CA GLY E 217 11.35 12.68 -20.65
C GLY E 217 12.51 12.55 -19.69
N TRP E 218 12.97 11.31 -19.46
CA TRP E 218 13.95 10.99 -18.43
C TRP E 218 13.55 11.53 -17.02
N GLY E 219 12.26 11.81 -16.84
CA GLY E 219 11.75 12.30 -15.55
C GLY E 219 12.18 13.70 -15.21
N ARG E 220 12.83 14.36 -16.18
CA ARG E 220 13.48 15.67 -15.97
C ARG E 220 12.91 16.77 -16.88
N VAL E 221 13.36 18.01 -16.69
CA VAL E 221 12.94 19.12 -17.58
C VAL E 221 13.99 19.34 -18.68
N ASN E 222 13.55 19.19 -19.94
CA ASN E 222 14.38 19.41 -21.10
C ASN E 222 14.43 20.90 -21.50
N ILE E 223 15.61 21.50 -21.35
CA ILE E 223 15.80 22.93 -21.59
C ILE E 223 15.49 23.22 -23.06
N GLU E 224 16.12 22.44 -23.95
CA GLU E 224 15.86 22.57 -25.38
C GLU E 224 14.41 22.23 -25.70
N GLY E 225 13.84 21.23 -25.01
CA GLY E 225 12.42 20.89 -25.14
C GLY E 225 11.49 22.06 -24.81
N VAL E 226 11.80 22.76 -23.72
CA VAL E 226 10.99 23.94 -23.32
C VAL E 226 11.11 25.06 -24.37
N ARG E 227 12.34 25.40 -24.74
CA ARG E 227 12.62 26.35 -25.83
C ARG E 227 11.81 26.01 -27.09
N ILE E 228 11.95 24.75 -27.54
CA ILE E 228 11.30 24.31 -28.75
C ILE E 228 9.75 24.37 -28.62
N GLY E 229 9.24 24.05 -27.43
CA GLY E 229 7.79 24.01 -27.18
C GLY E 229 7.17 25.39 -27.01
N LYS E 230 7.87 26.28 -26.31
CA LYS E 230 7.43 27.68 -26.20
C LYS E 230 7.33 28.35 -27.59
N ARG E 231 8.36 28.19 -28.41
CA ARG E 231 8.42 28.76 -29.79
C ARG E 231 7.34 28.11 -30.65
N GLY E 232 7.21 26.79 -30.52
CA GLY E 232 6.19 26.00 -31.22
C GLY E 232 4.78 26.49 -31.10
N ILE E 233 4.29 26.72 -29.89
CA ILE E 233 2.90 27.20 -29.73
C ILE E 233 2.68 28.64 -30.25
N LEU E 234 3.65 29.52 -30.05
CA LEU E 234 3.60 30.82 -30.71
C LEU E 234 3.57 30.63 -32.23
N ASN E 235 4.43 29.76 -32.75
CA ASN E 235 4.53 29.52 -34.20
C ASN E 235 3.21 29.04 -34.79
N VAL E 236 2.45 28.29 -34.01
CA VAL E 236 1.15 27.77 -34.44
C VAL E 236 0.13 28.90 -34.42
N LEU E 237 0.18 29.74 -33.39
CA LEU E 237 -0.77 30.86 -33.31
C LEU E 237 -0.56 31.81 -34.51
N LYS E 238 0.69 31.93 -34.94
CA LYS E 238 1.06 32.77 -36.07
C LYS E 238 0.60 32.10 -37.36
N HIS E 239 0.90 30.81 -37.48
CA HIS E 239 0.43 30.01 -38.61
C HIS E 239 -1.07 30.14 -38.80
N MET E 240 -1.83 30.15 -37.72
CA MET E 240 -3.29 30.16 -37.80
C MET E 240 -3.81 31.58 -37.96
N GLY E 241 -2.88 32.53 -37.91
CA GLY E 241 -3.22 33.95 -38.02
C GLY E 241 -3.95 34.48 -36.80
N VAL E 242 -3.71 33.85 -35.64
CA VAL E 242 -4.38 34.28 -34.40
C VAL E 242 -3.61 35.42 -33.71
N ILE E 243 -2.30 35.40 -33.86
CA ILE E 243 -1.42 36.49 -33.41
C ILE E 243 -0.50 36.92 -34.58
N GLU E 244 0.01 38.15 -34.52
CA GLU E 244 0.87 38.69 -35.59
C GLU E 244 2.21 37.96 -35.75
N GLY E 245 2.70 37.91 -36.99
CA GLY E 245 4.05 37.42 -37.23
C GLY E 245 4.02 36.16 -38.06
N THR E 246 5.20 35.58 -38.30
CA THR E 246 5.32 34.35 -39.04
C THR E 246 6.24 33.39 -38.26
N PRO E 247 6.05 32.07 -38.41
CA PRO E 247 6.80 31.15 -37.55
C PRO E 247 8.32 31.26 -37.66
N GLU E 248 9.02 31.23 -36.53
CA GLU E 248 10.48 31.11 -36.50
C GLU E 248 10.87 29.62 -36.40
N THR E 249 11.44 29.07 -37.46
CA THR E 249 11.61 27.62 -37.58
C THR E 249 13.05 27.14 -37.76
N ALA E 250 14.01 28.01 -37.48
CA ALA E 250 15.41 27.66 -37.66
C ALA E 250 15.95 26.69 -36.61
N GLN E 251 16.79 25.76 -37.06
CA GLN E 251 17.27 24.65 -36.24
C GLN E 251 18.75 24.77 -35.89
N ARG E 252 19.09 24.32 -34.68
CA ARG E 252 20.43 24.50 -34.13
C ARG E 252 21.58 23.90 -34.93
N GLY E 253 21.31 22.89 -35.75
CA GLY E 253 22.37 22.30 -36.55
C GLY E 253 22.42 22.84 -37.98
N GLY E 254 21.80 24.00 -38.19
CA GLY E 254 21.77 24.65 -39.50
C GLY E 254 20.49 24.51 -40.30
N ALA E 255 19.68 23.48 -40.04
CA ALA E 255 18.48 23.30 -40.84
C ALA E 255 17.52 24.51 -40.75
N ALA E 256 16.82 24.78 -41.85
CA ALA E 256 15.89 25.93 -41.90
C ALA E 256 14.48 25.59 -41.41
N GLY E 257 14.20 24.29 -41.24
CA GLY E 257 12.90 23.87 -40.70
C GLY E 257 12.77 22.41 -40.28
N THR E 258 11.52 22.03 -39.99
CA THR E 258 11.14 20.67 -39.58
C THR E 258 11.45 19.60 -40.63
N ARG E 259 12.19 18.57 -40.25
CA ARG E 259 12.34 17.38 -41.10
C ARG E 259 11.28 16.32 -40.75
N HIS E 260 10.44 16.03 -41.73
CA HIS E 260 9.35 15.07 -41.54
C HIS E 260 9.86 13.63 -41.45
N MET E 261 9.31 12.87 -40.49
CA MET E 261 9.69 11.46 -40.34
C MET E 261 8.43 10.61 -40.16
N MET E 262 8.63 9.29 -40.03
CA MET E 262 7.52 8.34 -39.80
C MET E 262 7.97 7.14 -38.97
N VAL E 263 7.00 6.53 -38.29
CA VAL E 263 7.18 5.30 -37.52
C VAL E 263 5.97 4.41 -37.85
N ARG E 264 6.17 3.43 -38.72
CA ARG E 264 5.06 2.61 -39.22
C ARG E 264 5.30 1.08 -39.07
N GLU E 265 6.52 0.69 -38.69
CA GLU E 265 6.92 -0.72 -38.78
C GLU E 265 7.31 -1.33 -37.45
N ALA E 266 6.78 -2.53 -37.16
CA ALA E 266 7.20 -3.30 -35.99
C ALA E 266 8.71 -3.28 -35.82
N ASP E 267 9.40 -3.33 -36.96
CA ASP E 267 10.86 -3.30 -37.05
C ASP E 267 11.48 -2.07 -36.40
N ALA E 268 10.71 -0.98 -36.33
CA ALA E 268 11.20 0.30 -35.79
C ALA E 268 11.39 0.28 -34.29
N TYR E 269 10.88 -0.76 -33.64
CA TYR E 269 10.97 -0.90 -32.18
C TYR E 269 12.02 -1.91 -31.79
N VAL E 270 12.90 -1.52 -30.86
CA VAL E 270 13.79 -2.47 -30.20
C VAL E 270 13.15 -2.78 -28.85
N MET E 271 12.73 -4.04 -28.70
CA MET E 271 12.06 -4.51 -27.48
C MET E 271 13.02 -5.32 -26.60
N ALA E 272 12.88 -5.20 -25.28
CA ALA E 272 13.67 -6.01 -24.38
C ALA E 272 13.04 -7.41 -24.23
N PRO E 273 13.81 -8.47 -24.57
CA PRO E 273 13.38 -9.86 -24.39
C PRO E 273 13.38 -10.35 -22.93
N ARG E 274 14.21 -9.73 -22.09
CA ARG E 274 14.35 -10.13 -20.69
C ARG E 274 14.43 -8.89 -19.82
N THR E 275 14.12 -9.10 -18.55
CA THR E 275 14.28 -8.09 -17.52
C THR E 275 15.74 -7.98 -17.08
N GLY E 276 16.25 -6.75 -17.02
CA GLY E 276 17.57 -6.52 -16.48
C GLY E 276 18.01 -5.09 -16.64
N LEU E 277 19.32 -4.90 -16.53
CA LEU E 277 19.97 -3.60 -16.65
C LEU E 277 20.42 -3.36 -18.08
N PHE E 278 19.71 -2.48 -18.76
CA PHE E 278 20.00 -2.21 -20.16
C PHE E 278 20.95 -1.02 -20.34
N GLU E 279 22.07 -1.32 -21.00
CA GLU E 279 23.02 -0.31 -21.42
C GLU E 279 22.84 0.00 -22.92
N PRO E 280 22.49 1.25 -23.26
CA PRO E 280 22.29 1.60 -24.66
C PRO E 280 23.61 2.02 -25.33
N THR E 281 23.63 2.07 -26.67
CA THR E 281 24.78 2.63 -27.41
C THR E 281 24.55 4.05 -27.94
N HIS E 282 23.28 4.42 -28.12
CA HIS E 282 22.91 5.74 -28.65
C HIS E 282 21.85 6.43 -27.82
N TYR E 283 21.81 7.76 -27.92
CA TYR E 283 20.71 8.55 -27.38
C TYR E 283 19.78 8.93 -28.51
N VAL E 284 18.63 9.49 -28.14
CA VAL E 284 17.67 10.07 -29.08
C VAL E 284 18.31 11.14 -29.98
N GLY E 285 17.83 11.22 -31.21
CA GLY E 285 18.37 12.18 -32.18
C GLY E 285 19.60 11.66 -32.91
N GLU E 286 20.21 10.60 -32.42
CA GLU E 286 21.36 9.98 -33.07
C GLU E 286 20.98 9.03 -34.19
N GLU E 287 21.87 8.95 -35.19
CA GLU E 287 21.65 8.14 -36.38
C GLU E 287 22.06 6.70 -36.09
N VAL E 288 21.22 5.73 -36.50
CA VAL E 288 21.49 4.28 -36.33
C VAL E 288 21.15 3.40 -37.55
N ARG E 289 21.86 2.29 -37.71
CA ARG E 289 21.65 1.36 -38.82
C ARG E 289 21.32 -0.08 -38.41
N THR E 290 20.56 -0.75 -39.28
CA THR E 290 20.09 -2.12 -39.13
C THR E 290 21.18 -3.15 -38.74
N GLY E 291 20.75 -4.21 -38.06
CA GLY E 291 21.65 -5.31 -37.62
C GLY E 291 22.80 -5.03 -36.64
N GLU E 292 23.03 -3.75 -36.32
CA GLU E 292 24.05 -3.37 -35.34
C GLU E 292 23.55 -3.29 -33.88
N THR E 293 24.50 -3.24 -32.94
CA THR E 293 24.23 -3.34 -31.50
C THR E 293 23.42 -2.14 -30.98
N ALA E 294 22.23 -2.39 -30.41
CA ALA E 294 21.41 -1.33 -29.79
C ALA E 294 21.83 -1.12 -28.34
N GLY E 295 22.25 -2.20 -27.71
CA GLY E 295 22.71 -2.17 -26.33
C GLY E 295 22.75 -3.57 -25.79
N TRP E 296 23.09 -3.66 -24.51
CA TRP E 296 23.09 -4.94 -23.82
C TRP E 296 22.21 -4.87 -22.57
N ILE E 297 21.49 -5.96 -22.31
CA ILE E 297 20.86 -6.20 -21.01
C ILE E 297 21.81 -7.01 -20.16
N HIS E 298 22.30 -6.38 -19.08
CA HIS E 298 23.19 -7.01 -18.14
C HIS E 298 22.32 -7.74 -17.10
N PHE E 299 22.81 -8.89 -16.65
CA PHE E 299 22.18 -9.64 -15.58
C PHE E 299 23.07 -9.53 -14.38
N VAL E 300 22.99 -8.37 -13.73
CA VAL E 300 23.88 -8.05 -12.61
C VAL E 300 23.68 -8.97 -11.42
N GLU E 301 22.56 -9.69 -11.43
CA GLU E 301 22.23 -10.67 -10.42
C GLU E 301 23.14 -11.90 -10.47
N ASP E 302 23.69 -12.18 -11.64
CA ASP E 302 24.54 -13.35 -11.88
C ASP E 302 26.03 -13.04 -11.92
N VAL E 303 26.84 -13.88 -11.30
CA VAL E 303 28.26 -13.92 -11.64
C VAL E 303 28.41 -14.62 -12.98
N ASP E 304 29.55 -14.37 -13.65
CA ASP E 304 29.93 -15.00 -14.93
C ASP E 304 29.03 -14.70 -16.15
N THR E 305 27.72 -14.55 -15.94
CA THR E 305 26.80 -14.50 -17.08
C THR E 305 27.07 -13.26 -17.93
N ALA E 306 27.11 -13.48 -19.24
CA ALA E 306 27.42 -12.42 -20.20
C ALA E 306 26.16 -11.66 -20.55
N PRO E 307 26.27 -10.35 -20.83
CA PRO E 307 25.11 -9.52 -21.28
C PRO E 307 24.41 -10.05 -22.52
N LEU E 308 23.14 -9.72 -22.69
CA LEU E 308 22.42 -10.06 -23.91
C LEU E 308 22.38 -8.86 -24.86
N GLU E 309 23.06 -9.00 -25.98
CA GLU E 309 23.10 -7.97 -27.01
C GLU E 309 21.76 -7.82 -27.72
N LEU E 310 21.37 -6.56 -27.94
CA LEU E 310 20.18 -6.26 -28.74
C LEU E 310 20.65 -5.48 -29.94
N LEU E 311 19.95 -5.68 -31.07
CA LEU E 311 20.23 -4.97 -32.31
C LEU E 311 19.02 -4.22 -32.79
N TYR E 312 19.27 -3.09 -33.45
CA TYR E 312 18.27 -2.41 -34.27
C TYR E 312 17.94 -3.26 -35.50
N ARG E 313 16.71 -3.16 -35.98
CA ARG E 313 16.30 -3.87 -37.17
C ARG E 313 15.75 -2.88 -38.18
N ARG E 314 16.24 -1.64 -38.08
CA ARG E 314 15.88 -0.55 -38.98
C ARG E 314 17.04 0.41 -39.10
N ASP E 315 17.16 0.99 -40.29
CA ASP E 315 17.97 2.19 -40.50
C ASP E 315 17.14 3.38 -40.03
N GLY E 316 17.80 4.41 -39.53
CA GLY E 316 17.09 5.63 -39.20
C GLY E 316 17.66 6.39 -38.02
N ILE E 317 16.81 7.19 -37.40
CA ILE E 317 17.24 7.96 -36.24
C ILE E 317 16.42 7.59 -34.97
N VAL E 318 17.06 7.66 -33.81
CA VAL E 318 16.41 7.35 -32.55
C VAL E 318 15.41 8.45 -32.16
N TRP E 319 14.13 8.10 -32.16
CA TRP E 319 13.07 8.99 -31.69
C TRP E 319 12.82 8.92 -30.15
N PHE E 320 12.64 7.70 -29.65
CA PHE E 320 12.60 7.43 -28.20
C PHE E 320 13.80 6.55 -27.90
N GLY E 321 14.50 6.85 -26.81
CA GLY E 321 15.58 6.00 -26.32
C GLY E 321 15.33 5.53 -24.87
N ALA E 322 16.12 4.57 -24.40
CA ALA E 322 15.91 3.97 -23.09
C ALA E 322 15.73 5.01 -21.97
N GLY E 323 14.61 4.94 -21.25
CA GLY E 323 14.42 5.73 -20.00
C GLY E 323 15.08 5.09 -18.79
N PRO E 324 14.34 4.22 -18.04
CA PRO E 324 14.93 3.62 -16.83
C PRO E 324 16.06 2.66 -17.15
N GLY E 325 17.07 2.60 -16.29
CA GLY E 325 18.18 1.67 -16.49
C GLY E 325 17.74 0.22 -16.41
N ARG E 326 16.99 -0.10 -15.35
CA ARG E 326 16.34 -1.41 -15.21
C ARG E 326 15.07 -1.52 -16.08
N VAL E 327 15.12 -2.37 -17.10
CA VAL E 327 13.99 -2.50 -18.01
C VAL E 327 13.29 -3.84 -17.75
N THR E 328 12.04 -3.92 -18.12
CA THR E 328 11.24 -5.13 -17.90
C THR E 328 11.03 -5.66 -19.29
N ARG E 329 11.12 -6.98 -19.43
CA ARG E 329 10.65 -7.68 -20.62
C ARG E 329 9.35 -7.12 -21.17
N GLY E 330 9.31 -6.91 -22.47
CA GLY E 330 8.16 -6.25 -23.08
C GLY E 330 8.31 -4.75 -23.33
N ASP E 331 9.23 -4.10 -22.62
CA ASP E 331 9.50 -2.66 -22.85
C ASP E 331 10.24 -2.38 -24.15
N ALA E 332 9.88 -1.28 -24.80
CA ALA E 332 10.67 -0.76 -25.91
C ALA E 332 11.91 -0.05 -25.35
N VAL E 333 13.10 -0.34 -25.84
CA VAL E 333 14.30 0.39 -25.39
C VAL E 333 14.76 1.44 -26.41
N ALA E 334 14.06 1.48 -27.53
CA ALA E 334 14.38 2.37 -28.63
C ALA E 334 13.28 2.28 -29.66
N VAL E 335 12.88 3.42 -30.20
CA VAL E 335 11.95 3.52 -31.33
C VAL E 335 12.67 4.36 -32.38
N VAL E 336 12.98 3.74 -33.51
CA VAL E 336 13.75 4.39 -34.60
C VAL E 336 12.79 5.00 -35.63
N MET E 337 12.99 6.29 -35.95
CA MET E 337 12.24 6.97 -37.00
C MET E 337 13.04 7.09 -38.32
N GLU E 338 12.32 7.18 -39.43
CA GLU E 338 12.94 7.27 -40.76
C GLU E 338 12.26 8.34 -41.62
N ASP E 339 12.92 8.80 -42.70
CA ASP E 339 12.36 9.90 -43.51
C ASP E 339 10.90 9.61 -43.94
N TYR E 340 10.04 10.63 -43.92
CA TYR E 340 8.60 10.46 -44.19
C TYR E 340 8.24 9.83 -45.56
N SER F 9 -9.50 -5.87 -30.85
CA SER F 9 -8.59 -5.90 -29.67
C SER F 9 -7.29 -5.12 -29.82
N ARG F 10 -6.88 -4.45 -28.73
CA ARG F 10 -5.55 -3.82 -28.64
C ARG F 10 -4.42 -4.84 -28.47
N ILE F 11 -4.78 -6.06 -28.10
CA ILE F 11 -3.79 -7.11 -27.93
C ILE F 11 -3.41 -7.62 -29.31
N ALA F 12 -2.15 -7.42 -29.66
CA ALA F 12 -1.64 -7.78 -30.97
C ALA F 12 -1.17 -9.23 -30.98
N CYS F 13 -1.50 -9.94 -32.06
CA CYS F 13 -1.02 -11.30 -32.27
C CYS F 13 -0.72 -11.56 -33.76
N ASP F 14 0.53 -11.93 -34.07
CA ASP F 14 0.95 -12.12 -35.46
C ASP F 14 0.66 -13.53 -35.95
N ILE F 15 0.36 -14.44 -35.04
CA ILE F 15 0.08 -15.82 -35.38
C ILE F 15 -1.03 -15.93 -36.44
N ASP F 16 -0.81 -16.75 -37.47
CA ASP F 16 -1.86 -17.01 -38.47
C ASP F 16 -2.47 -18.37 -38.14
N PHE F 17 -3.70 -18.35 -37.65
CA PHE F 17 -4.28 -19.57 -37.08
C PHE F 17 -4.80 -20.52 -38.16
N ASP F 18 -4.76 -20.05 -39.42
CA ASP F 18 -5.12 -20.85 -40.59
C ASP F 18 -3.93 -21.61 -41.20
N ARG F 19 -2.71 -21.26 -40.82
CA ARG F 19 -1.50 -21.88 -41.40
C ARG F 19 -1.19 -23.26 -40.84
N ASP F 20 -0.92 -24.25 -41.73
CA ASP F 20 -0.46 -25.58 -41.28
C ASP F 20 0.94 -25.48 -40.71
N GLY F 21 1.26 -26.34 -39.75
CA GLY F 21 2.56 -26.29 -39.08
C GLY F 21 2.47 -25.81 -37.64
N ARG F 22 3.58 -25.38 -37.08
CA ARG F 22 3.66 -24.94 -35.70
C ARG F 22 4.10 -23.47 -35.60
N GLN F 23 3.37 -22.70 -34.78
CA GLN F 23 3.78 -21.35 -34.44
C GLN F 23 3.73 -21.23 -32.91
N ALA F 24 4.84 -20.82 -32.31
CA ALA F 24 4.92 -20.58 -30.89
C ALA F 24 5.46 -19.17 -30.79
N GLY F 25 4.64 -18.30 -30.24
CA GLY F 25 4.96 -16.90 -30.05
C GLY F 25 4.10 -16.38 -28.91
N TYR F 26 3.81 -15.09 -28.95
CA TYR F 26 3.11 -14.40 -27.85
C TYR F 26 2.01 -13.47 -28.37
N ALA F 27 0.92 -13.34 -27.61
CA ALA F 27 0.04 -12.18 -27.74
C ALA F 27 0.67 -11.01 -26.96
N ARG F 28 0.71 -9.81 -27.57
CA ARG F 28 1.38 -8.66 -26.98
C ARG F 28 0.30 -7.72 -26.46
N ALA F 29 0.09 -7.75 -25.15
CA ALA F 29 -0.99 -6.98 -24.50
C ALA F 29 -0.41 -5.72 -23.91
N PRO F 30 -0.97 -4.55 -24.30
CA PRO F 30 -0.53 -3.22 -23.83
C PRO F 30 -0.70 -3.11 -22.33
N LEU F 31 0.32 -2.57 -21.64
CA LEU F 31 0.23 -2.37 -20.21
C LEU F 31 0.97 -1.09 -19.85
N SER F 32 0.20 -0.03 -19.60
CA SER F 32 0.79 1.25 -19.25
C SER F 32 1.24 1.22 -17.78
N ARG F 33 2.54 1.39 -17.52
CA ARG F 33 3.06 1.59 -16.16
C ARG F 33 3.70 2.98 -16.05
N ASN F 34 3.89 3.46 -14.83
CA ASN F 34 4.43 4.80 -14.62
C ASN F 34 5.78 5.09 -15.31
N ASN F 35 6.68 4.11 -15.30
CA ASN F 35 7.92 4.22 -16.06
C ASN F 35 7.96 3.36 -17.35
N SER F 36 6.78 3.07 -17.91
CA SER F 36 6.67 2.23 -19.10
C SER F 36 5.27 2.36 -19.66
N GLY F 37 5.00 3.54 -20.23
CA GLY F 37 3.66 3.88 -20.71
C GLY F 37 3.26 3.11 -21.96
N TRP F 38 4.27 2.56 -22.66
CA TRP F 38 4.06 1.81 -23.90
CA TRP F 38 4.01 1.81 -23.87
C TRP F 38 4.49 0.36 -23.71
N GLY F 39 4.39 -0.14 -22.48
CA GLY F 39 4.89 -1.45 -22.11
C GLY F 39 3.98 -2.53 -22.65
N THR F 40 4.48 -3.76 -22.69
CA THR F 40 3.67 -4.90 -23.12
C THR F 40 3.95 -6.09 -22.20
N VAL F 41 2.93 -6.93 -22.02
CA VAL F 41 3.07 -8.24 -21.38
C VAL F 41 2.82 -9.28 -22.46
N GLU F 42 3.70 -10.27 -22.52
CA GLU F 42 3.68 -11.24 -23.61
C GLU F 42 2.99 -12.46 -23.09
N ILE F 43 1.93 -12.87 -23.78
CA ILE F 43 1.11 -14.01 -23.35
C ILE F 43 1.43 -15.18 -24.27
N PRO F 44 2.03 -16.26 -23.73
CA PRO F 44 2.44 -17.40 -24.56
C PRO F 44 1.24 -17.99 -25.29
N ILE F 45 1.40 -18.18 -26.61
CA ILE F 45 0.47 -18.96 -27.43
C ILE F 45 1.26 -19.90 -28.36
N THR F 46 0.83 -21.17 -28.43
CA THR F 46 1.39 -22.16 -29.37
C THR F 46 0.20 -22.74 -30.09
N VAL F 47 0.25 -22.76 -31.42
CA VAL F 47 -0.76 -23.43 -32.22
C VAL F 47 -0.09 -24.49 -33.09
N VAL F 48 -0.73 -25.65 -33.15
CA VAL F 48 -0.33 -26.68 -34.09
C VAL F 48 -1.56 -27.01 -34.94
N LYS F 49 -1.38 -26.97 -36.26
CA LYS F 49 -2.45 -27.24 -37.21
C LYS F 49 -1.91 -28.18 -38.28
N ASN F 50 -2.63 -29.28 -38.53
CA ASN F 50 -2.27 -30.22 -39.58
C ASN F 50 -3.49 -31.03 -39.99
N GLY F 51 -3.53 -31.37 -41.28
CA GLY F 51 -4.45 -32.35 -41.80
C GLY F 51 -5.85 -31.83 -41.68
N SER F 52 -6.73 -32.70 -41.23
CA SER F 52 -8.15 -32.40 -41.15
CA SER F 52 -8.11 -32.31 -41.10
C SER F 52 -8.73 -32.76 -39.79
N GLY F 53 -9.40 -31.81 -39.15
CA GLY F 53 -10.20 -32.14 -37.97
C GLY F 53 -10.57 -30.92 -37.14
N PRO F 54 -11.08 -31.18 -35.91
CA PRO F 54 -11.61 -30.12 -35.03
C PRO F 54 -10.52 -29.34 -34.27
N THR F 55 -10.92 -28.23 -33.65
CA THR F 55 -9.99 -27.40 -32.89
C THR F 55 -10.22 -27.59 -31.37
N VAL F 56 -9.11 -27.81 -30.67
CA VAL F 56 -9.13 -27.96 -29.23
C VAL F 56 -8.40 -26.77 -28.66
N LEU F 57 -9.08 -26.05 -27.77
CA LEU F 57 -8.49 -24.94 -27.04
C LEU F 57 -8.16 -25.40 -25.64
N LEU F 58 -6.90 -25.24 -25.26
CA LEU F 58 -6.45 -25.59 -23.92
C LEU F 58 -5.96 -24.32 -23.23
N THR F 59 -6.61 -23.92 -22.14
CA THR F 59 -6.19 -22.74 -21.39
C THR F 59 -5.82 -23.09 -19.95
N GLY F 60 -4.78 -22.43 -19.44
CA GLY F 60 -4.38 -22.48 -18.05
C GLY F 60 -3.98 -21.10 -17.53
N GLY F 61 -3.84 -20.95 -16.22
CA GLY F 61 -3.36 -19.69 -15.69
C GLY F 61 -4.30 -18.52 -15.90
N VAL F 62 -5.60 -18.80 -16.03
CA VAL F 62 -6.63 -17.72 -15.97
C VAL F 62 -6.55 -17.04 -14.60
N HIS F 63 -6.32 -17.87 -13.55
CA HIS F 63 -5.93 -17.44 -12.18
C HIS F 63 -4.46 -17.73 -11.93
N GLY F 64 -3.74 -16.71 -11.46
CA GLY F 64 -2.29 -16.77 -11.43
C GLY F 64 -1.71 -17.86 -10.55
N ASP F 65 -2.48 -18.23 -9.53
CA ASP F 65 -2.08 -19.19 -8.52
C ASP F 65 -2.65 -20.55 -8.76
N GLU F 66 -3.11 -20.83 -9.96
CA GLU F 66 -3.52 -22.19 -10.26
C GLU F 66 -2.54 -22.86 -11.25
N TYR F 67 -1.72 -23.75 -10.74
CA TYR F 67 -0.48 -24.15 -11.44
C TYR F 67 -0.61 -25.28 -12.45
N GLU F 68 -1.52 -26.22 -12.18
CA GLU F 68 -1.53 -27.49 -12.89
C GLU F 68 -1.77 -27.38 -14.39
N GLY F 69 -2.63 -26.44 -14.80
CA GLY F 69 -2.77 -26.07 -16.22
C GLY F 69 -1.56 -25.41 -16.84
N GLN F 70 -0.88 -24.59 -16.05
CA GLN F 70 0.30 -23.92 -16.57
C GLN F 70 1.36 -24.97 -16.91
N ILE F 71 1.65 -25.87 -15.97
CA ILE F 71 2.53 -27.04 -16.19
C ILE F 71 2.10 -27.98 -17.35
N ALA F 72 0.88 -28.51 -17.26
CA ALA F 72 0.44 -29.51 -18.26
C ALA F 72 0.41 -28.92 -19.70
N ILE F 73 -0.15 -27.72 -19.84
CA ILE F 73 -0.28 -27.11 -21.19
C ILE F 73 1.06 -26.61 -21.76
N SER F 74 1.90 -26.01 -20.93
CA SER F 74 3.18 -25.54 -21.42
C SER F 74 4.07 -26.74 -21.76
N ASP F 75 3.97 -27.82 -20.99
CA ASP F 75 4.70 -29.07 -21.29
C ASP F 75 4.25 -29.64 -22.63
N LEU F 76 2.95 -29.83 -22.85
CA LEU F 76 2.45 -30.23 -24.15
C LEU F 76 2.83 -29.27 -25.30
N ALA F 77 2.78 -27.98 -25.03
CA ALA F 77 3.05 -27.00 -26.07
C ALA F 77 4.46 -27.15 -26.59
N ARG F 78 5.37 -27.50 -25.70
CA ARG F 78 6.75 -27.60 -26.07
C ARG F 78 6.96 -28.85 -26.92
N ARG F 79 6.15 -29.87 -26.68
CA ARG F 79 6.45 -31.20 -27.21
C ARG F 79 5.59 -31.65 -28.38
N LEU F 80 4.41 -31.06 -28.53
CA LEU F 80 3.47 -31.57 -29.51
C LEU F 80 3.91 -31.20 -30.94
N ARG F 81 3.85 -32.18 -31.83
CA ARG F 81 4.37 -31.98 -33.20
C ARG F 81 3.29 -31.93 -34.25
N PRO F 82 3.40 -31.00 -35.21
CA PRO F 82 2.33 -30.83 -36.22
C PRO F 82 1.99 -32.10 -36.99
N GLU F 83 2.99 -32.94 -37.24
CA GLU F 83 2.76 -34.23 -37.90
C GLU F 83 1.89 -35.19 -37.14
N GLU F 84 1.74 -34.96 -35.84
CA GLU F 84 0.97 -35.87 -35.00
C GLU F 84 -0.49 -35.47 -35.04
N VAL F 85 -0.77 -34.34 -35.68
CA VAL F 85 -2.03 -33.64 -35.48
C VAL F 85 -2.90 -33.73 -36.71
N GLN F 86 -4.17 -34.06 -36.49
CA GLN F 86 -5.20 -34.05 -37.50
C GLN F 86 -6.35 -33.15 -36.95
N GLY F 87 -6.20 -31.86 -37.20
CA GLY F 87 -7.05 -30.83 -36.65
C GLY F 87 -6.18 -29.64 -36.30
N ARG F 88 -6.48 -29.02 -35.16
CA ARG F 88 -5.82 -27.80 -34.71
C ARG F 88 -5.86 -27.76 -33.16
N VAL F 89 -4.73 -27.40 -32.54
CA VAL F 89 -4.61 -27.31 -31.09
C VAL F 89 -4.01 -25.95 -30.78
N ILE F 90 -4.74 -25.15 -30.01
CA ILE F 90 -4.31 -23.83 -29.63
C ILE F 90 -4.08 -23.88 -28.13
N MET F 91 -2.88 -23.46 -27.70
CA MET F 91 -2.43 -23.71 -26.33
C MET F 91 -1.96 -22.43 -25.65
N LEU F 92 -2.70 -21.97 -24.63
CA LEU F 92 -2.32 -20.80 -23.82
C LEU F 92 -2.21 -21.24 -22.36
N PRO F 93 -1.01 -21.65 -21.90
CA PRO F 93 -0.94 -22.24 -20.56
C PRO F 93 -0.95 -21.21 -19.44
N ALA F 94 -0.77 -19.94 -19.84
CA ALA F 94 -0.37 -18.90 -18.93
C ALA F 94 -1.08 -17.61 -19.33
N VAL F 95 -2.40 -17.65 -19.19
CA VAL F 95 -3.23 -16.59 -19.71
C VAL F 95 -3.04 -15.25 -18.99
N ASN F 96 -3.22 -15.29 -17.67
CA ASN F 96 -3.21 -14.08 -16.83
C ASN F 96 -1.81 -13.80 -16.33
N MET F 97 -0.95 -13.39 -17.25
CA MET F 97 0.47 -13.31 -16.93
C MET F 97 0.80 -12.38 -15.74
N PRO F 98 0.18 -11.19 -15.65
CA PRO F 98 0.53 -10.40 -14.45
C PRO F 98 0.25 -11.07 -13.09
N ALA F 99 -0.87 -11.79 -13.01
CA ALA F 99 -1.31 -12.52 -11.80
C ALA F 99 -0.45 -13.76 -11.57
N ILE F 100 -0.03 -14.36 -12.67
CA ILE F 100 0.93 -15.46 -12.60
C ILE F 100 2.25 -15.01 -11.93
N GLN F 101 2.76 -13.86 -12.35
CA GLN F 101 3.99 -13.30 -11.78
C GLN F 101 3.88 -12.94 -10.29
N SER F 102 2.71 -12.50 -9.86
CA SER F 102 2.46 -12.24 -8.44
C SER F 102 1.94 -13.45 -7.64
N ASP F 103 1.63 -14.54 -8.33
CA ASP F 103 1.17 -15.79 -7.72
C ASP F 103 -0.15 -15.52 -6.97
N THR F 104 -1.06 -14.84 -7.65
CA THR F 104 -2.35 -14.44 -7.06
C THR F 104 -3.49 -14.74 -7.97
N ARG F 105 -4.66 -14.95 -7.36
CA ARG F 105 -5.89 -15.15 -8.08
C ARG F 105 -6.27 -13.88 -8.85
N LEU F 106 -6.27 -12.76 -8.12
CA LEU F 106 -6.65 -11.43 -8.62
C LEU F 106 -5.48 -10.74 -9.31
N SER F 107 -5.80 -9.86 -10.25
CA SER F 107 -4.78 -9.11 -10.97
C SER F 107 -4.12 -8.04 -10.14
N PRO F 108 -2.77 -8.02 -10.12
CA PRO F 108 -2.07 -6.86 -9.52
C PRO F 108 -2.15 -5.59 -10.40
N VAL F 109 -2.72 -5.69 -11.60
CA VAL F 109 -2.77 -4.53 -12.49
C VAL F 109 -4.03 -3.76 -12.17
N ASP F 110 -5.17 -4.45 -12.10
CA ASP F 110 -6.44 -3.76 -11.92
C ASP F 110 -7.31 -4.35 -10.80
N GLY F 111 -6.77 -5.32 -10.05
CA GLY F 111 -7.45 -5.89 -8.87
C GLY F 111 -8.62 -6.79 -9.19
N ARG F 112 -8.78 -7.07 -10.48
CA ARG F 112 -9.94 -7.81 -10.95
C ARG F 112 -9.64 -9.29 -10.88
N ASP F 113 -10.70 -10.08 -10.69
CA ASP F 113 -10.75 -11.50 -10.90
C ASP F 113 -11.18 -11.64 -12.34
N ILE F 114 -10.23 -11.90 -13.24
CA ILE F 114 -10.52 -11.94 -14.68
C ILE F 114 -11.73 -12.84 -14.98
N ASN F 115 -11.91 -13.87 -14.17
CA ASN F 115 -13.00 -14.80 -14.41
C ASN F 115 -14.33 -14.25 -13.90
N ARG F 116 -14.33 -12.96 -13.51
CA ARG F 116 -15.58 -12.21 -13.32
C ARG F 116 -15.71 -11.08 -14.33
N CYS F 117 -14.97 -11.14 -15.44
CA CYS F 117 -14.86 -9.99 -16.36
C CYS F 117 -15.33 -10.29 -17.75
N PHE F 118 -15.77 -11.52 -18.00
CA PHE F 118 -16.19 -11.92 -19.34
C PHE F 118 -17.60 -11.44 -19.58
N PRO F 119 -17.99 -11.16 -20.84
CA PRO F 119 -17.23 -11.24 -22.12
C PRO F 119 -16.04 -10.28 -22.28
N GLY F 120 -15.98 -9.23 -21.46
CA GLY F 120 -14.87 -8.30 -21.49
C GLY F 120 -15.20 -7.02 -22.22
N ASP F 121 -14.28 -6.06 -22.15
CA ASP F 121 -14.46 -4.76 -22.74
C ASP F 121 -13.10 -4.37 -23.32
N PRO F 122 -13.01 -4.27 -24.66
CA PRO F 122 -11.74 -3.96 -25.29
C PRO F 122 -11.19 -2.60 -24.90
N ARG F 123 -12.04 -1.72 -24.36
CA ARG F 123 -11.57 -0.38 -23.97
C ARG F 123 -11.38 -0.29 -22.46
N GLY F 124 -11.50 -1.43 -21.78
CA GLY F 124 -11.55 -1.50 -20.32
C GLY F 124 -10.16 -1.62 -19.75
N THR F 125 -10.07 -1.94 -18.46
CA THR F 125 -8.77 -2.08 -17.81
C THR F 125 -8.08 -3.35 -18.35
N PHE F 126 -6.83 -3.60 -17.95
CA PHE F 126 -6.12 -4.78 -18.44
C PHE F 126 -6.91 -6.14 -18.46
N SER F 127 -7.49 -6.55 -17.32
CA SER F 127 -8.24 -7.80 -17.23
C SER F 127 -9.49 -7.86 -18.12
N GLN F 128 -10.15 -6.72 -18.30
CA GLN F 128 -11.31 -6.63 -19.17
C GLN F 128 -10.91 -6.78 -20.65
N MET F 129 -9.81 -6.11 -21.02
CA MET F 129 -9.21 -6.20 -22.35
C MET F 129 -8.78 -7.65 -22.62
N LEU F 130 -8.03 -8.25 -21.70
CA LEU F 130 -7.60 -9.66 -21.89
C LEU F 130 -8.79 -10.61 -22.06
N ALA F 131 -9.81 -10.44 -21.23
CA ALA F 131 -10.98 -11.32 -21.28
C ALA F 131 -11.66 -11.17 -22.61
N HIS F 132 -11.69 -9.94 -23.13
CA HIS F 132 -12.30 -9.69 -24.41
C HIS F 132 -11.51 -10.37 -25.54
N PHE F 133 -10.18 -10.25 -25.51
CA PHE F 133 -9.32 -10.99 -26.43
C PHE F 133 -9.62 -12.47 -26.41
N LEU F 134 -9.71 -13.06 -25.21
CA LEU F 134 -9.93 -14.49 -25.11
C LEU F 134 -11.27 -14.94 -25.66
N ASP F 135 -12.35 -14.25 -25.29
CA ASP F 135 -13.67 -14.58 -25.80
C ASP F 135 -13.86 -14.22 -27.28
N SER F 136 -13.41 -13.03 -27.69
CA SER F 136 -13.70 -12.52 -29.04
C SER F 136 -12.84 -13.10 -30.14
N VAL F 137 -11.54 -13.26 -29.86
CA VAL F 137 -10.53 -13.60 -30.85
C VAL F 137 -10.13 -15.07 -30.77
N ILE F 138 -9.79 -15.55 -29.59
CA ILE F 138 -9.33 -16.94 -29.44
C ILE F 138 -10.49 -17.94 -29.50
N LEU F 139 -11.37 -17.87 -28.51
CA LEU F 139 -12.48 -18.81 -28.36
C LEU F 139 -13.34 -19.17 -29.60
N PRO F 140 -13.70 -18.18 -30.48
CA PRO F 140 -14.61 -18.61 -31.56
C PRO F 140 -13.99 -19.65 -32.47
N MET F 141 -12.67 -19.83 -32.43
CA MET F 141 -11.97 -20.84 -33.26
C MET F 141 -12.17 -22.27 -32.78
N ALA F 142 -12.70 -22.46 -31.56
CA ALA F 142 -12.75 -23.79 -30.91
C ALA F 142 -14.02 -24.63 -31.11
N ASP F 143 -13.80 -25.95 -31.17
CA ASP F 143 -14.89 -26.93 -31.10
C ASP F 143 -15.09 -27.45 -29.67
N ILE F 144 -14.01 -27.41 -28.90
CA ILE F 144 -14.01 -27.78 -27.51
C ILE F 144 -12.95 -26.95 -26.77
N SER F 145 -13.30 -26.56 -25.56
CA SER F 145 -12.38 -25.85 -24.69
C SER F 145 -12.20 -26.67 -23.41
N VAL F 146 -10.94 -26.86 -23.02
CA VAL F 146 -10.62 -27.33 -21.68
C VAL F 146 -9.91 -26.19 -20.96
N ASP F 147 -10.58 -25.62 -19.95
CA ASP F 147 -10.04 -24.53 -19.15
C ASP F 147 -9.63 -25.06 -17.80
N MET F 148 -8.31 -25.05 -17.53
CA MET F 148 -7.76 -25.85 -16.42
C MET F 148 -7.57 -24.99 -15.18
N HIS F 149 -8.15 -25.42 -14.06
CA HIS F 149 -8.18 -24.64 -12.82
C HIS F 149 -7.86 -25.54 -11.68
N THR F 150 -7.56 -24.91 -10.56
CA THR F 150 -7.46 -25.56 -9.25
C THR F 150 -8.07 -24.55 -8.26
N ALA F 151 -8.13 -24.92 -6.99
CA ALA F 151 -8.64 -24.01 -5.95
C ALA F 151 -7.62 -22.96 -5.50
N GLY F 152 -6.44 -22.97 -6.11
CA GLY F 152 -5.37 -22.00 -5.84
C GLY F 152 -5.09 -21.88 -4.35
N HIS F 153 -5.21 -20.66 -3.85
CA HIS F 153 -5.04 -20.39 -2.42
C HIS F 153 -6.28 -20.59 -1.56
N SER F 154 -7.44 -20.84 -2.18
CA SER F 154 -8.72 -20.76 -1.43
C SER F 154 -9.12 -22.07 -0.71
N TYR F 155 -8.81 -23.21 -1.35
CA TYR F 155 -9.23 -24.54 -0.90
C TYR F 155 -8.19 -25.52 -1.36
N ASP F 156 -8.34 -26.78 -0.99
CA ASP F 156 -7.80 -27.86 -1.79
C ASP F 156 -8.96 -28.45 -2.54
N SER F 157 -8.69 -29.13 -3.66
CA SER F 157 -9.70 -29.84 -4.43
C SER F 157 -9.21 -31.24 -4.80
N THR F 158 -10.13 -32.19 -4.78
CA THR F 158 -9.80 -33.53 -5.18
C THR F 158 -9.83 -33.55 -6.70
N PRO F 159 -8.77 -34.14 -7.33
CA PRO F 159 -8.63 -34.06 -8.79
C PRO F 159 -9.88 -34.48 -9.57
N SER F 160 -10.33 -33.58 -10.46
CA SER F 160 -11.65 -33.72 -11.11
C SER F 160 -11.82 -32.81 -12.32
N THR F 161 -12.75 -33.16 -13.21
CA THR F 161 -13.23 -32.23 -14.21
C THR F 161 -14.56 -31.68 -13.70
N ASN F 162 -15.05 -30.67 -14.37
CA ASN F 162 -16.35 -30.13 -14.04
C ASN F 162 -16.98 -29.59 -15.30
N MET F 163 -18.29 -29.37 -15.26
CA MET F 163 -19.08 -28.96 -16.41
C MET F 163 -20.46 -28.53 -15.88
N HIS F 164 -21.24 -27.78 -16.66
CA HIS F 164 -22.63 -27.46 -16.27
C HIS F 164 -23.65 -28.38 -16.85
N TYR F 165 -24.72 -28.66 -16.09
CA TYR F 165 -25.87 -29.36 -16.64
C TYR F 165 -26.47 -28.47 -17.73
N LEU F 166 -26.41 -28.95 -18.96
CA LEU F 166 -26.97 -28.18 -20.09
C LEU F 166 -28.37 -28.69 -20.42
N ASP F 168 -30.08 -28.97 -23.13
CA ASP F 168 -29.75 -29.55 -24.42
C ASP F 168 -29.01 -30.89 -24.28
N PRO F 169 -29.75 -31.99 -24.42
CA PRO F 169 -29.23 -33.34 -24.15
C PRO F 169 -28.12 -33.76 -25.11
N ALA F 170 -28.08 -33.14 -26.30
CA ALA F 170 -27.08 -33.44 -27.32
C ALA F 170 -25.74 -32.82 -26.95
N LEU F 171 -25.79 -31.58 -26.50
CA LEU F 171 -24.60 -30.91 -26.03
C LEU F 171 -24.14 -31.49 -24.69
N ARG F 172 -25.09 -31.90 -23.86
CA ARG F 172 -24.78 -32.49 -22.57
C ARG F 172 -24.03 -33.83 -22.75
N ALA F 173 -24.43 -34.58 -23.77
CA ALA F 173 -23.90 -35.91 -24.02
C ALA F 173 -22.48 -35.82 -24.54
N ARG F 174 -22.25 -34.90 -25.45
CA ARG F 174 -20.92 -34.61 -25.95
C ARG F 174 -19.96 -34.16 -24.86
N THR F 175 -20.47 -33.36 -23.93
CA THR F 175 -19.68 -32.81 -22.84
C THR F 175 -19.34 -33.90 -21.85
N LEU F 176 -20.33 -34.72 -21.49
CA LEU F 176 -20.11 -35.86 -20.63
C LEU F 176 -19.12 -36.87 -21.23
N ALA F 177 -19.20 -37.07 -22.56
CA ALA F 177 -18.28 -37.96 -23.26
C ALA F 177 -16.83 -37.42 -23.22
N ALA F 178 -16.69 -36.12 -23.34
CA ALA F 178 -15.37 -35.51 -23.26
C ALA F 178 -14.78 -35.60 -21.85
N ALA F 179 -15.66 -35.45 -20.86
CA ALA F 179 -15.32 -35.58 -19.45
C ALA F 179 -14.81 -37.01 -19.12
N GLU F 180 -15.56 -38.01 -19.59
CA GLU F 180 -15.18 -39.42 -19.45
C GLU F 180 -13.82 -39.71 -20.08
N ALA F 181 -13.58 -39.14 -21.25
CA ALA F 181 -12.32 -39.30 -21.94
C ALA F 181 -11.17 -38.68 -21.12
N PHE F 182 -11.39 -37.46 -20.59
CA PHE F 182 -10.39 -36.81 -19.73
C PHE F 182 -9.91 -37.77 -18.64
N GLY F 183 -10.84 -38.47 -18.01
CA GLY F 183 -10.49 -39.53 -17.07
C GLY F 183 -10.01 -39.13 -15.68
N ALA F 184 -10.41 -37.96 -15.19
CA ALA F 184 -10.09 -37.57 -13.79
C ALA F 184 -10.91 -38.52 -12.92
N PRO F 185 -10.51 -38.79 -11.67
CA PRO F 185 -11.32 -39.66 -10.80
C PRO F 185 -12.79 -39.23 -10.68
N HIS F 186 -13.03 -37.92 -10.58
CA HIS F 186 -14.40 -37.43 -10.52
C HIS F 186 -14.71 -36.38 -11.58
N ASN F 187 -15.97 -36.33 -12.02
CA ASN F 187 -16.45 -35.27 -12.86
C ASN F 187 -17.71 -34.69 -12.24
N VAL F 188 -17.68 -33.39 -11.98
CA VAL F 188 -18.68 -32.72 -11.19
C VAL F 188 -19.52 -31.85 -12.11
N VAL F 189 -20.79 -32.22 -12.23
CA VAL F 189 -21.74 -31.42 -12.99
C VAL F 189 -22.36 -30.33 -12.10
N SER F 197 -20.28 -14.68 -15.95
CA SER F 197 -19.17 -13.83 -16.39
C SER F 197 -17.84 -14.53 -16.30
N THR F 198 -17.87 -15.86 -16.22
CA THR F 198 -16.66 -16.67 -16.22
C THR F 198 -16.25 -16.97 -17.67
N PHE F 199 -15.04 -17.50 -17.88
CA PHE F 199 -14.67 -17.95 -19.22
C PHE F 199 -15.58 -19.04 -19.75
N THR F 200 -15.80 -20.07 -18.94
CA THR F 200 -16.63 -21.19 -19.37
C THR F 200 -18.04 -20.72 -19.73
N SER F 201 -18.49 -19.62 -19.14
CA SER F 201 -19.81 -19.07 -19.47
C SER F 201 -19.88 -18.61 -20.93
N CYS F 202 -18.78 -18.06 -21.44
CA CYS F 202 -18.62 -17.69 -22.84
C CYS F 202 -18.57 -18.89 -23.78
N VAL F 203 -17.84 -19.92 -23.35
CA VAL F 203 -17.72 -21.17 -24.12
C VAL F 203 -19.11 -21.75 -24.37
N GLU F 204 -19.92 -21.82 -23.32
CA GLU F 204 -21.26 -22.37 -23.40
C GLU F 204 -22.21 -21.49 -24.26
N ARG F 205 -22.19 -20.17 -24.03
CA ARG F 205 -23.00 -19.25 -24.83
C ARG F 205 -22.73 -19.45 -26.31
N ARG F 206 -21.47 -19.68 -26.66
CA ARG F 206 -21.12 -19.87 -28.07
C ARG F 206 -21.47 -21.28 -28.56
N GLY F 207 -21.96 -22.14 -27.66
CA GLY F 207 -22.30 -23.52 -28.04
C GLY F 207 -21.08 -24.42 -28.27
N ILE F 208 -19.95 -24.04 -27.68
CA ILE F 208 -18.72 -24.83 -27.74
C ILE F 208 -18.74 -25.78 -26.51
N VAL F 209 -18.28 -27.01 -26.71
CA VAL F 209 -18.15 -27.95 -25.59
C VAL F 209 -17.15 -27.37 -24.56
N SER F 210 -17.58 -27.31 -23.30
CA SER F 210 -16.75 -26.72 -22.25
C SER F 210 -16.48 -27.65 -21.05
N LEU F 211 -15.21 -27.96 -20.82
CA LEU F 211 -14.75 -28.64 -19.62
C LEU F 211 -13.91 -27.72 -18.78
N GLY F 212 -14.10 -27.80 -17.46
CA GLY F 212 -13.18 -27.19 -16.50
C GLY F 212 -12.51 -28.33 -15.73
N THR F 213 -11.54 -28.00 -14.88
CA THR F 213 -10.86 -29.00 -14.07
C THR F 213 -10.68 -28.41 -12.70
N GLU F 214 -10.53 -29.26 -11.68
CA GLU F 214 -10.09 -28.74 -10.41
C GLU F 214 -9.02 -29.69 -9.97
N LEU F 215 -7.75 -29.27 -10.07
CA LEU F 215 -6.64 -30.19 -9.90
C LEU F 215 -5.74 -29.92 -8.70
N GLY F 216 -6.30 -29.31 -7.64
CA GLY F 216 -5.58 -29.06 -6.40
C GLY F 216 -5.89 -27.72 -5.70
N GLY F 217 -4.83 -27.05 -5.27
CA GLY F 217 -4.95 -25.87 -4.45
C GLY F 217 -3.96 -25.93 -3.30
N TRP F 218 -4.39 -25.39 -2.17
CA TRP F 218 -3.54 -25.27 -0.96
C TRP F 218 -2.28 -24.45 -1.24
N GLY F 219 -2.35 -23.58 -2.26
CA GLY F 219 -1.23 -22.69 -2.64
C GLY F 219 -0.02 -23.44 -3.18
N ARG F 220 -0.17 -24.75 -3.42
CA ARG F 220 0.94 -25.64 -3.75
C ARG F 220 0.73 -26.34 -5.08
N VAL F 221 1.77 -27.10 -5.51
CA VAL F 221 1.64 -27.97 -6.66
C VAL F 221 1.31 -29.43 -6.23
N ASN F 222 0.21 -29.95 -6.77
CA ASN F 222 -0.33 -31.27 -6.46
C ASN F 222 0.19 -32.28 -7.49
N ILE F 223 1.02 -33.21 -7.03
CA ILE F 223 1.67 -34.21 -7.92
C ILE F 223 0.65 -35.06 -8.73
N GLU F 224 -0.37 -35.58 -8.06
CA GLU F 224 -1.42 -36.35 -8.74
C GLU F 224 -2.19 -35.44 -9.67
N GLY F 225 -2.48 -34.23 -9.20
CA GLY F 225 -3.10 -33.23 -10.05
C GLY F 225 -2.35 -33.03 -11.36
N VAL F 226 -1.03 -32.88 -11.31
CA VAL F 226 -0.25 -32.69 -12.55
C VAL F 226 -0.36 -33.97 -13.44
N ARG F 227 -0.22 -35.15 -12.83
CA ARG F 227 -0.36 -36.42 -13.56
C ARG F 227 -1.72 -36.57 -14.30
N ILE F 228 -2.80 -36.40 -13.54
CA ILE F 228 -4.16 -36.47 -14.06
CA ILE F 228 -4.15 -36.48 -14.07
C ILE F 228 -4.38 -35.41 -15.14
N GLY F 229 -3.88 -34.19 -14.89
CA GLY F 229 -4.00 -33.11 -15.87
C GLY F 229 -3.25 -33.37 -17.18
N LYS F 230 -2.02 -33.87 -17.05
CA LYS F 230 -1.24 -34.20 -18.23
C LYS F 230 -1.93 -35.27 -19.09
N ARG F 231 -2.39 -36.35 -18.45
CA ARG F 231 -3.10 -37.44 -19.10
C ARG F 231 -4.44 -37.01 -19.70
N GLY F 232 -5.14 -36.13 -18.99
CA GLY F 232 -6.46 -35.65 -19.40
C GLY F 232 -6.44 -34.92 -20.71
N ILE F 233 -5.49 -34.01 -20.88
CA ILE F 233 -5.43 -33.23 -22.11
C ILE F 233 -5.01 -34.05 -23.32
N LEU F 234 -4.12 -35.02 -23.13
CA LEU F 234 -3.89 -36.05 -24.15
C LEU F 234 -5.11 -36.88 -24.45
N ASN F 235 -5.81 -37.35 -23.42
CA ASN F 235 -7.07 -38.08 -23.60
C ASN F 235 -8.14 -37.30 -24.40
N VAL F 236 -8.25 -35.99 -24.18
CA VAL F 236 -9.20 -35.19 -24.96
C VAL F 236 -8.81 -35.10 -26.45
N LEU F 237 -7.53 -34.82 -26.72
CA LEU F 237 -7.03 -34.86 -28.10
C LEU F 237 -7.35 -36.20 -28.77
N LYS F 238 -7.20 -37.31 -28.04
CA LYS F 238 -7.53 -38.67 -28.59
C LYS F 238 -9.02 -38.85 -28.86
N HIS F 239 -9.84 -38.53 -27.86
CA HIS F 239 -11.30 -38.50 -27.96
C HIS F 239 -11.76 -37.69 -29.16
N MET F 240 -11.08 -36.58 -29.44
CA MET F 240 -11.52 -35.71 -30.50
C MET F 240 -11.06 -36.21 -31.89
N GLY F 241 -10.33 -37.33 -31.89
CA GLY F 241 -9.64 -37.79 -33.10
C GLY F 241 -8.50 -36.91 -33.55
N VAL F 242 -8.00 -36.02 -32.67
CA VAL F 242 -7.00 -35.04 -33.08
C VAL F 242 -5.58 -35.64 -33.08
N ILE F 243 -5.36 -36.61 -32.20
CA ILE F 243 -4.10 -37.35 -32.20
C ILE F 243 -4.48 -38.83 -32.05
N GLU F 244 -3.53 -39.70 -32.38
CA GLU F 244 -3.79 -41.12 -32.46
C GLU F 244 -3.88 -41.71 -31.07
N GLY F 245 -4.78 -42.65 -30.89
CA GLY F 245 -4.78 -43.49 -29.70
C GLY F 245 -6.15 -43.47 -29.06
N THR F 246 -6.31 -44.20 -27.97
CA THR F 246 -7.56 -44.17 -27.23
C THR F 246 -7.31 -43.64 -25.82
N PRO F 247 -8.25 -42.83 -25.29
CA PRO F 247 -8.08 -42.31 -23.93
C PRO F 247 -7.75 -43.41 -22.92
N GLU F 248 -6.85 -43.10 -21.98
CA GLU F 248 -6.47 -44.01 -20.90
C GLU F 248 -7.07 -43.44 -19.62
N THR F 249 -8.05 -44.13 -19.05
CA THR F 249 -8.88 -43.51 -18.01
C THR F 249 -8.91 -44.29 -16.71
N ALA F 250 -8.05 -45.29 -16.61
CA ALA F 250 -7.99 -46.16 -15.43
C ALA F 250 -7.60 -45.38 -14.18
N GLN F 251 -8.19 -45.75 -13.06
CA GLN F 251 -7.96 -45.06 -11.80
C GLN F 251 -7.11 -45.85 -10.80
N ARG F 252 -6.43 -45.15 -9.90
CA ARG F 252 -5.57 -45.81 -8.90
C ARG F 252 -6.34 -46.80 -8.02
N GLY F 253 -7.58 -46.46 -7.64
CA GLY F 253 -8.36 -47.36 -6.79
C GLY F 253 -8.92 -48.59 -7.50
N GLY F 254 -8.66 -48.73 -8.80
CA GLY F 254 -9.25 -49.80 -9.59
C GLY F 254 -10.32 -49.41 -10.61
N ALA F 255 -11.06 -48.31 -10.37
CA ALA F 255 -12.14 -47.94 -11.30
C ALA F 255 -11.65 -47.78 -12.75
N ALA F 256 -12.55 -48.03 -13.71
CA ALA F 256 -12.20 -48.07 -15.13
C ALA F 256 -12.20 -46.69 -15.76
N GLY F 257 -12.91 -45.77 -15.11
CA GLY F 257 -12.99 -44.39 -15.61
C GLY F 257 -13.50 -43.42 -14.56
N THR F 258 -13.86 -42.23 -15.04
CA THR F 258 -14.43 -41.17 -14.22
C THR F 258 -15.79 -41.57 -13.61
N ARG F 259 -16.07 -41.09 -12.38
CA ARG F 259 -17.35 -41.24 -11.71
C ARG F 259 -18.06 -39.87 -11.72
N HIS F 260 -19.26 -39.82 -12.28
CA HIS F 260 -20.01 -38.59 -12.38
C HIS F 260 -20.60 -38.20 -11.06
N MET F 261 -20.47 -36.92 -10.71
CA MET F 261 -20.98 -36.42 -9.44
C MET F 261 -21.65 -35.07 -9.71
N MET F 262 -22.27 -34.47 -8.71
CA MET F 262 -22.98 -33.19 -8.87
C MET F 262 -22.93 -32.39 -7.59
N VAL F 263 -22.97 -31.07 -7.75
CA VAL F 263 -23.17 -30.13 -6.65
C VAL F 263 -24.28 -29.23 -7.13
N ARG F 264 -25.38 -29.25 -6.38
CA ARG F 264 -26.69 -28.77 -6.84
C ARG F 264 -27.41 -27.97 -5.74
N GLU F 265 -27.16 -28.30 -4.47
CA GLU F 265 -27.93 -27.74 -3.33
C GLU F 265 -27.12 -26.88 -2.35
N ALA F 266 -27.81 -25.99 -1.63
CA ALA F 266 -27.17 -25.13 -0.65
C ALA F 266 -26.62 -25.94 0.52
N ASP F 267 -27.32 -27.02 0.83
CA ASP F 267 -26.92 -28.04 1.80
C ASP F 267 -25.50 -28.60 1.61
N ALA F 268 -24.99 -28.52 0.37
CA ALA F 268 -23.70 -29.11 0.04
C ALA F 268 -22.55 -28.24 0.52
N TYR F 269 -22.85 -26.99 0.90
CA TYR F 269 -21.85 -26.05 1.35
C TYR F 269 -21.79 -25.89 2.86
N VAL F 270 -20.66 -26.23 3.49
CA VAL F 270 -20.42 -25.90 4.91
C VAL F 270 -19.87 -24.47 4.98
N MET F 271 -20.66 -23.59 5.59
CA MET F 271 -20.39 -22.17 5.69
C MET F 271 -19.75 -21.74 7.03
N ALA F 272 -18.75 -20.86 6.98
CA ALA F 272 -18.20 -20.29 8.21
C ALA F 272 -19.08 -19.11 8.69
N PRO F 273 -19.77 -19.29 9.84
CA PRO F 273 -20.62 -18.25 10.42
C PRO F 273 -19.81 -17.11 11.04
N ARG F 274 -18.55 -17.39 11.40
CA ARG F 274 -17.69 -16.47 12.15
C ARG F 274 -16.28 -16.55 11.60
N THR F 275 -15.55 -15.44 11.75
CA THR F 275 -14.14 -15.39 11.44
C THR F 275 -13.37 -16.10 12.59
N GLY F 276 -12.45 -16.99 12.21
CA GLY F 276 -11.70 -17.69 13.25
C GLY F 276 -10.72 -18.67 12.64
N LEU F 277 -10.24 -19.59 13.45
CA LEU F 277 -9.27 -20.58 12.99
CA LEU F 277 -9.27 -20.58 13.01
C LEU F 277 -9.99 -21.91 12.87
N PHE F 278 -10.19 -22.34 11.63
CA PHE F 278 -10.94 -23.53 11.33
C PHE F 278 -10.07 -24.81 11.27
N GLU F 279 -10.44 -25.75 12.15
CA GLU F 279 -9.86 -27.09 12.18
C GLU F 279 -10.91 -28.03 11.60
N PRO F 280 -10.60 -28.62 10.43
CA PRO F 280 -11.40 -29.59 9.72
C PRO F 280 -11.32 -30.96 10.35
N THR F 281 -12.34 -31.79 10.12
CA THR F 281 -12.27 -33.23 10.49
C THR F 281 -11.93 -34.11 9.29
N HIS F 282 -12.10 -33.59 8.07
CA HIS F 282 -11.86 -34.35 6.83
C HIS F 282 -11.12 -33.54 5.74
N TYR F 283 -10.56 -34.28 4.80
CA TYR F 283 -9.92 -33.69 3.65
C TYR F 283 -10.76 -34.04 2.41
N VAL F 284 -10.49 -33.36 1.31
CA VAL F 284 -11.02 -33.65 -0.02
C VAL F 284 -10.91 -35.13 -0.37
N GLY F 285 -11.94 -35.66 -1.03
CA GLY F 285 -11.95 -37.04 -1.48
C GLY F 285 -12.50 -37.99 -0.44
N GLU F 286 -12.71 -37.51 0.79
CA GLU F 286 -13.18 -38.36 1.87
C GLU F 286 -14.72 -38.35 1.98
N GLU F 287 -15.30 -39.48 2.41
CA GLU F 287 -16.74 -39.60 2.56
C GLU F 287 -17.23 -38.94 3.82
N VAL F 288 -18.32 -38.19 3.74
CA VAL F 288 -18.90 -37.57 4.95
C VAL F 288 -20.40 -37.85 5.04
N ARG F 289 -20.97 -37.66 6.22
CA ARG F 289 -22.40 -37.96 6.47
C ARG F 289 -23.13 -36.76 7.07
N THR F 290 -24.42 -36.64 6.74
CA THR F 290 -25.23 -35.54 7.29
C THR F 290 -25.16 -35.59 8.82
N GLY F 291 -25.09 -34.41 9.43
CA GLY F 291 -25.00 -34.27 10.87
C GLY F 291 -23.66 -34.59 11.51
N GLU F 292 -22.73 -35.13 10.74
CA GLU F 292 -21.42 -35.37 11.33
C GLU F 292 -20.63 -34.03 11.43
N THR F 293 -19.69 -33.96 12.38
CA THR F 293 -18.89 -32.77 12.61
C THR F 293 -17.98 -32.48 11.43
N ALA F 294 -18.01 -31.25 10.93
CA ALA F 294 -17.14 -30.84 9.81
C ALA F 294 -15.85 -30.24 10.32
N GLY F 295 -15.88 -29.71 11.54
CA GLY F 295 -14.71 -29.11 12.20
C GLY F 295 -15.18 -28.08 13.20
N TRP F 296 -14.24 -27.21 13.62
CA TRP F 296 -14.49 -26.24 14.67
C TRP F 296 -13.79 -24.95 14.27
N ILE F 297 -14.51 -23.84 14.46
CA ILE F 297 -13.88 -22.54 14.38
C ILE F 297 -13.40 -22.20 15.78
N HIS F 298 -12.09 -22.12 15.93
CA HIS F 298 -11.44 -21.72 17.14
C HIS F 298 -11.31 -20.20 17.28
N PHE F 299 -11.50 -19.70 18.50
CA PHE F 299 -11.34 -18.28 18.85
C PHE F 299 -10.11 -18.03 19.73
N VAL F 300 -8.94 -18.09 19.11
CA VAL F 300 -7.67 -18.14 19.84
C VAL F 300 -7.32 -16.80 20.49
N GLU F 301 -8.08 -15.77 20.12
CA GLU F 301 -7.96 -14.43 20.69
C GLU F 301 -8.57 -14.36 22.10
N ASP F 302 -9.39 -15.34 22.45
CA ASP F 302 -10.07 -15.47 23.76
C ASP F 302 -9.48 -16.59 24.63
N VAL F 303 -9.38 -16.34 25.94
CA VAL F 303 -9.29 -17.44 26.93
C VAL F 303 -10.72 -17.99 27.15
N ASP F 304 -10.83 -19.19 27.72
CA ASP F 304 -12.12 -19.81 28.06
C ASP F 304 -13.05 -20.11 26.88
N THR F 305 -13.09 -19.29 25.85
CA THR F 305 -14.11 -19.52 24.80
C THR F 305 -14.00 -20.89 24.08
N ALA F 306 -15.10 -21.63 24.04
CA ALA F 306 -15.17 -22.89 23.28
C ALA F 306 -15.20 -22.66 21.76
N PRO F 307 -14.56 -23.52 20.99
CA PRO F 307 -14.65 -23.37 19.54
C PRO F 307 -16.07 -23.65 19.04
N LEU F 308 -16.42 -23.05 17.91
CA LEU F 308 -17.74 -23.25 17.32
C LEU F 308 -17.76 -24.48 16.41
N GLU F 309 -18.60 -25.46 16.75
CA GLU F 309 -18.68 -26.66 15.93
C GLU F 309 -19.50 -26.40 14.67
N LEU F 310 -19.01 -26.92 13.54
CA LEU F 310 -19.74 -26.87 12.26
C LEU F 310 -20.14 -28.28 11.83
N LEU F 311 -21.30 -28.42 11.22
CA LEU F 311 -21.79 -29.77 10.84
C LEU F 311 -21.97 -29.94 9.33
N TYR F 312 -21.70 -31.12 8.80
CA TYR F 312 -22.18 -31.42 7.44
C TYR F 312 -23.72 -31.56 7.37
N ARG F 313 -24.30 -31.16 6.26
CA ARG F 313 -25.78 -31.20 6.09
C ARG F 313 -26.23 -32.08 4.93
N ARG F 314 -25.28 -32.79 4.33
CA ARG F 314 -25.52 -33.74 3.23
C ARG F 314 -24.47 -34.85 3.24
N ASP F 315 -24.91 -36.05 2.90
CA ASP F 315 -24.04 -37.19 2.66
C ASP F 315 -23.31 -36.92 1.34
N GLY F 316 -22.03 -37.28 1.28
CA GLY F 316 -21.31 -37.27 0.02
C GLY F 316 -19.82 -37.32 0.23
N ILE F 317 -19.08 -36.77 -0.74
CA ILE F 317 -17.63 -36.76 -0.74
C ILE F 317 -17.15 -35.30 -0.75
N VAL F 318 -16.16 -34.98 0.10
CA VAL F 318 -15.55 -33.65 0.05
C VAL F 318 -14.94 -33.33 -1.35
N TRP F 319 -15.54 -32.38 -2.03
CA TRP F 319 -14.96 -31.90 -3.29
C TRP F 319 -13.92 -30.75 -3.09
N PHE F 320 -14.33 -29.70 -2.38
CA PHE F 320 -13.44 -28.60 -1.99
C PHE F 320 -13.31 -28.70 -0.47
N GLY F 321 -12.08 -28.61 0.02
CA GLY F 321 -11.78 -28.69 1.44
C GLY F 321 -11.14 -27.40 1.87
N ALA F 322 -11.19 -27.10 3.17
CA ALA F 322 -10.74 -25.79 3.69
C ALA F 322 -9.31 -25.52 3.26
N GLY F 323 -8.99 -24.25 3.01
CA GLY F 323 -7.67 -23.83 2.54
C GLY F 323 -6.96 -23.13 3.67
N PRO F 324 -7.07 -21.79 3.73
CA PRO F 324 -6.41 -21.07 4.79
C PRO F 324 -6.88 -21.54 6.18
N GLY F 325 -5.98 -21.58 7.16
CA GLY F 325 -6.41 -21.91 8.53
C GLY F 325 -7.38 -20.86 9.08
N ARG F 326 -7.05 -19.59 8.89
CA ARG F 326 -7.88 -18.53 9.37
C ARG F 326 -8.95 -18.24 8.33
N VAL F 327 -10.19 -18.47 8.69
CA VAL F 327 -11.25 -18.34 7.72
C VAL F 327 -12.02 -17.08 8.07
N THR F 328 -12.66 -16.49 7.05
CA THR F 328 -13.50 -15.30 7.23
C THR F 328 -14.96 -15.73 7.23
N ARG F 329 -15.78 -15.12 8.08
CA ARG F 329 -17.25 -15.31 8.00
C ARG F 329 -17.74 -15.21 6.53
N GLY F 330 -18.67 -16.08 6.15
CA GLY F 330 -19.14 -16.15 4.78
C GLY F 330 -18.24 -16.99 3.87
N ASP F 331 -17.13 -17.54 4.37
CA ASP F 331 -16.30 -18.46 3.52
C ASP F 331 -16.93 -19.85 3.61
N ALA F 332 -16.91 -20.60 2.50
CA ALA F 332 -17.22 -22.02 2.51
C ALA F 332 -15.97 -22.67 3.08
N VAL F 333 -16.14 -23.68 3.93
CA VAL F 333 -14.96 -24.47 4.40
C VAL F 333 -15.01 -25.92 3.93
N ALA F 334 -16.10 -26.27 3.24
CA ALA F 334 -16.22 -27.56 2.55
C ALA F 334 -17.35 -27.48 1.54
N VAL F 335 -17.19 -28.19 0.42
CA VAL F 335 -18.22 -28.34 -0.61
C VAL F 335 -18.32 -29.85 -0.82
N VAL F 336 -19.50 -30.40 -0.57
CA VAL F 336 -19.70 -31.85 -0.63
C VAL F 336 -20.35 -32.19 -1.98
N MET F 337 -19.85 -33.24 -2.65
CA MET F 337 -20.46 -33.72 -3.91
C MET F 337 -21.14 -35.05 -3.66
N GLU F 338 -22.11 -35.38 -4.51
CA GLU F 338 -22.81 -36.66 -4.44
C GLU F 338 -22.95 -37.27 -5.84
N ASP F 339 -23.23 -38.57 -5.90
CA ASP F 339 -23.44 -39.24 -7.17
C ASP F 339 -24.38 -38.43 -8.06
N TYR F 340 -24.05 -38.38 -9.34
CA TYR F 340 -24.84 -37.67 -10.33
C TYR F 340 -26.16 -38.37 -10.53
N ASN F 341 -27.18 -37.55 -10.80
CA ASN F 341 -28.46 -38.04 -11.27
C ASN F 341 -28.81 -37.36 -12.59
N ASP F 342 -29.27 -38.15 -13.56
CA ASP F 342 -29.64 -37.68 -14.92
C ASP F 342 -30.82 -36.69 -14.90
N THR F 343 -31.62 -36.76 -13.82
CA THR F 343 -32.85 -35.98 -13.66
C THR F 343 -32.62 -34.73 -12.79
N TRP F 344 -32.74 -33.56 -13.41
CA TRP F 344 -32.58 -32.30 -12.72
C TRP F 344 -33.87 -31.49 -12.79
CA CA G . -23.06 9.79 3.36
CA CA H . -0.46 13.56 21.23
CA CA I . 7.64 -20.62 12.53
CA CA J . 24.33 7.10 -4.17
CA CA K . 2.05 11.36 -22.55
CA CA L . -9.67 -20.59 -10.86
#